data_1SO8
# 
_entry.id   1SO8 
# 
_audit_conform.dict_name       mmcif_pdbx.dic 
_audit_conform.dict_version    5.386 
_audit_conform.dict_location   http://mmcif.pdb.org/dictionaries/ascii/mmcif_pdbx.dic 
# 
loop_
_database_2.database_id 
_database_2.database_code 
_database_2.pdbx_database_accession 
_database_2.pdbx_DOI 
PDB   1SO8         pdb_00001so8 10.2210/pdb1so8/pdb 
RCSB  RCSB021870   ?            ?                   
WWPDB D_1000021870 ?            ?                   
# 
loop_
_pdbx_audit_revision_history.ordinal 
_pdbx_audit_revision_history.data_content_type 
_pdbx_audit_revision_history.major_revision 
_pdbx_audit_revision_history.minor_revision 
_pdbx_audit_revision_history.revision_date 
1 'Structure model' 1 0 2004-05-11 
2 'Structure model' 1 1 2008-04-29 
3 'Structure model' 1 2 2011-07-13 
4 'Structure model' 1 3 2024-02-14 
# 
_pdbx_audit_revision_details.ordinal             1 
_pdbx_audit_revision_details.revision_ordinal    1 
_pdbx_audit_revision_details.data_content_type   'Structure model' 
_pdbx_audit_revision_details.provider            repository 
_pdbx_audit_revision_details.type                'Initial release' 
_pdbx_audit_revision_details.description         ? 
_pdbx_audit_revision_details.details             ? 
# 
loop_
_pdbx_audit_revision_group.ordinal 
_pdbx_audit_revision_group.revision_ordinal 
_pdbx_audit_revision_group.data_content_type 
_pdbx_audit_revision_group.group 
1 2 'Structure model' 'Version format compliance' 
2 3 'Structure model' 'Derived calculations'      
3 3 'Structure model' 'Version format compliance' 
4 4 'Structure model' 'Data collection'           
5 4 'Structure model' 'Database references'       
6 4 'Structure model' 'Derived calculations'      
# 
loop_
_pdbx_audit_revision_category.ordinal 
_pdbx_audit_revision_category.revision_ordinal 
_pdbx_audit_revision_category.data_content_type 
_pdbx_audit_revision_category.category 
1 4 'Structure model' chem_comp_atom         
2 4 'Structure model' chem_comp_bond         
3 4 'Structure model' database_2             
4 4 'Structure model' pdbx_struct_conn_angle 
5 4 'Structure model' struct_conn            
6 4 'Structure model' struct_site            
# 
loop_
_pdbx_audit_revision_item.ordinal 
_pdbx_audit_revision_item.revision_ordinal 
_pdbx_audit_revision_item.data_content_type 
_pdbx_audit_revision_item.item 
1  4 'Structure model' '_database_2.pdbx_DOI'                        
2  4 'Structure model' '_database_2.pdbx_database_accession'         
3  4 'Structure model' '_pdbx_struct_conn_angle.ptnr1_auth_comp_id'  
4  4 'Structure model' '_pdbx_struct_conn_angle.ptnr1_auth_seq_id'   
5  4 'Structure model' '_pdbx_struct_conn_angle.ptnr1_label_asym_id' 
6  4 'Structure model' '_pdbx_struct_conn_angle.ptnr1_label_comp_id' 
7  4 'Structure model' '_pdbx_struct_conn_angle.ptnr1_label_seq_id'  
8  4 'Structure model' '_pdbx_struct_conn_angle.ptnr3_auth_comp_id'  
9  4 'Structure model' '_pdbx_struct_conn_angle.ptnr3_auth_seq_id'   
10 4 'Structure model' '_pdbx_struct_conn_angle.ptnr3_label_asym_id' 
11 4 'Structure model' '_pdbx_struct_conn_angle.ptnr3_label_comp_id' 
12 4 'Structure model' '_pdbx_struct_conn_angle.ptnr3_label_seq_id'  
13 4 'Structure model' '_pdbx_struct_conn_angle.value'               
14 4 'Structure model' '_struct_conn.pdbx_dist_value'                
15 4 'Structure model' '_struct_conn.ptnr1_auth_comp_id'             
16 4 'Structure model' '_struct_conn.ptnr1_auth_seq_id'              
17 4 'Structure model' '_struct_conn.ptnr1_label_asym_id'            
18 4 'Structure model' '_struct_conn.ptnr1_label_atom_id'            
19 4 'Structure model' '_struct_conn.ptnr1_label_comp_id'            
20 4 'Structure model' '_struct_conn.ptnr1_label_seq_id'             
21 4 'Structure model' '_struct_conn.ptnr2_auth_comp_id'             
22 4 'Structure model' '_struct_conn.ptnr2_auth_seq_id'              
23 4 'Structure model' '_struct_conn.ptnr2_label_asym_id'            
24 4 'Structure model' '_struct_conn.ptnr2_label_atom_id'            
25 4 'Structure model' '_struct_conn.ptnr2_label_comp_id'            
26 4 'Structure model' '_struct_conn.ptnr2_label_seq_id'             
27 4 'Structure model' '_struct_site.pdbx_auth_asym_id'              
28 4 'Structure model' '_struct_site.pdbx_auth_comp_id'              
29 4 'Structure model' '_struct_site.pdbx_auth_seq_id'               
# 
_pdbx_database_status.status_code                     REL 
_pdbx_database_status.entry_id                        1SO8 
_pdbx_database_status.recvd_initial_deposition_date   2004-03-13 
_pdbx_database_status.deposit_site                    RCSB 
_pdbx_database_status.process_site                    RCSB 
_pdbx_database_status.status_code_sf                  REL 
_pdbx_database_status.SG_entry                        . 
_pdbx_database_status.pdb_format_compatible           Y 
_pdbx_database_status.status_code_mr                  ? 
_pdbx_database_status.status_code_cs                  ? 
_pdbx_database_status.status_code_nmr_data            ? 
_pdbx_database_status.methods_development_category    ? 
# 
loop_
_audit_author.name 
_audit_author.pdbx_ordinal 
'Lustbader, J.W.' 1 
'Cirilli, M.'     2 
'Wu, H.'          3 
# 
_citation.id                        primary 
_citation.title                     
;ABAD directly links Abeta to mitochondrial toxicity in Alzheimer's disease.
;
_citation.journal_abbrev            Science 
_citation.journal_volume            304 
_citation.page_first                448 
_citation.page_last                 452 
_citation.year                      2004 
_citation.journal_id_ASTM           SCIEAS 
_citation.country                   US 
_citation.journal_id_ISSN           0036-8075 
_citation.journal_id_CSD            0038 
_citation.book_publisher            ? 
_citation.pdbx_database_id_PubMed   15087549 
_citation.pdbx_database_id_DOI      10.1126/science.1091230 
# 
loop_
_citation_author.citation_id 
_citation_author.name 
_citation_author.ordinal 
_citation_author.identifier_ORCID 
primary 'Lustbader, J.W.' 1  ? 
primary 'Cirilli, M.'     2  ? 
primary 'Lin, C.'         3  ? 
primary 'Xu, H.W.'        4  ? 
primary 'Takuma, K.'      5  ? 
primary 'Wang, N.'        6  ? 
primary 'Caspersen, C.'   7  ? 
primary 'Chen, X.'        8  ? 
primary 'Pollak, S.'      9  ? 
primary 'Chaney, M.'      10 ? 
primary 'Trinchese, F.'   11 ? 
primary 'Gunn-Moore, F.'  12 ? 
primary 'Lue, L.F.'       13 ? 
primary 'Walker, D.G.'    14 ? 
primary 'Kuppusamy, P.'   15 ? 
primary 'Zewier, Z.L.'    16 ? 
primary 'Arancio, O.'     17 ? 
primary 'Stern, D.'       18 ? 
primary 'Yan, S.S.'       19 ? 
primary 'Wu, H.'          20 ? 
# 
loop_
_entity.id 
_entity.type 
_entity.src_method 
_entity.pdbx_description 
_entity.formula_weight 
_entity.pdbx_number_of_molecules 
_entity.pdbx_ec 
_entity.pdbx_mutation 
_entity.pdbx_fragment 
_entity.details 
1 polymer     man '3-hydroxyacyl-CoA dehydrogenase type II' 26947.021 1   1.1.1.35 ? ? ? 
2 non-polymer syn 'SODIUM ION'                              22.990    2   ?        ? ? ? 
3 non-polymer syn 'CHLORIDE ION'                            35.453    1   ?        ? ? ? 
4 water       nat water                                     18.015    118 ?        ? ? ? 
# 
_entity_name_com.entity_id   1 
_entity_name_com.name        
;Type II HADH, Endoplasmic reticulum-associated amyloid beta-peptide binding protein (ERAB), Short-chain type dehydrogenase/reductase XH98G2
;
# 
_entity_poly.entity_id                      1 
_entity_poly.type                           'polypeptide(L)' 
_entity_poly.nstd_linkage                   no 
_entity_poly.nstd_monomer                   no 
_entity_poly.pdbx_seq_one_letter_code       
;MAAACRSVKGLVAVITGGASGLGLATAERLVGQGASAVLLDLPNSGGEAQAKKLGNNCVFAPADVTSEKDVQTALALAKG
KFGRVDVAVNCAGIAVASKTYNLKKGQTHTLEDFQRVLDVNLMGTFNVIRLVAGEMGQNEPDQGGQRGVIINTASVAAFE
GQVGQAAYSASKGGIVGMTLPIARDLAPIGIRVMTIAPGLFGTPLLTSLPEKVCNFLASQVPFPSRLGDPAEYAHLVQAI
IENPFLNGEVIRLDGAIRMQP
;
_entity_poly.pdbx_seq_one_letter_code_can   
;MAAACRSVKGLVAVITGGASGLGLATAERLVGQGASAVLLDLPNSGGEAQAKKLGNNCVFAPADVTSEKDVQTALALAKG
KFGRVDVAVNCAGIAVASKTYNLKKGQTHTLEDFQRVLDVNLMGTFNVIRLVAGEMGQNEPDQGGQRGVIINTASVAAFE
GQVGQAAYSASKGGIVGMTLPIARDLAPIGIRVMTIAPGLFGTPLLTSLPEKVCNFLASQVPFPSRLGDPAEYAHLVQAI
IENPFLNGEVIRLDGAIRMQP
;
_entity_poly.pdbx_strand_id                 A 
_entity_poly.pdbx_target_identifier         ? 
# 
loop_
_pdbx_entity_nonpoly.entity_id 
_pdbx_entity_nonpoly.name 
_pdbx_entity_nonpoly.comp_id 
2 'SODIUM ION'   NA  
3 'CHLORIDE ION' CL  
4 water          HOH 
# 
loop_
_entity_poly_seq.entity_id 
_entity_poly_seq.num 
_entity_poly_seq.mon_id 
_entity_poly_seq.hetero 
1 1   MET n 
1 2   ALA n 
1 3   ALA n 
1 4   ALA n 
1 5   CYS n 
1 6   ARG n 
1 7   SER n 
1 8   VAL n 
1 9   LYS n 
1 10  GLY n 
1 11  LEU n 
1 12  VAL n 
1 13  ALA n 
1 14  VAL n 
1 15  ILE n 
1 16  THR n 
1 17  GLY n 
1 18  GLY n 
1 19  ALA n 
1 20  SER n 
1 21  GLY n 
1 22  LEU n 
1 23  GLY n 
1 24  LEU n 
1 25  ALA n 
1 26  THR n 
1 27  ALA n 
1 28  GLU n 
1 29  ARG n 
1 30  LEU n 
1 31  VAL n 
1 32  GLY n 
1 33  GLN n 
1 34  GLY n 
1 35  ALA n 
1 36  SER n 
1 37  ALA n 
1 38  VAL n 
1 39  LEU n 
1 40  LEU n 
1 41  ASP n 
1 42  LEU n 
1 43  PRO n 
1 44  ASN n 
1 45  SER n 
1 46  GLY n 
1 47  GLY n 
1 48  GLU n 
1 49  ALA n 
1 50  GLN n 
1 51  ALA n 
1 52  LYS n 
1 53  LYS n 
1 54  LEU n 
1 55  GLY n 
1 56  ASN n 
1 57  ASN n 
1 58  CYS n 
1 59  VAL n 
1 60  PHE n 
1 61  ALA n 
1 62  PRO n 
1 63  ALA n 
1 64  ASP n 
1 65  VAL n 
1 66  THR n 
1 67  SER n 
1 68  GLU n 
1 69  LYS n 
1 70  ASP n 
1 71  VAL n 
1 72  GLN n 
1 73  THR n 
1 74  ALA n 
1 75  LEU n 
1 76  ALA n 
1 77  LEU n 
1 78  ALA n 
1 79  LYS n 
1 80  GLY n 
1 81  LYS n 
1 82  PHE n 
1 83  GLY n 
1 84  ARG n 
1 85  VAL n 
1 86  ASP n 
1 87  VAL n 
1 88  ALA n 
1 89  VAL n 
1 90  ASN n 
1 91  CYS n 
1 92  ALA n 
1 93  GLY n 
1 94  ILE n 
1 95  ALA n 
1 96  VAL n 
1 97  ALA n 
1 98  SER n 
1 99  LYS n 
1 100 THR n 
1 101 TYR n 
1 102 ASN n 
1 103 LEU n 
1 104 LYS n 
1 105 LYS n 
1 106 GLY n 
1 107 GLN n 
1 108 THR n 
1 109 HIS n 
1 110 THR n 
1 111 LEU n 
1 112 GLU n 
1 113 ASP n 
1 114 PHE n 
1 115 GLN n 
1 116 ARG n 
1 117 VAL n 
1 118 LEU n 
1 119 ASP n 
1 120 VAL n 
1 121 ASN n 
1 122 LEU n 
1 123 MET n 
1 124 GLY n 
1 125 THR n 
1 126 PHE n 
1 127 ASN n 
1 128 VAL n 
1 129 ILE n 
1 130 ARG n 
1 131 LEU n 
1 132 VAL n 
1 133 ALA n 
1 134 GLY n 
1 135 GLU n 
1 136 MET n 
1 137 GLY n 
1 138 GLN n 
1 139 ASN n 
1 140 GLU n 
1 141 PRO n 
1 142 ASP n 
1 143 GLN n 
1 144 GLY n 
1 145 GLY n 
1 146 GLN n 
1 147 ARG n 
1 148 GLY n 
1 149 VAL n 
1 150 ILE n 
1 151 ILE n 
1 152 ASN n 
1 153 THR n 
1 154 ALA n 
1 155 SER n 
1 156 VAL n 
1 157 ALA n 
1 158 ALA n 
1 159 PHE n 
1 160 GLU n 
1 161 GLY n 
1 162 GLN n 
1 163 VAL n 
1 164 GLY n 
1 165 GLN n 
1 166 ALA n 
1 167 ALA n 
1 168 TYR n 
1 169 SER n 
1 170 ALA n 
1 171 SER n 
1 172 LYS n 
1 173 GLY n 
1 174 GLY n 
1 175 ILE n 
1 176 VAL n 
1 177 GLY n 
1 178 MET n 
1 179 THR n 
1 180 LEU n 
1 181 PRO n 
1 182 ILE n 
1 183 ALA n 
1 184 ARG n 
1 185 ASP n 
1 186 LEU n 
1 187 ALA n 
1 188 PRO n 
1 189 ILE n 
1 190 GLY n 
1 191 ILE n 
1 192 ARG n 
1 193 VAL n 
1 194 MET n 
1 195 THR n 
1 196 ILE n 
1 197 ALA n 
1 198 PRO n 
1 199 GLY n 
1 200 LEU n 
1 201 PHE n 
1 202 GLY n 
1 203 THR n 
1 204 PRO n 
1 205 LEU n 
1 206 LEU n 
1 207 THR n 
1 208 SER n 
1 209 LEU n 
1 210 PRO n 
1 211 GLU n 
1 212 LYS n 
1 213 VAL n 
1 214 CYS n 
1 215 ASN n 
1 216 PHE n 
1 217 LEU n 
1 218 ALA n 
1 219 SER n 
1 220 GLN n 
1 221 VAL n 
1 222 PRO n 
1 223 PHE n 
1 224 PRO n 
1 225 SER n 
1 226 ARG n 
1 227 LEU n 
1 228 GLY n 
1 229 ASP n 
1 230 PRO n 
1 231 ALA n 
1 232 GLU n 
1 233 TYR n 
1 234 ALA n 
1 235 HIS n 
1 236 LEU n 
1 237 VAL n 
1 238 GLN n 
1 239 ALA n 
1 240 ILE n 
1 241 ILE n 
1 242 GLU n 
1 243 ASN n 
1 244 PRO n 
1 245 PHE n 
1 246 LEU n 
1 247 ASN n 
1 248 GLY n 
1 249 GLU n 
1 250 VAL n 
1 251 ILE n 
1 252 ARG n 
1 253 LEU n 
1 254 ASP n 
1 255 GLY n 
1 256 ALA n 
1 257 ILE n 
1 258 ARG n 
1 259 MET n 
1 260 GLN n 
1 261 PRO n 
# 
_entity_src_gen.entity_id                          1 
_entity_src_gen.pdbx_src_id                        1 
_entity_src_gen.pdbx_alt_source_flag               sample 
_entity_src_gen.pdbx_seq_type                      ? 
_entity_src_gen.pdbx_beg_seq_num                   ? 
_entity_src_gen.pdbx_end_seq_num                   ? 
_entity_src_gen.gene_src_common_name               human 
_entity_src_gen.gene_src_genus                     Homo 
_entity_src_gen.pdbx_gene_src_gene                 'HADH2, ERAB, XH98G2, SCHAD' 
_entity_src_gen.gene_src_species                   ? 
_entity_src_gen.gene_src_strain                    ? 
_entity_src_gen.gene_src_tissue                    ? 
_entity_src_gen.gene_src_tissue_fraction           ? 
_entity_src_gen.gene_src_details                   ? 
_entity_src_gen.pdbx_gene_src_fragment             ? 
_entity_src_gen.pdbx_gene_src_scientific_name      'Homo sapiens' 
_entity_src_gen.pdbx_gene_src_ncbi_taxonomy_id     9606 
_entity_src_gen.pdbx_gene_src_variant              ? 
_entity_src_gen.pdbx_gene_src_cell_line            ? 
_entity_src_gen.pdbx_gene_src_atcc                 ? 
_entity_src_gen.pdbx_gene_src_organ                ? 
_entity_src_gen.pdbx_gene_src_organelle            ? 
_entity_src_gen.pdbx_gene_src_cell                 ? 
_entity_src_gen.pdbx_gene_src_cellular_location    ? 
_entity_src_gen.host_org_common_name               ? 
_entity_src_gen.pdbx_host_org_scientific_name      'Escherichia coli BL21' 
_entity_src_gen.pdbx_host_org_ncbi_taxonomy_id     511693 
_entity_src_gen.host_org_genus                     Escherichia 
_entity_src_gen.pdbx_host_org_gene                 ? 
_entity_src_gen.pdbx_host_org_organ                ? 
_entity_src_gen.host_org_species                   'Escherichia coli' 
_entity_src_gen.pdbx_host_org_tissue               ? 
_entity_src_gen.pdbx_host_org_tissue_fraction      ? 
_entity_src_gen.pdbx_host_org_strain               BL21 
_entity_src_gen.pdbx_host_org_variant              ? 
_entity_src_gen.pdbx_host_org_cell_line            ? 
_entity_src_gen.pdbx_host_org_atcc                 ? 
_entity_src_gen.pdbx_host_org_culture_collection   ? 
_entity_src_gen.pdbx_host_org_cell                 ? 
_entity_src_gen.pdbx_host_org_organelle            ? 
_entity_src_gen.pdbx_host_org_cellular_location    ? 
_entity_src_gen.pdbx_host_org_vector_type          plasmid 
_entity_src_gen.pdbx_host_org_vector               ? 
_entity_src_gen.host_org_details                   ? 
_entity_src_gen.expression_system_id               ? 
_entity_src_gen.plasmid_name                       pGE5 
_entity_src_gen.plasmid_details                    ? 
_entity_src_gen.pdbx_description                   ? 
# 
loop_
_chem_comp.id 
_chem_comp.type 
_chem_comp.mon_nstd_flag 
_chem_comp.name 
_chem_comp.pdbx_synonyms 
_chem_comp.formula 
_chem_comp.formula_weight 
ALA 'L-peptide linking' y ALANINE         ? 'C3 H7 N O2'     89.093  
ARG 'L-peptide linking' y ARGININE        ? 'C6 H15 N4 O2 1' 175.209 
ASN 'L-peptide linking' y ASPARAGINE      ? 'C4 H8 N2 O3'    132.118 
ASP 'L-peptide linking' y 'ASPARTIC ACID' ? 'C4 H7 N O4'     133.103 
CL  non-polymer         . 'CHLORIDE ION'  ? 'Cl -1'          35.453  
CYS 'L-peptide linking' y CYSTEINE        ? 'C3 H7 N O2 S'   121.158 
GLN 'L-peptide linking' y GLUTAMINE       ? 'C5 H10 N2 O3'   146.144 
GLU 'L-peptide linking' y 'GLUTAMIC ACID' ? 'C5 H9 N O4'     147.129 
GLY 'peptide linking'   y GLYCINE         ? 'C2 H5 N O2'     75.067  
HIS 'L-peptide linking' y HISTIDINE       ? 'C6 H10 N3 O2 1' 156.162 
HOH non-polymer         . WATER           ? 'H2 O'           18.015  
ILE 'L-peptide linking' y ISOLEUCINE      ? 'C6 H13 N O2'    131.173 
LEU 'L-peptide linking' y LEUCINE         ? 'C6 H13 N O2'    131.173 
LYS 'L-peptide linking' y LYSINE          ? 'C6 H15 N2 O2 1' 147.195 
MET 'L-peptide linking' y METHIONINE      ? 'C5 H11 N O2 S'  149.211 
NA  non-polymer         . 'SODIUM ION'    ? 'Na 1'           22.990  
PHE 'L-peptide linking' y PHENYLALANINE   ? 'C9 H11 N O2'    165.189 
PRO 'L-peptide linking' y PROLINE         ? 'C5 H9 N O2'     115.130 
SER 'L-peptide linking' y SERINE          ? 'C3 H7 N O3'     105.093 
THR 'L-peptide linking' y THREONINE       ? 'C4 H9 N O3'     119.119 
TYR 'L-peptide linking' y TYROSINE        ? 'C9 H11 N O3'    181.189 
VAL 'L-peptide linking' y VALINE          ? 'C5 H11 N O2'    117.146 
# 
loop_
_pdbx_poly_seq_scheme.asym_id 
_pdbx_poly_seq_scheme.entity_id 
_pdbx_poly_seq_scheme.seq_id 
_pdbx_poly_seq_scheme.mon_id 
_pdbx_poly_seq_scheme.ndb_seq_num 
_pdbx_poly_seq_scheme.pdb_seq_num 
_pdbx_poly_seq_scheme.auth_seq_num 
_pdbx_poly_seq_scheme.pdb_mon_id 
_pdbx_poly_seq_scheme.auth_mon_id 
_pdbx_poly_seq_scheme.pdb_strand_id 
_pdbx_poly_seq_scheme.pdb_ins_code 
_pdbx_poly_seq_scheme.hetero 
A 1 1   MET 1   1   ?   ?   ?   A . n 
A 1 2   ALA 2   2   ?   ?   ?   A . n 
A 1 3   ALA 3   3   ?   ?   ?   A . n 
A 1 4   ALA 4   4   ?   ?   ?   A . n 
A 1 5   CYS 5   5   ?   ?   ?   A . n 
A 1 6   ARG 6   6   6   ARG ARG A . n 
A 1 7   SER 7   7   7   SER SER A . n 
A 1 8   VAL 8   8   8   VAL VAL A . n 
A 1 9   LYS 9   9   9   LYS LYS A . n 
A 1 10  GLY 10  10  10  GLY GLY A . n 
A 1 11  LEU 11  11  11  LEU LEU A . n 
A 1 12  VAL 12  12  12  VAL VAL A . n 
A 1 13  ALA 13  13  13  ALA ALA A . n 
A 1 14  VAL 14  14  14  VAL VAL A . n 
A 1 15  ILE 15  15  15  ILE ILE A . n 
A 1 16  THR 16  16  16  THR THR A . n 
A 1 17  GLY 17  17  17  GLY GLY A . n 
A 1 18  GLY 18  18  18  GLY GLY A . n 
A 1 19  ALA 19  19  19  ALA ALA A . n 
A 1 20  SER 20  20  20  SER SER A . n 
A 1 21  GLY 21  21  21  GLY GLY A . n 
A 1 22  LEU 22  22  22  LEU LEU A . n 
A 1 23  GLY 23  23  23  GLY GLY A . n 
A 1 24  LEU 24  24  24  LEU LEU A . n 
A 1 25  ALA 25  25  25  ALA ALA A . n 
A 1 26  THR 26  26  26  THR THR A . n 
A 1 27  ALA 27  27  27  ALA ALA A . n 
A 1 28  GLU 28  28  28  GLU GLU A . n 
A 1 29  ARG 29  29  29  ARG ARG A . n 
A 1 30  LEU 30  30  30  LEU LEU A . n 
A 1 31  VAL 31  31  31  VAL VAL A . n 
A 1 32  GLY 32  32  32  GLY GLY A . n 
A 1 33  GLN 33  33  33  GLN GLN A . n 
A 1 34  GLY 34  34  34  GLY GLY A . n 
A 1 35  ALA 35  35  35  ALA ALA A . n 
A 1 36  SER 36  36  36  SER SER A . n 
A 1 37  ALA 37  37  37  ALA ALA A . n 
A 1 38  VAL 38  38  38  VAL VAL A . n 
A 1 39  LEU 39  39  39  LEU LEU A . n 
A 1 40  LEU 40  40  40  LEU LEU A . n 
A 1 41  ASP 41  41  41  ASP ASP A . n 
A 1 42  LEU 42  42  42  LEU LEU A . n 
A 1 43  PRO 43  43  43  PRO PRO A . n 
A 1 44  ASN 44  44  44  ASN ASN A . n 
A 1 45  SER 45  45  45  SER SER A . n 
A 1 46  GLY 46  46  46  GLY GLY A . n 
A 1 47  GLY 47  47  47  GLY GLY A . n 
A 1 48  GLU 48  48  48  GLU GLU A . n 
A 1 49  ALA 49  49  49  ALA ALA A . n 
A 1 50  GLN 50  50  50  GLN GLN A . n 
A 1 51  ALA 51  51  51  ALA ALA A . n 
A 1 52  LYS 52  52  52  LYS LYS A . n 
A 1 53  LYS 53  53  53  LYS LYS A . n 
A 1 54  LEU 54  54  54  LEU LEU A . n 
A 1 55  GLY 55  55  55  GLY GLY A . n 
A 1 56  ASN 56  56  56  ASN ASN A . n 
A 1 57  ASN 57  57  57  ASN ASN A . n 
A 1 58  CYS 58  58  58  CYS CYS A . n 
A 1 59  VAL 59  59  59  VAL VAL A . n 
A 1 60  PHE 60  60  60  PHE PHE A . n 
A 1 61  ALA 61  61  61  ALA ALA A . n 
A 1 62  PRO 62  62  62  PRO PRO A . n 
A 1 63  ALA 63  63  63  ALA ALA A . n 
A 1 64  ASP 64  64  64  ASP ASP A . n 
A 1 65  VAL 65  65  65  VAL VAL A . n 
A 1 66  THR 66  66  66  THR THR A . n 
A 1 67  SER 67  67  67  SER SER A . n 
A 1 68  GLU 68  68  68  GLU GLU A . n 
A 1 69  LYS 69  69  69  LYS LYS A . n 
A 1 70  ASP 70  70  70  ASP ASP A . n 
A 1 71  VAL 71  71  71  VAL VAL A . n 
A 1 72  GLN 72  72  72  GLN GLN A . n 
A 1 73  THR 73  73  73  THR THR A . n 
A 1 74  ALA 74  74  74  ALA ALA A . n 
A 1 75  LEU 75  75  75  LEU LEU A . n 
A 1 76  ALA 76  76  76  ALA ALA A . n 
A 1 77  LEU 77  77  77  LEU LEU A . n 
A 1 78  ALA 78  78  78  ALA ALA A . n 
A 1 79  LYS 79  79  79  LYS LYS A . n 
A 1 80  GLY 80  80  80  GLY GLY A . n 
A 1 81  LYS 81  81  81  LYS LYS A . n 
A 1 82  PHE 82  82  82  PHE PHE A . n 
A 1 83  GLY 83  83  83  GLY GLY A . n 
A 1 84  ARG 84  84  84  ARG ARG A . n 
A 1 85  VAL 85  85  85  VAL VAL A . n 
A 1 86  ASP 86  86  86  ASP ASP A . n 
A 1 87  VAL 87  87  87  VAL VAL A . n 
A 1 88  ALA 88  88  88  ALA ALA A . n 
A 1 89  VAL 89  89  89  VAL VAL A . n 
A 1 90  ASN 90  90  90  ASN ASN A . n 
A 1 91  CYS 91  91  91  CYS CYS A . n 
A 1 92  ALA 92  92  92  ALA ALA A . n 
A 1 93  GLY 93  93  93  GLY GLY A . n 
A 1 94  ILE 94  94  94  ILE ILE A . n 
A 1 95  ALA 95  95  ?   ?   ?   A . n 
A 1 96  VAL 96  96  ?   ?   ?   A . n 
A 1 97  ALA 97  97  ?   ?   ?   A . n 
A 1 98  SER 98  98  ?   ?   ?   A . n 
A 1 99  LYS 99  99  ?   ?   ?   A . n 
A 1 100 THR 100 100 ?   ?   ?   A . n 
A 1 101 TYR 101 101 ?   ?   ?   A . n 
A 1 102 ASN 102 102 ?   ?   ?   A . n 
A 1 103 LEU 103 103 ?   ?   ?   A . n 
A 1 104 LYS 104 104 ?   ?   ?   A . n 
A 1 105 LYS 105 105 ?   ?   ?   A . n 
A 1 106 GLY 106 106 ?   ?   ?   A . n 
A 1 107 GLN 107 107 ?   ?   ?   A . n 
A 1 108 THR 108 108 ?   ?   ?   A . n 
A 1 109 HIS 109 109 ?   ?   ?   A . n 
A 1 110 THR 110 110 ?   ?   ?   A . n 
A 1 111 LEU 111 111 ?   ?   ?   A . n 
A 1 112 GLU 112 112 ?   ?   ?   A . n 
A 1 113 ASP 113 113 ?   ?   ?   A . n 
A 1 114 PHE 114 114 114 PHE PHE A . n 
A 1 115 GLN 115 115 115 GLN GLN A . n 
A 1 116 ARG 116 116 116 ARG ARG A . n 
A 1 117 VAL 117 117 117 VAL VAL A . n 
A 1 118 LEU 118 118 118 LEU LEU A . n 
A 1 119 ASP 119 119 119 ASP ASP A . n 
A 1 120 VAL 120 120 120 VAL VAL A . n 
A 1 121 ASN 121 121 121 ASN ASN A . n 
A 1 122 LEU 122 122 122 LEU LEU A . n 
A 1 123 MET 123 123 123 MET MET A . n 
A 1 124 GLY 124 124 124 GLY GLY A . n 
A 1 125 THR 125 125 125 THR THR A . n 
A 1 126 PHE 126 126 126 PHE PHE A . n 
A 1 127 ASN 127 127 127 ASN ASN A . n 
A 1 128 VAL 128 128 128 VAL VAL A . n 
A 1 129 ILE 129 129 129 ILE ILE A . n 
A 1 130 ARG 130 130 130 ARG ARG A . n 
A 1 131 LEU 131 131 131 LEU LEU A . n 
A 1 132 VAL 132 132 132 VAL VAL A . n 
A 1 133 ALA 133 133 133 ALA ALA A . n 
A 1 134 GLY 134 134 134 GLY GLY A . n 
A 1 135 GLU 135 135 135 GLU GLU A . n 
A 1 136 MET 136 136 136 MET MET A . n 
A 1 137 GLY 137 137 137 GLY GLY A . n 
A 1 138 GLN 138 138 138 GLN GLN A . n 
A 1 139 ASN 139 139 139 ASN ASN A . n 
A 1 140 GLU 140 140 140 GLU GLU A . n 
A 1 141 PRO 141 141 141 PRO PRO A . n 
A 1 142 ASP 142 142 142 ASP ASP A . n 
A 1 143 GLN 143 143 143 GLN GLN A . n 
A 1 144 GLY 144 144 144 GLY GLY A . n 
A 1 145 GLY 145 145 145 GLY GLY A . n 
A 1 146 GLN 146 146 146 GLN GLN A . n 
A 1 147 ARG 147 147 147 ARG ARG A . n 
A 1 148 GLY 148 148 148 GLY GLY A . n 
A 1 149 VAL 149 149 149 VAL VAL A . n 
A 1 150 ILE 150 150 150 ILE ILE A . n 
A 1 151 ILE 151 151 151 ILE ILE A . n 
A 1 152 ASN 152 152 152 ASN ASN A . n 
A 1 153 THR 153 153 153 THR THR A . n 
A 1 154 ALA 154 154 154 ALA ALA A . n 
A 1 155 SER 155 155 155 SER SER A . n 
A 1 156 VAL 156 156 156 VAL VAL A . n 
A 1 157 ALA 157 157 157 ALA ALA A . n 
A 1 158 ALA 158 158 158 ALA ALA A . n 
A 1 159 PHE 159 159 159 PHE PHE A . n 
A 1 160 GLU 160 160 160 GLU GLU A . n 
A 1 161 GLY 161 161 161 GLY GLY A . n 
A 1 162 GLN 162 162 162 GLN GLN A . n 
A 1 163 VAL 163 163 163 VAL VAL A . n 
A 1 164 GLY 164 164 164 GLY GLY A . n 
A 1 165 GLN 165 165 165 GLN GLN A . n 
A 1 166 ALA 166 166 166 ALA ALA A . n 
A 1 167 ALA 167 167 167 ALA ALA A . n 
A 1 168 TYR 168 168 168 TYR TYR A . n 
A 1 169 SER 169 169 169 SER SER A . n 
A 1 170 ALA 170 170 170 ALA ALA A . n 
A 1 171 SER 171 171 171 SER SER A . n 
A 1 172 LYS 172 172 172 LYS LYS A . n 
A 1 173 GLY 173 173 173 GLY GLY A . n 
A 1 174 GLY 174 174 174 GLY GLY A . n 
A 1 175 ILE 175 175 175 ILE ILE A . n 
A 1 176 VAL 176 176 176 VAL VAL A . n 
A 1 177 GLY 177 177 177 GLY GLY A . n 
A 1 178 MET 178 178 178 MET MET A . n 
A 1 179 THR 179 179 179 THR THR A . n 
A 1 180 LEU 180 180 180 LEU LEU A . n 
A 1 181 PRO 181 181 181 PRO PRO A . n 
A 1 182 ILE 182 182 182 ILE ILE A . n 
A 1 183 ALA 183 183 183 ALA ALA A . n 
A 1 184 ARG 184 184 184 ARG ARG A . n 
A 1 185 ASP 185 185 185 ASP ASP A . n 
A 1 186 LEU 186 186 186 LEU LEU A . n 
A 1 187 ALA 187 187 187 ALA ALA A . n 
A 1 188 PRO 188 188 188 PRO PRO A . n 
A 1 189 ILE 189 189 189 ILE ILE A . n 
A 1 190 GLY 190 190 190 GLY GLY A . n 
A 1 191 ILE 191 191 191 ILE ILE A . n 
A 1 192 ARG 192 192 192 ARG ARG A . n 
A 1 193 VAL 193 193 193 VAL VAL A . n 
A 1 194 MET 194 194 194 MET MET A . n 
A 1 195 THR 195 195 195 THR THR A . n 
A 1 196 ILE 196 196 196 ILE ILE A . n 
A 1 197 ALA 197 197 197 ALA ALA A . n 
A 1 198 PRO 198 198 198 PRO PRO A . n 
A 1 199 GLY 199 199 199 GLY GLY A . n 
A 1 200 LEU 200 200 200 LEU LEU A . n 
A 1 201 PHE 201 201 201 PHE PHE A . n 
A 1 202 GLY 202 202 202 GLY GLY A . n 
A 1 203 THR 203 203 203 THR ALA A . n 
A 1 204 PRO 204 204 204 PRO ALA A . n 
A 1 205 LEU 205 205 205 LEU ALA A . n 
A 1 206 LEU 206 206 206 LEU ALA A . n 
A 1 207 THR 207 207 207 THR ALA A . n 
A 1 208 SER 208 208 ?   ?   ?   A . n 
A 1 209 LEU 209 209 ?   ?   ?   A . n 
A 1 210 PRO 210 210 ?   ?   ?   A . n 
A 1 211 GLU 211 211 ?   ?   ?   A . n 
A 1 212 LYS 212 212 ?   ?   ?   A . n 
A 1 213 VAL 213 213 ?   ?   ?   A . n 
A 1 214 CYS 214 214 ?   ?   ?   A . n 
A 1 215 ASN 215 215 ?   ?   ?   A . n 
A 1 216 PHE 216 216 ?   ?   ?   A . n 
A 1 217 LEU 217 217 ?   ?   ?   A . n 
A 1 218 ALA 218 218 ?   ?   ?   A . n 
A 1 219 SER 219 219 ?   ?   ?   A . n 
A 1 220 GLN 220 220 ?   ?   ?   A . n 
A 1 221 VAL 221 221 ?   ?   ?   A . n 
A 1 222 PRO 222 222 ?   ?   ?   A . n 
A 1 223 PHE 223 223 ?   ?   ?   A . n 
A 1 224 PRO 224 224 ?   ?   ?   A . n 
A 1 225 SER 225 225 ?   ?   ?   A . n 
A 1 226 ARG 226 226 ?   ?   ?   A . n 
A 1 227 LEU 227 227 ?   ?   ?   A . n 
A 1 228 GLY 228 228 ?   ?   ?   A . n 
A 1 229 ASP 229 229 229 ASP ASP A . n 
A 1 230 PRO 230 230 230 PRO PRO A . n 
A 1 231 ALA 231 231 231 ALA ALA A . n 
A 1 232 GLU 232 232 232 GLU GLU A . n 
A 1 233 TYR 233 233 233 TYR TYR A . n 
A 1 234 ALA 234 234 234 ALA ALA A . n 
A 1 235 HIS 235 235 235 HIS HIS A . n 
A 1 236 LEU 236 236 236 LEU LEU A . n 
A 1 237 VAL 237 237 237 VAL VAL A . n 
A 1 238 GLN 238 238 238 GLN GLN A . n 
A 1 239 ALA 239 239 239 ALA ALA A . n 
A 1 240 ILE 240 240 240 ILE ILE A . n 
A 1 241 ILE 241 241 241 ILE ILE A . n 
A 1 242 GLU 242 242 242 GLU GLU A . n 
A 1 243 ASN 243 243 243 ASN ASN A . n 
A 1 244 PRO 244 244 244 PRO PRO A . n 
A 1 245 PHE 245 245 245 PHE PHE A . n 
A 1 246 LEU 246 246 246 LEU LEU A . n 
A 1 247 ASN 247 247 247 ASN ASN A . n 
A 1 248 GLY 248 248 248 GLY GLY A . n 
A 1 249 GLU 249 249 249 GLU GLU A . n 
A 1 250 VAL 250 250 250 VAL VAL A . n 
A 1 251 ILE 251 251 251 ILE ILE A . n 
A 1 252 ARG 252 252 252 ARG ARG A . n 
A 1 253 LEU 253 253 253 LEU LEU A . n 
A 1 254 ASP 254 254 ?   ?   ?   A . n 
A 1 255 GLY 255 255 ?   ?   ?   A . n 
A 1 256 ALA 256 256 ?   ?   ?   A . n 
A 1 257 ILE 257 257 ?   ?   ?   A . n 
A 1 258 ARG 258 258 ?   ?   ?   A . n 
A 1 259 MET 259 259 ?   ?   ?   A . n 
A 1 260 GLN 260 260 ?   ?   ?   A . n 
A 1 261 PRO 261 261 ?   ?   ?   A . n 
# 
loop_
_pdbx_nonpoly_scheme.asym_id 
_pdbx_nonpoly_scheme.entity_id 
_pdbx_nonpoly_scheme.mon_id 
_pdbx_nonpoly_scheme.ndb_seq_num 
_pdbx_nonpoly_scheme.pdb_seq_num 
_pdbx_nonpoly_scheme.auth_seq_num 
_pdbx_nonpoly_scheme.pdb_mon_id 
_pdbx_nonpoly_scheme.auth_mon_id 
_pdbx_nonpoly_scheme.pdb_strand_id 
_pdbx_nonpoly_scheme.pdb_ins_code 
B 2 NA  1   301 301 NA  NA1 A . 
C 2 NA  1   302 302 NA  NA1 A . 
D 3 CL  1   303 303 CL  CL1 A . 
E 4 HOH 1   501 501 HOH TIP A . 
E 4 HOH 2   502 502 HOH TIP A . 
E 4 HOH 3   503 503 HOH TIP A . 
E 4 HOH 4   504 504 HOH TIP A . 
E 4 HOH 5   505 505 HOH TIP A . 
E 4 HOH 6   506 506 HOH TIP A . 
E 4 HOH 7   507 507 HOH TIP A . 
E 4 HOH 8   508 508 HOH TIP A . 
E 4 HOH 9   509 509 HOH TIP A . 
E 4 HOH 10  510 510 HOH TIP A . 
E 4 HOH 11  511 511 HOH TIP A . 
E 4 HOH 12  512 512 HOH TIP A . 
E 4 HOH 13  514 514 HOH TIP A . 
E 4 HOH 14  515 515 HOH TIP A . 
E 4 HOH 15  516 516 HOH TIP A . 
E 4 HOH 16  517 517 HOH TIP A . 
E 4 HOH 17  518 518 HOH TIP A . 
E 4 HOH 18  519 519 HOH TIP A . 
E 4 HOH 19  520 520 HOH TIP A . 
E 4 HOH 20  521 521 HOH TIP A . 
E 4 HOH 21  522 522 HOH TIP A . 
E 4 HOH 22  523 523 HOH TIP A . 
E 4 HOH 23  524 524 HOH TIP A . 
E 4 HOH 24  525 525 HOH TIP A . 
E 4 HOH 25  526 526 HOH TIP A . 
E 4 HOH 26  527 527 HOH TIP A . 
E 4 HOH 27  528 528 HOH TIP A . 
E 4 HOH 28  529 529 HOH TIP A . 
E 4 HOH 29  530 530 HOH TIP A . 
E 4 HOH 30  531 531 HOH TIP A . 
E 4 HOH 31  532 532 HOH TIP A . 
E 4 HOH 32  533 533 HOH TIP A . 
E 4 HOH 33  534 534 HOH TIP A . 
E 4 HOH 34  535 535 HOH TIP A . 
E 4 HOH 35  536 536 HOH TIP A . 
E 4 HOH 36  537 537 HOH TIP A . 
E 4 HOH 37  538 538 HOH TIP A . 
E 4 HOH 38  539 539 HOH TIP A . 
E 4 HOH 39  540 540 HOH TIP A . 
E 4 HOH 40  541 541 HOH TIP A . 
E 4 HOH 41  542 542 HOH TIP A . 
E 4 HOH 42  543 543 HOH TIP A . 
E 4 HOH 43  544 544 HOH TIP A . 
E 4 HOH 44  545 545 HOH TIP A . 
E 4 HOH 45  546 546 HOH TIP A . 
E 4 HOH 46  547 547 HOH TIP A . 
E 4 HOH 47  548 548 HOH TIP A . 
E 4 HOH 48  549 549 HOH TIP A . 
E 4 HOH 49  550 550 HOH TIP A . 
E 4 HOH 50  551 551 HOH TIP A . 
E 4 HOH 51  552 552 HOH TIP A . 
E 4 HOH 52  553 553 HOH TIP A . 
E 4 HOH 53  554 554 HOH TIP A . 
E 4 HOH 54  555 555 HOH TIP A . 
E 4 HOH 55  556 556 HOH TIP A . 
E 4 HOH 56  557 557 HOH TIP A . 
E 4 HOH 57  558 558 HOH TIP A . 
E 4 HOH 58  559 559 HOH TIP A . 
E 4 HOH 59  560 560 HOH TIP A . 
E 4 HOH 60  561 561 HOH TIP A . 
E 4 HOH 61  562 562 HOH TIP A . 
E 4 HOH 62  563 563 HOH TIP A . 
E 4 HOH 63  564 564 HOH TIP A . 
E 4 HOH 64  565 565 HOH TIP A . 
E 4 HOH 65  566 566 HOH TIP A . 
E 4 HOH 66  567 567 HOH TIP A . 
E 4 HOH 67  568 568 HOH TIP A . 
E 4 HOH 68  569 569 HOH TIP A . 
E 4 HOH 69  570 570 HOH TIP A . 
E 4 HOH 70  571 571 HOH TIP A . 
E 4 HOH 71  572 572 HOH TIP A . 
E 4 HOH 72  573 573 HOH TIP A . 
E 4 HOH 73  574 574 HOH TIP A . 
E 4 HOH 74  575 575 HOH TIP A . 
E 4 HOH 75  576 576 HOH TIP A . 
E 4 HOH 76  577 577 HOH TIP A . 
E 4 HOH 77  578 578 HOH TIP A . 
E 4 HOH 78  579 579 HOH TIP A . 
E 4 HOH 79  580 580 HOH TIP A . 
E 4 HOH 80  581 581 HOH TIP A . 
E 4 HOH 81  582 582 HOH TIP A . 
E 4 HOH 82  583 583 HOH TIP A . 
E 4 HOH 83  584 584 HOH TIP A . 
E 4 HOH 84  585 585 HOH TIP A . 
E 4 HOH 85  586 586 HOH TIP A . 
E 4 HOH 86  587 587 HOH TIP A . 
E 4 HOH 87  588 588 HOH TIP A . 
E 4 HOH 88  589 589 HOH TIP A . 
E 4 HOH 89  590 590 HOH TIP A . 
E 4 HOH 90  591 591 HOH TIP A . 
E 4 HOH 91  592 592 HOH TIP A . 
E 4 HOH 92  593 593 HOH TIP A . 
E 4 HOH 93  594 594 HOH TIP A . 
E 4 HOH 94  595 595 HOH TIP A . 
E 4 HOH 95  596 596 HOH TIP A . 
E 4 HOH 96  597 597 HOH TIP A . 
E 4 HOH 97  598 598 HOH TIP A . 
E 4 HOH 98  599 599 HOH TIP A . 
E 4 HOH 99  600 600 HOH TIP A . 
E 4 HOH 100 601 601 HOH TIP A . 
E 4 HOH 101 602 602 HOH TIP A . 
E 4 HOH 102 603 603 HOH TIP A . 
E 4 HOH 103 604 604 HOH TIP A . 
E 4 HOH 104 605 605 HOH TIP A . 
E 4 HOH 105 606 606 HOH TIP A . 
E 4 HOH 106 607 607 HOH TIP A . 
E 4 HOH 107 608 608 HOH TIP A . 
E 4 HOH 108 609 609 HOH TIP A . 
E 4 HOH 109 610 610 HOH TIP A . 
E 4 HOH 110 611 611 HOH TIP A . 
E 4 HOH 111 612 612 HOH TIP A . 
E 4 HOH 112 613 613 HOH TIP A . 
E 4 HOH 113 614 614 HOH TIP A . 
E 4 HOH 114 615 615 HOH TIP A . 
E 4 HOH 115 616 616 HOH TIP A . 
E 4 HOH 116 617 617 HOH TIP A . 
E 4 HOH 117 618 618 HOH TIP A . 
E 4 HOH 118 619 619 HOH TIP A . 
# 
loop_
_pdbx_unobs_or_zero_occ_atoms.id 
_pdbx_unobs_or_zero_occ_atoms.PDB_model_num 
_pdbx_unobs_or_zero_occ_atoms.polymer_flag 
_pdbx_unobs_or_zero_occ_atoms.occupancy_flag 
_pdbx_unobs_or_zero_occ_atoms.auth_asym_id 
_pdbx_unobs_or_zero_occ_atoms.auth_comp_id 
_pdbx_unobs_or_zero_occ_atoms.auth_seq_id 
_pdbx_unobs_or_zero_occ_atoms.PDB_ins_code 
_pdbx_unobs_or_zero_occ_atoms.auth_atom_id 
_pdbx_unobs_or_zero_occ_atoms.label_alt_id 
_pdbx_unobs_or_zero_occ_atoms.label_asym_id 
_pdbx_unobs_or_zero_occ_atoms.label_comp_id 
_pdbx_unobs_or_zero_occ_atoms.label_seq_id 
_pdbx_unobs_or_zero_occ_atoms.label_atom_id 
1  1 Y 1 A THR 203 ? OG1 ? A THR 203 OG1 
2  1 Y 1 A THR 203 ? CG2 ? A THR 203 CG2 
3  1 Y 1 A PRO 204 ? CG  ? A PRO 204 CG  
4  1 Y 1 A PRO 204 ? CD  ? A PRO 204 CD  
5  1 Y 1 A LEU 205 ? CG  ? A LEU 205 CG  
6  1 Y 1 A LEU 205 ? CD1 ? A LEU 205 CD1 
7  1 Y 1 A LEU 205 ? CD2 ? A LEU 205 CD2 
8  1 Y 1 A LEU 206 ? CG  ? A LEU 206 CG  
9  1 Y 1 A LEU 206 ? CD1 ? A LEU 206 CD1 
10 1 Y 1 A LEU 206 ? CD2 ? A LEU 206 CD2 
11 1 Y 1 A THR 207 ? OG1 ? A THR 207 OG1 
12 1 Y 1 A THR 207 ? CG2 ? A THR 207 CG2 
# 
loop_
_software.name 
_software.classification 
_software.version 
_software.citation_id 
_software.pdbx_ordinal 
CNS       refinement       1.1 ? 1 
HKL-2000  'data reduction' .   ? 2 
SCALEPACK 'data scaling'   .   ? 3 
GLRF      phasing          .   ? 4 
# 
_cell.entry_id           1SO8 
_cell.length_a           130.000 
_cell.length_b           130.000 
_cell.length_c           130.000 
_cell.angle_alpha        90.00 
_cell.angle_beta         90.00 
_cell.angle_gamma        90.00 
_cell.Z_PDB              24 
_cell.pdbx_unique_axis   ? 
# 
_symmetry.entry_id                         1SO8 
_symmetry.space_group_name_H-M             'P 4 3 2' 
_symmetry.pdbx_full_space_group_name_H-M   ? 
_symmetry.cell_setting                     ? 
_symmetry.Int_Tables_number                207 
# 
_exptl.entry_id          1SO8 
_exptl.method            'X-RAY DIFFRACTION' 
_exptl.crystals_number   1 
# 
_exptl_crystal.id                    1 
_exptl_crystal.density_meas          ? 
_exptl_crystal.density_percent_sol   63.77 
_exptl_crystal.description           ? 
_exptl_crystal.density_Matthews      3.40 
# 
_exptl_crystal_grow.crystal_id      1 
_exptl_crystal_grow.method          'VAPOR DIFFUSION, HANGING DROP' 
_exptl_crystal_grow.temp            295 
_exptl_crystal_grow.temp_details    ? 
_exptl_crystal_grow.pH              6.0 
_exptl_crystal_grow.pdbx_details    
'Abeta, MES, NaCl, DTT, NAD, benzamidine, pH 6.0, VAPOR DIFFUSION, HANGING DROP, temperature 295K' 
_exptl_crystal_grow.pdbx_pH_range   . 
# 
_diffrn.id                     1 
_diffrn.ambient_temp           100 
_diffrn.ambient_temp_details   ? 
_diffrn.crystal_id             1 
# 
_diffrn_radiation.diffrn_id                        1 
_diffrn_radiation.wavelength_id                    1 
_diffrn_radiation.pdbx_monochromatic_or_laue_m_l   M 
_diffrn_radiation.monochromator                    ? 
_diffrn_radiation.pdbx_diffrn_protocol             'SINGLE WAVELENGTH' 
_diffrn_radiation.pdbx_scattering_type             x-ray 
# 
_diffrn_radiation_wavelength.id           1 
_diffrn_radiation_wavelength.wavelength   . 
_diffrn_radiation_wavelength.wt           1.0 
# 
_diffrn_source.diffrn_id                   1 
_diffrn_source.source                      SYNCHROTRON 
_diffrn_source.type                        'APS BEAMLINE 32-ID' 
_diffrn_source.pdbx_synchrotron_site       APS 
_diffrn_source.pdbx_synchrotron_beamline   32-ID 
_diffrn_source.pdbx_wavelength             ? 
_diffrn_source.pdbx_wavelength_list        ? 
# 
_reflns.entry_id                     1SO8 
_reflns.observed_criterion_sigma_I   ? 
_reflns.observed_criterion_sigma_F   ? 
_reflns.d_resolution_low             30 
_reflns.d_resolution_high            2.3 
_reflns.number_obs                   17049 
_reflns.number_all                   ? 
_reflns.percent_possible_obs         99.8 
_reflns.pdbx_Rmerge_I_obs            0.051 
_reflns.pdbx_Rsym_value              ? 
_reflns.pdbx_netI_over_sigmaI        57.7 
_reflns.B_iso_Wilson_estimate        24.1 
_reflns.pdbx_redundancy              ? 
_reflns.R_free_details               ? 
_reflns.limit_h_max                  ? 
_reflns.limit_h_min                  ? 
_reflns.limit_k_max                  ? 
_reflns.limit_k_min                  ? 
_reflns.limit_l_max                  ? 
_reflns.limit_l_min                  ? 
_reflns.observed_criterion_F_max     ? 
_reflns.observed_criterion_F_min     ? 
_reflns.pdbx_ordinal                 1 
_reflns.pdbx_diffrn_id               1 
# 
_reflns_shell.d_res_high             2.3 
_reflns_shell.d_res_low              ? 
_reflns_shell.percent_possible_all   99.8 
_reflns_shell.Rmerge_I_obs           0.152 
_reflns_shell.pdbx_Rsym_value        ? 
_reflns_shell.meanI_over_sigI_obs    13.0 
_reflns_shell.pdbx_redundancy        ? 
_reflns_shell.percent_possible_obs   ? 
_reflns_shell.number_unique_all      ? 
_reflns_shell.pdbx_ordinal           1 
_reflns_shell.pdbx_diffrn_id         1 
# 
_refine.entry_id                                 1SO8 
_refine.ls_number_reflns_obs                     17049 
_refine.ls_number_reflns_all                     ? 
_refine.pdbx_ls_sigma_I                          ? 
_refine.pdbx_ls_sigma_F                          0.0 
_refine.pdbx_data_cutoff_high_absF               728424.72 
_refine.pdbx_data_cutoff_low_absF                0.000000 
_refine.pdbx_data_cutoff_high_rms_absF           728424.72 
_refine.ls_d_res_low                             29.83 
_refine.ls_d_res_high                            2.3 
_refine.ls_percent_reflns_obs                    99.6 
_refine.ls_R_factor_obs                          0.231 
_refine.ls_R_factor_all                          ? 
_refine.ls_R_factor_R_work                       0.231 
_refine.ls_R_factor_R_free                       0.261 
_refine.ls_R_factor_R_free_error                 0.008 
_refine.ls_R_factor_R_free_error_details         ? 
_refine.ls_percent_reflns_R_free                 5.9 
_refine.ls_number_reflns_R_free                  1002 
_refine.ls_number_parameters                     ? 
_refine.ls_number_restraints                     ? 
_refine.occupancy_min                            ? 
_refine.occupancy_max                            ? 
_refine.correlation_coeff_Fo_to_Fc               ? 
_refine.correlation_coeff_Fo_to_Fc_free          ? 
_refine.B_iso_mean                               32.4 
_refine.aniso_B[1][1]                            0.00 
_refine.aniso_B[2][2]                            0.00 
_refine.aniso_B[3][3]                            0.00 
_refine.aniso_B[1][2]                            0.00 
_refine.aniso_B[1][3]                            0.00 
_refine.aniso_B[2][3]                            0.00 
_refine.solvent_model_details                    'FLAT MODEL' 
_refine.solvent_model_param_ksol                 0.407949 
_refine.solvent_model_param_bsol                 61.1866 
_refine.pdbx_solvent_vdw_probe_radii             ? 
_refine.pdbx_solvent_ion_probe_radii             ? 
_refine.pdbx_solvent_shrinkage_radii             ? 
_refine.pdbx_ls_cross_valid_method               THROUGHOUT 
_refine.details                                  ? 
_refine.pdbx_starting_model                      ? 
_refine.pdbx_method_to_determine_struct          'MOLECULAR REPLACEMENT' 
_refine.pdbx_isotropic_thermal_model             RESTRAINED 
_refine.pdbx_stereochemistry_target_values       ? 
_refine.pdbx_stereochem_target_val_spec_case     ? 
_refine.pdbx_R_Free_selection_details            RANDOM 
_refine.pdbx_overall_ESU_R                       ? 
_refine.pdbx_overall_ESU_R_Free                  ? 
_refine.overall_SU_ML                            ? 
_refine.overall_SU_B                             ? 
_refine.ls_redundancy_reflns_obs                 ? 
_refine.B_iso_min                                ? 
_refine.B_iso_max                                ? 
_refine.overall_SU_R_Cruickshank_DPI             ? 
_refine.overall_SU_R_free                        ? 
_refine.pdbx_refine_id                           'X-RAY DIFFRACTION' 
_refine.pdbx_diffrn_id                           1 
_refine.pdbx_TLS_residual_ADP_flag               ? 
_refine.pdbx_overall_phase_error                 ? 
_refine.pdbx_overall_SU_R_free_Cruickshank_DPI   ? 
_refine.pdbx_overall_SU_R_Blow_DPI               ? 
_refine.pdbx_overall_SU_R_free_Blow_DPI          ? 
# 
_refine_analyze.entry_id                        1SO8 
_refine_analyze.Luzzati_coordinate_error_obs    0.26 
_refine_analyze.Luzzati_sigma_a_obs             0.09 
_refine_analyze.Luzzati_d_res_low_obs           5.00 
_refine_analyze.Luzzati_coordinate_error_free   0.32 
_refine_analyze.Luzzati_sigma_a_free            0.16 
_refine_analyze.Luzzati_d_res_low_free          ? 
_refine_analyze.number_disordered_residues      ? 
_refine_analyze.occupancy_sum_hydrogen          ? 
_refine_analyze.occupancy_sum_non_hydrogen      ? 
_refine_analyze.pdbx_Luzzati_d_res_high_obs     ? 
_refine_analyze.pdbx_refine_id                  'X-RAY DIFFRACTION' 
# 
_refine_hist.pdbx_refine_id                   'X-RAY DIFFRACTION' 
_refine_hist.cycle_id                         LAST 
_refine_hist.pdbx_number_atoms_protein        1479 
_refine_hist.pdbx_number_atoms_nucleic_acid   0 
_refine_hist.pdbx_number_atoms_ligand         3 
_refine_hist.number_atoms_solvent             118 
_refine_hist.number_atoms_total               1600 
_refine_hist.d_res_high                       2.3 
_refine_hist.d_res_low                        29.83 
# 
loop_
_refine_ls_restr.type 
_refine_ls_restr.dev_ideal 
_refine_ls_restr.dev_ideal_target 
_refine_ls_restr.weight 
_refine_ls_restr.number 
_refine_ls_restr.pdbx_refine_id 
_refine_ls_restr.pdbx_restraint_function 
c_bond_d                0.006 ?    ? ? 'X-RAY DIFFRACTION' ? 
c_bond_d_na             ?     ?    ? ? 'X-RAY DIFFRACTION' ? 
c_bond_d_prot           ?     ?    ? ? 'X-RAY DIFFRACTION' ? 
c_angle_d               ?     ?    ? ? 'X-RAY DIFFRACTION' ? 
c_angle_d_na            ?     ?    ? ? 'X-RAY DIFFRACTION' ? 
c_angle_d_prot          ?     ?    ? ? 'X-RAY DIFFRACTION' ? 
c_angle_deg             1.1   ?    ? ? 'X-RAY DIFFRACTION' ? 
c_angle_deg_na          ?     ?    ? ? 'X-RAY DIFFRACTION' ? 
c_angle_deg_prot        ?     ?    ? ? 'X-RAY DIFFRACTION' ? 
c_dihedral_angle_d      23.1  ?    ? ? 'X-RAY DIFFRACTION' ? 
c_dihedral_angle_d_na   ?     ?    ? ? 'X-RAY DIFFRACTION' ? 
c_dihedral_angle_d_prot ?     ?    ? ? 'X-RAY DIFFRACTION' ? 
c_improper_angle_d      0.81  ?    ? ? 'X-RAY DIFFRACTION' ? 
c_improper_angle_d_na   ?     ?    ? ? 'X-RAY DIFFRACTION' ? 
c_improper_angle_d_prot ?     ?    ? ? 'X-RAY DIFFRACTION' ? 
c_mcbond_it             1.54  1.50 ? ? 'X-RAY DIFFRACTION' ? 
c_mcangle_it            2.48  2.00 ? ? 'X-RAY DIFFRACTION' ? 
c_scbond_it             2.53  2.00 ? ? 'X-RAY DIFFRACTION' ? 
c_scangle_it            3.86  2.50 ? ? 'X-RAY DIFFRACTION' ? 
# 
_refine_ls_shell.pdbx_total_number_of_bins_used   6 
_refine_ls_shell.d_res_high                       2.30 
_refine_ls_shell.d_res_low                        2.44 
_refine_ls_shell.number_reflns_R_work             2427 
_refine_ls_shell.R_factor_R_work                  0.211 
_refine_ls_shell.percent_reflns_obs               92.4 
_refine_ls_shell.R_factor_R_free                  0.244 
_refine_ls_shell.R_factor_R_free_error            0.019 
_refine_ls_shell.percent_reflns_R_free            6.1 
_refine_ls_shell.number_reflns_R_free             158 
_refine_ls_shell.number_reflns_obs                ? 
_refine_ls_shell.redundancy_reflns_obs            ? 
_refine_ls_shell.number_reflns_all                ? 
_refine_ls_shell.pdbx_refine_id                   'X-RAY DIFFRACTION' 
_refine_ls_shell.R_factor_all                     ? 
# 
loop_
_pdbx_xplor_file.serial_no 
_pdbx_xplor_file.param_file 
_pdbx_xplor_file.topol_file 
_pdbx_xplor_file.pdbx_refine_id 
1 PROTEIN_REP.PARAM PROTEIN.TOP 'X-RAY DIFFRACTION' 
2 WATER.PARAM       ?           'X-RAY DIFFRACTION' 
3 ION.PARAM         ?           'X-RAY DIFFRACTION' 
# 
_struct.entry_id                  1SO8 
_struct.title                     
;Abeta-bound human ABAD structure [also known as 3-hydroxyacyl-CoA dehydrogenase type II (Type II HADH), Endoplasmic reticulum-associated amyloid beta-peptide binding protein (ERAB)]
;
_struct.pdbx_model_details        ? 
_struct.pdbx_CASP_flag            ? 
_struct.pdbx_model_type_details   ? 
# 
_struct_keywords.entry_id        1SO8 
_struct_keywords.pdbx_keywords   OXIDOREDUCTASE 
_struct_keywords.text            'alcohol dehydrogenase; Rossmann fold; Abeta-induced distorsion, OXIDOREDUCTASE' 
# 
loop_
_struct_asym.id 
_struct_asym.pdbx_blank_PDB_chainid_flag 
_struct_asym.pdbx_modified 
_struct_asym.entity_id 
_struct_asym.details 
A N N 1 ? 
B N N 2 ? 
C N N 2 ? 
D N N 3 ? 
E N N 4 ? 
# 
_struct_ref.id                         1 
_struct_ref.db_name                    UNP 
_struct_ref.db_code                    HCD2_HUMAN 
_struct_ref.pdbx_db_accession          Q99714 
_struct_ref.entity_id                  1 
_struct_ref.pdbx_seq_one_letter_code   
;MAAACRSVKGLVAVITGGASGLGLATAERLVGQGASAVLLDLPNSGGEAQAKKLGNNCVFAPADVTSEKDVQTALALAKG
KFGRVDVAVNCAGIAVASKTYNLKKGQTHTLEDFQRVLDVNLMGTFNVIRLVAGEMGQNEPDQGGQRGVIINTASVAAFE
GQVGQAAYSASKGGIVGMTLPIARDLAPIGIRVMTIAPGLFGTPLLTSLPEKVCNFLASQVPFPSRLGDPAEYAHLVQAI
IENPFLNGEVIRLDGAIRMQP
;
_struct_ref.pdbx_align_begin           1 
_struct_ref.pdbx_db_isoform            ? 
# 
_struct_ref_seq.align_id                      1 
_struct_ref_seq.ref_id                        1 
_struct_ref_seq.pdbx_PDB_id_code              1SO8 
_struct_ref_seq.pdbx_strand_id                A 
_struct_ref_seq.seq_align_beg                 1 
_struct_ref_seq.pdbx_seq_align_beg_ins_code   ? 
_struct_ref_seq.seq_align_end                 261 
_struct_ref_seq.pdbx_seq_align_end_ins_code   ? 
_struct_ref_seq.pdbx_db_accession             Q99714 
_struct_ref_seq.db_align_beg                  1 
_struct_ref_seq.pdbx_db_align_beg_ins_code    ? 
_struct_ref_seq.db_align_end                  261 
_struct_ref_seq.pdbx_db_align_end_ins_code    ? 
_struct_ref_seq.pdbx_auth_seq_align_beg       1 
_struct_ref_seq.pdbx_auth_seq_align_end       261 
# 
loop_
_pdbx_struct_assembly.id 
_pdbx_struct_assembly.details 
_pdbx_struct_assembly.method_details 
_pdbx_struct_assembly.oligomeric_details 
_pdbx_struct_assembly.oligomeric_count 
1 author_defined_assembly   ?        tetrameric 4 
2 software_defined_assembly PISA,PQS octameric  8 
# 
loop_
_pdbx_struct_assembly_prop.biol_id 
_pdbx_struct_assembly_prop.type 
_pdbx_struct_assembly_prop.value 
_pdbx_struct_assembly_prop.details 
2 'ABSA (A^2)' 25260 ? 
2 MORE         -324  ? 
2 'SSA (A^2)'  63170 ? 
# 
loop_
_pdbx_struct_assembly_gen.assembly_id 
_pdbx_struct_assembly_gen.oper_expression 
_pdbx_struct_assembly_gen.asym_id_list 
1 1,2,3,4         A,B,C,D,E 
2 1,5,6,7,3,8,4,9 A,B,C,D,E 
# 
loop_
_pdbx_struct_oper_list.id 
_pdbx_struct_oper_list.type 
_pdbx_struct_oper_list.name 
_pdbx_struct_oper_list.symmetry_operation 
_pdbx_struct_oper_list.matrix[1][1] 
_pdbx_struct_oper_list.matrix[1][2] 
_pdbx_struct_oper_list.matrix[1][3] 
_pdbx_struct_oper_list.vector[1] 
_pdbx_struct_oper_list.matrix[2][1] 
_pdbx_struct_oper_list.matrix[2][2] 
_pdbx_struct_oper_list.matrix[2][3] 
_pdbx_struct_oper_list.vector[2] 
_pdbx_struct_oper_list.matrix[3][1] 
_pdbx_struct_oper_list.matrix[3][2] 
_pdbx_struct_oper_list.matrix[3][3] 
_pdbx_struct_oper_list.vector[3] 
1 'identity operation'         1_555  x,y,z        1.0000000000  0.0000000000  0.0000000000  0.0000000000   0.0000000000  1.0000000000  0.0000000000  0.0000000000   0.0000000000  0.0000000000  1.0000000000  0.0000000000   
2 'crystal symmetry operation' 7_665  -z+1,-x+1,y  -0.1277528344 -0.8783755770 -0.4605817614 21.7595500948  0.5842652725  -0.4419062929 0.6807003156  -28.3739828636 -0.8014445113 -0.1821405336 0.5696591273  19.4488363399  
3 'crystal symmetry operation' 21_556 z,y,-x+1     0.8049744646  -0.3412188195 -0.4853718457 -12.7278150421 -0.4456619506 0.1922984435  -0.8743035711 -21.8331280483 0.3916650828  0.9201038126  0.0027270919  -35.3343076459 
4 'crystal symmetry operation' 23_655 -z+1,y,x     0.8049744646  -0.4456619506 0.3916650828  14.3545861953  -0.3412188195 0.1922984435  0.9201038126  32.3667376958  -0.4853718457 -0.8743035711 0.0027270919  -25.1701449942 
5 'crystal symmetry operation' 2_655  -x+1,-y,z    -0.8264029488 0.4021163988  -0.3941580495 -39.4122569806 0.4021163988  -0.0685464006 -0.9130190539 -9.1940331858  -0.3941580495 -0.9130190539 -0.1050506506 -26.7378101745 
6 'crystal symmetry operation' 3_656  -x+1,y,-z+1  0.6099489292  -0.7868807701 -0.0937067628 1.6267711532   -0.7868807701 -0.6154031131 0.0458002415  10.5336096475  -0.0937067628 0.0458002415  -0.9945458162 -60.5044526401 
7 'crystal symmetry operation' 4_556  x,-y,-z+1    -0.7835459804 0.3847643713  0.4878648124  -12.6725712408 0.3847643713  -0.3160504864 0.8672188124  45.9797952525  0.4878648124  0.8672188124  0.0995964668  -30.6403693191 
8 'crystal symmetry operation' 22_555 z,-y,x       -0.6111297342 0.7902364980  0.0452407470  -28.3387180819 0.7902364980  0.6058664745  0.0919352613  17.3403799235  0.0452407470  0.0919352613  -0.9947367403 -59.3030939925 
9 'crystal symmetry operation' 24_656 -z+1,-y,-x+1 -0.9988191950 -0.0033557279 0.0484660158  -23.7461101396 -0.0033557279 -0.9904633615 -0.1377355027 19.4453821433  0.0484660158  -0.1377355027 0.9892825565  1.9249144989 
# 
_struct_biol.id                    1 
_struct_biol.pdbx_parent_biol_id   ? 
_struct_biol.details               ? 
# 
loop_
_struct_conf.conf_type_id 
_struct_conf.id 
_struct_conf.pdbx_PDB_helix_id 
_struct_conf.beg_label_comp_id 
_struct_conf.beg_label_asym_id 
_struct_conf.beg_label_seq_id 
_struct_conf.pdbx_beg_PDB_ins_code 
_struct_conf.end_label_comp_id 
_struct_conf.end_label_asym_id 
_struct_conf.end_label_seq_id 
_struct_conf.pdbx_end_PDB_ins_code 
_struct_conf.beg_auth_comp_id 
_struct_conf.beg_auth_asym_id 
_struct_conf.beg_auth_seq_id 
_struct_conf.end_auth_comp_id 
_struct_conf.end_auth_asym_id 
_struct_conf.end_auth_seq_id 
_struct_conf.pdbx_PDB_helix_class 
_struct_conf.details 
_struct_conf.pdbx_PDB_helix_length 
HELX_P HELX_P1 1 SER A 20  ? GLN A 33  ? SER A 20  GLN A 33  1 ? 14 
HELX_P HELX_P2 2 GLY A 46  ? LEU A 54  ? GLY A 46  LEU A 54  1 ? 9  
HELX_P HELX_P3 3 SER A 67  ? GLY A 83  ? SER A 67  GLY A 83  1 ? 17 
HELX_P HELX_P4 4 ASP A 119 ? GLN A 138 ? ASP A 119 GLN A 138 1 ? 20 
HELX_P HELX_P5 5 GLY A 164 ? SER A 169 ? GLY A 164 SER A 169 5 ? 6  
HELX_P HELX_P6 6 GLY A 173 ? ALA A 187 ? GLY A 173 ALA A 187 1 ? 15 
HELX_P HELX_P7 7 ASP A 229 ? ASN A 243 ? ASP A 229 ASN A 243 1 ? 15 
# 
_struct_conf_type.id          HELX_P 
_struct_conf_type.criteria    ? 
_struct_conf_type.reference   ? 
# 
loop_
_struct_conn.id 
_struct_conn.conn_type_id 
_struct_conn.pdbx_leaving_atom_flag 
_struct_conn.pdbx_PDB_id 
_struct_conn.ptnr1_label_asym_id 
_struct_conn.ptnr1_label_comp_id 
_struct_conn.ptnr1_label_seq_id 
_struct_conn.ptnr1_label_atom_id 
_struct_conn.pdbx_ptnr1_label_alt_id 
_struct_conn.pdbx_ptnr1_PDB_ins_code 
_struct_conn.pdbx_ptnr1_standard_comp_id 
_struct_conn.ptnr1_symmetry 
_struct_conn.ptnr2_label_asym_id 
_struct_conn.ptnr2_label_comp_id 
_struct_conn.ptnr2_label_seq_id 
_struct_conn.ptnr2_label_atom_id 
_struct_conn.pdbx_ptnr2_label_alt_id 
_struct_conn.pdbx_ptnr2_PDB_ins_code 
_struct_conn.ptnr1_auth_asym_id 
_struct_conn.ptnr1_auth_comp_id 
_struct_conn.ptnr1_auth_seq_id 
_struct_conn.ptnr2_auth_asym_id 
_struct_conn.ptnr2_auth_comp_id 
_struct_conn.ptnr2_auth_seq_id 
_struct_conn.ptnr2_symmetry 
_struct_conn.pdbx_ptnr3_label_atom_id 
_struct_conn.pdbx_ptnr3_label_seq_id 
_struct_conn.pdbx_ptnr3_label_comp_id 
_struct_conn.pdbx_ptnr3_label_asym_id 
_struct_conn.pdbx_ptnr3_label_alt_id 
_struct_conn.pdbx_ptnr3_PDB_ins_code 
_struct_conn.details 
_struct_conn.pdbx_dist_value 
_struct_conn.pdbx_value_order 
_struct_conn.pdbx_role 
metalc1 metalc ? ? A GLY 17 O  ? ? ? 1_555 C NA  . NA ? ? A GLY 17  A NA  302 1_555 ? ? ? ? ? ? ? 2.353 ? ? 
metalc2 metalc ? ? A SER 20 O  ? ? ? 1_555 C NA  . NA ? ? A SER 20  A NA  302 1_555 ? ? ? ? ? ? ? 2.439 ? ? 
metalc3 metalc ? ? C NA  .  NA ? ? ? 1_555 E HOH . O  ? ? A NA  302 A HOH 522 1_555 ? ? ? ? ? ? ? 2.413 ? ? 
metalc4 metalc ? ? C NA  .  NA ? ? ? 1_555 E HOH . O  ? ? A NA  302 A HOH 545 1_555 ? ? ? ? ? ? ? 2.355 ? ? 
metalc5 metalc ? ? C NA  .  NA ? ? ? 1_555 E HOH . O  ? ? A NA  302 A HOH 560 1_555 ? ? ? ? ? ? ? 2.549 ? ? 
metalc6 metalc ? ? C NA  .  NA ? ? ? 1_555 E HOH . O  ? ? A NA  302 A HOH 602 1_555 ? ? ? ? ? ? ? 2.966 ? ? 
# 
_struct_conn_type.id          metalc 
_struct_conn_type.criteria    ? 
_struct_conn_type.reference   ? 
# 
loop_
_pdbx_struct_conn_angle.id 
_pdbx_struct_conn_angle.ptnr1_label_atom_id 
_pdbx_struct_conn_angle.ptnr1_label_alt_id 
_pdbx_struct_conn_angle.ptnr1_label_asym_id 
_pdbx_struct_conn_angle.ptnr1_label_comp_id 
_pdbx_struct_conn_angle.ptnr1_label_seq_id 
_pdbx_struct_conn_angle.ptnr1_auth_atom_id 
_pdbx_struct_conn_angle.ptnr1_auth_asym_id 
_pdbx_struct_conn_angle.ptnr1_auth_comp_id 
_pdbx_struct_conn_angle.ptnr1_auth_seq_id 
_pdbx_struct_conn_angle.ptnr1_PDB_ins_code 
_pdbx_struct_conn_angle.ptnr1_symmetry 
_pdbx_struct_conn_angle.ptnr2_label_atom_id 
_pdbx_struct_conn_angle.ptnr2_label_alt_id 
_pdbx_struct_conn_angle.ptnr2_label_asym_id 
_pdbx_struct_conn_angle.ptnr2_label_comp_id 
_pdbx_struct_conn_angle.ptnr2_label_seq_id 
_pdbx_struct_conn_angle.ptnr2_auth_atom_id 
_pdbx_struct_conn_angle.ptnr2_auth_asym_id 
_pdbx_struct_conn_angle.ptnr2_auth_comp_id 
_pdbx_struct_conn_angle.ptnr2_auth_seq_id 
_pdbx_struct_conn_angle.ptnr2_PDB_ins_code 
_pdbx_struct_conn_angle.ptnr2_symmetry 
_pdbx_struct_conn_angle.ptnr3_label_atom_id 
_pdbx_struct_conn_angle.ptnr3_label_alt_id 
_pdbx_struct_conn_angle.ptnr3_label_asym_id 
_pdbx_struct_conn_angle.ptnr3_label_comp_id 
_pdbx_struct_conn_angle.ptnr3_label_seq_id 
_pdbx_struct_conn_angle.ptnr3_auth_atom_id 
_pdbx_struct_conn_angle.ptnr3_auth_asym_id 
_pdbx_struct_conn_angle.ptnr3_auth_comp_id 
_pdbx_struct_conn_angle.ptnr3_auth_seq_id 
_pdbx_struct_conn_angle.ptnr3_PDB_ins_code 
_pdbx_struct_conn_angle.ptnr3_symmetry 
_pdbx_struct_conn_angle.value 
_pdbx_struct_conn_angle.value_esd 
1  O ? A GLY 17 ? A GLY 17  ? 1_555 NA ? C NA . ? A NA 302 ? 1_555 O ? A SER 20 ? A SER 20  ? 1_555 79.6  ? 
2  O ? A GLY 17 ? A GLY 17  ? 1_555 NA ? C NA . ? A NA 302 ? 1_555 O ? E HOH .  ? A HOH 522 ? 1_555 87.8  ? 
3  O ? A SER 20 ? A SER 20  ? 1_555 NA ? C NA . ? A NA 302 ? 1_555 O ? E HOH .  ? A HOH 522 ? 1_555 108.1 ? 
4  O ? A GLY 17 ? A GLY 17  ? 1_555 NA ? C NA . ? A NA 302 ? 1_555 O ? E HOH .  ? A HOH 545 ? 1_555 86.5  ? 
5  O ? A SER 20 ? A SER 20  ? 1_555 NA ? C NA . ? A NA 302 ? 1_555 O ? E HOH .  ? A HOH 545 ? 1_555 82.4  ? 
6  O ? E HOH .  ? A HOH 522 ? 1_555 NA ? C NA . ? A NA 302 ? 1_555 O ? E HOH .  ? A HOH 545 ? 1_555 166.9 ? 
7  O ? A GLY 17 ? A GLY 17  ? 1_555 NA ? C NA . ? A NA 302 ? 1_555 O ? E HOH .  ? A HOH 560 ? 1_555 169.2 ? 
8  O ? A SER 20 ? A SER 20  ? 1_555 NA ? C NA . ? A NA 302 ? 1_555 O ? E HOH .  ? A HOH 560 ? 1_555 89.8  ? 
9  O ? E HOH .  ? A HOH 522 ? 1_555 NA ? C NA . ? A NA 302 ? 1_555 O ? E HOH .  ? A HOH 560 ? 1_555 93.5  ? 
10 O ? E HOH .  ? A HOH 545 ? 1_555 NA ? C NA . ? A NA 302 ? 1_555 O ? E HOH .  ? A HOH 560 ? 1_555 94.3  ? 
11 O ? A GLY 17 ? A GLY 17  ? 1_555 NA ? C NA . ? A NA 302 ? 1_555 O ? E HOH .  ? A HOH 602 ? 1_555 119.4 ? 
12 O ? A SER 20 ? A SER 20  ? 1_555 NA ? C NA . ? A NA 302 ? 1_555 O ? E HOH .  ? A HOH 602 ? 1_555 150.4 ? 
13 O ? E HOH .  ? A HOH 522 ? 1_555 NA ? C NA . ? A NA 302 ? 1_555 O ? E HOH .  ? A HOH 602 ? 1_555 95.8  ? 
14 O ? E HOH .  ? A HOH 545 ? 1_555 NA ? C NA . ? A NA 302 ? 1_555 O ? E HOH .  ? A HOH 602 ? 1_555 76.9  ? 
15 O ? E HOH .  ? A HOH 560 ? 1_555 NA ? C NA . ? A NA 302 ? 1_555 O ? E HOH .  ? A HOH 602 ? 1_555 71.2  ? 
# 
_struct_sheet.id               A 
_struct_sheet.type             ? 
_struct_sheet.number_strands   7 
_struct_sheet.details          ? 
# 
loop_
_struct_sheet_order.sheet_id 
_struct_sheet_order.range_id_1 
_struct_sheet_order.range_id_2 
_struct_sheet_order.offset 
_struct_sheet_order.sense 
A 1 2 ? parallel 
A 2 3 ? parallel 
A 3 4 ? parallel 
A 4 5 ? parallel 
A 5 6 ? parallel 
A 6 7 ? parallel 
# 
loop_
_struct_sheet_range.sheet_id 
_struct_sheet_range.id 
_struct_sheet_range.beg_label_comp_id 
_struct_sheet_range.beg_label_asym_id 
_struct_sheet_range.beg_label_seq_id 
_struct_sheet_range.pdbx_beg_PDB_ins_code 
_struct_sheet_range.end_label_comp_id 
_struct_sheet_range.end_label_asym_id 
_struct_sheet_range.end_label_seq_id 
_struct_sheet_range.pdbx_end_PDB_ins_code 
_struct_sheet_range.beg_auth_comp_id 
_struct_sheet_range.beg_auth_asym_id 
_struct_sheet_range.beg_auth_seq_id 
_struct_sheet_range.end_auth_comp_id 
_struct_sheet_range.end_auth_asym_id 
_struct_sheet_range.end_auth_seq_id 
A 1 CYS A 58  ? PRO A 62  ? CYS A 58  PRO A 62  
A 2 SER A 36  ? ASP A 41  ? SER A 36  ASP A 41  
A 3 VAL A 12  ? THR A 16  ? VAL A 12  THR A 16  
A 4 VAL A 87  ? VAL A 89  ? VAL A 87  VAL A 89  
A 5 GLY A 148 ? THR A 153 ? GLY A 148 THR A 153 
A 6 ILE A 191 ? ALA A 197 ? ILE A 191 ALA A 197 
A 7 VAL A 250 ? ARG A 252 ? VAL A 250 ARG A 252 
# 
loop_
_pdbx_struct_sheet_hbond.sheet_id 
_pdbx_struct_sheet_hbond.range_id_1 
_pdbx_struct_sheet_hbond.range_id_2 
_pdbx_struct_sheet_hbond.range_1_label_atom_id 
_pdbx_struct_sheet_hbond.range_1_label_comp_id 
_pdbx_struct_sheet_hbond.range_1_label_asym_id 
_pdbx_struct_sheet_hbond.range_1_label_seq_id 
_pdbx_struct_sheet_hbond.range_1_PDB_ins_code 
_pdbx_struct_sheet_hbond.range_1_auth_atom_id 
_pdbx_struct_sheet_hbond.range_1_auth_comp_id 
_pdbx_struct_sheet_hbond.range_1_auth_asym_id 
_pdbx_struct_sheet_hbond.range_1_auth_seq_id 
_pdbx_struct_sheet_hbond.range_2_label_atom_id 
_pdbx_struct_sheet_hbond.range_2_label_comp_id 
_pdbx_struct_sheet_hbond.range_2_label_asym_id 
_pdbx_struct_sheet_hbond.range_2_label_seq_id 
_pdbx_struct_sheet_hbond.range_2_PDB_ins_code 
_pdbx_struct_sheet_hbond.range_2_auth_atom_id 
_pdbx_struct_sheet_hbond.range_2_auth_comp_id 
_pdbx_struct_sheet_hbond.range_2_auth_asym_id 
_pdbx_struct_sheet_hbond.range_2_auth_seq_id 
A 1 2 O ALA A 61  ? O ALA A 61  N LEU A 39  ? N LEU A 39  
A 2 3 O SER A 36  ? O SER A 36  N ALA A 13  ? N ALA A 13  
A 3 4 N VAL A 14  ? N VAL A 14  O VAL A 87  ? O VAL A 87  
A 4 5 N ALA A 88  ? N ALA A 88  O ILE A 151 ? O ILE A 151 
A 5 6 N ASN A 152 ? N ASN A 152 O MET A 194 ? O MET A 194 
A 6 7 N THR A 195 ? N THR A 195 O ILE A 251 ? O ILE A 251 
# 
loop_
_struct_site.id 
_struct_site.pdbx_evidence_code 
_struct_site.pdbx_auth_asym_id 
_struct_site.pdbx_auth_comp_id 
_struct_site.pdbx_auth_seq_id 
_struct_site.pdbx_auth_ins_code 
_struct_site.pdbx_num_residues 
_struct_site.details 
AC1 Software A NA 301 ? 6 'BINDING SITE FOR RESIDUE NA A 301' 
AC2 Software A NA 302 ? 6 'BINDING SITE FOR RESIDUE NA A 302' 
AC3 Software A CL 303 ? 6 'BINDING SITE FOR RESIDUE CL A 303' 
# 
loop_
_struct_site_gen.id 
_struct_site_gen.site_id 
_struct_site_gen.pdbx_num_res 
_struct_site_gen.label_comp_id 
_struct_site_gen.label_asym_id 
_struct_site_gen.label_seq_id 
_struct_site_gen.pdbx_auth_ins_code 
_struct_site_gen.auth_comp_id 
_struct_site_gen.auth_asym_id 
_struct_site_gen.auth_seq_id 
_struct_site_gen.label_atom_id 
_struct_site_gen.label_alt_id 
_struct_site_gen.symmetry 
_struct_site_gen.details 
1  AC1 6 SER A 67  ? SER A 67  . ? 1_555  ? 
2  AC1 6 SER A 67  ? SER A 67  . ? 24_656 ? 
3  AC1 6 GLU A 68  ? GLU A 68  . ? 24_656 ? 
4  AC1 6 GLU A 68  ? GLU A 68  . ? 1_555  ? 
5  AC1 6 LYS A 69  ? LYS A 69  . ? 1_555  ? 
6  AC1 6 LYS A 69  ? LYS A 69  . ? 24_656 ? 
7  AC2 6 GLY A 17  ? GLY A 17  . ? 1_555  ? 
8  AC2 6 SER A 20  ? SER A 20  . ? 1_555  ? 
9  AC2 6 HOH E .   ? HOH A 522 . ? 1_555  ? 
10 AC2 6 HOH E .   ? HOH A 545 . ? 1_555  ? 
11 AC2 6 HOH E .   ? HOH A 560 . ? 1_555  ? 
12 AC2 6 HOH E .   ? HOH A 602 . ? 1_555  ? 
13 AC3 6 ALA A 154 ? ALA A 154 . ? 1_555  ? 
14 AC3 6 SER A 155 ? SER A 155 . ? 1_555  ? 
15 AC3 6 GLY A 173 ? GLY A 173 . ? 1_555  ? 
16 AC3 6 ILE A 175 ? ILE A 175 . ? 1_555  ? 
17 AC3 6 VAL A 176 ? VAL A 176 . ? 1_555  ? 
18 AC3 6 HOH E .   ? HOH A 570 . ? 1_555  ? 
# 
loop_
_pdbx_validate_torsion.id 
_pdbx_validate_torsion.PDB_model_num 
_pdbx_validate_torsion.auth_comp_id 
_pdbx_validate_torsion.auth_asym_id 
_pdbx_validate_torsion.auth_seq_id 
_pdbx_validate_torsion.PDB_ins_code 
_pdbx_validate_torsion.label_alt_id 
_pdbx_validate_torsion.phi 
_pdbx_validate_torsion.psi 
1 1 ASN A 56  ? ? -67.51  1.80    
2 1 GLN A 115 ? ? -138.25 -83.60  
3 1 ASP A 142 ? ? -103.89 -168.77 
4 1 THR A 203 ? ? 52.41   19.84   
5 1 LEU A 205 ? ? 44.38   20.69   
# 
_pdbx_struct_special_symmetry.id              1 
_pdbx_struct_special_symmetry.PDB_model_num   1 
_pdbx_struct_special_symmetry.auth_asym_id    A 
_pdbx_struct_special_symmetry.auth_comp_id    NA 
_pdbx_struct_special_symmetry.auth_seq_id     301 
_pdbx_struct_special_symmetry.PDB_ins_code    ? 
_pdbx_struct_special_symmetry.label_asym_id   B 
_pdbx_struct_special_symmetry.label_comp_id   NA 
_pdbx_struct_special_symmetry.label_seq_id    . 
# 
loop_
_pdbx_unobs_or_zero_occ_residues.id 
_pdbx_unobs_or_zero_occ_residues.PDB_model_num 
_pdbx_unobs_or_zero_occ_residues.polymer_flag 
_pdbx_unobs_or_zero_occ_residues.occupancy_flag 
_pdbx_unobs_or_zero_occ_residues.auth_asym_id 
_pdbx_unobs_or_zero_occ_residues.auth_comp_id 
_pdbx_unobs_or_zero_occ_residues.auth_seq_id 
_pdbx_unobs_or_zero_occ_residues.PDB_ins_code 
_pdbx_unobs_or_zero_occ_residues.label_asym_id 
_pdbx_unobs_or_zero_occ_residues.label_comp_id 
_pdbx_unobs_or_zero_occ_residues.label_seq_id 
1  1 Y 1 A MET 1   ? A MET 1   
2  1 Y 1 A ALA 2   ? A ALA 2   
3  1 Y 1 A ALA 3   ? A ALA 3   
4  1 Y 1 A ALA 4   ? A ALA 4   
5  1 Y 1 A CYS 5   ? A CYS 5   
6  1 Y 1 A ALA 95  ? A ALA 95  
7  1 Y 1 A VAL 96  ? A VAL 96  
8  1 Y 1 A ALA 97  ? A ALA 97  
9  1 Y 1 A SER 98  ? A SER 98  
10 1 Y 1 A LYS 99  ? A LYS 99  
11 1 Y 1 A THR 100 ? A THR 100 
12 1 Y 1 A TYR 101 ? A TYR 101 
13 1 Y 1 A ASN 102 ? A ASN 102 
14 1 Y 1 A LEU 103 ? A LEU 103 
15 1 Y 1 A LYS 104 ? A LYS 104 
16 1 Y 1 A LYS 105 ? A LYS 105 
17 1 Y 1 A GLY 106 ? A GLY 106 
18 1 Y 1 A GLN 107 ? A GLN 107 
19 1 Y 1 A THR 108 ? A THR 108 
20 1 Y 1 A HIS 109 ? A HIS 109 
21 1 Y 1 A THR 110 ? A THR 110 
22 1 Y 1 A LEU 111 ? A LEU 111 
23 1 Y 1 A GLU 112 ? A GLU 112 
24 1 Y 1 A ASP 113 ? A ASP 113 
25 1 Y 1 A SER 208 ? A SER 208 
26 1 Y 1 A LEU 209 ? A LEU 209 
27 1 Y 1 A PRO 210 ? A PRO 210 
28 1 Y 1 A GLU 211 ? A GLU 211 
29 1 Y 1 A LYS 212 ? A LYS 212 
30 1 Y 1 A VAL 213 ? A VAL 213 
31 1 Y 1 A CYS 214 ? A CYS 214 
32 1 Y 1 A ASN 215 ? A ASN 215 
33 1 Y 1 A PHE 216 ? A PHE 216 
34 1 Y 1 A LEU 217 ? A LEU 217 
35 1 Y 1 A ALA 218 ? A ALA 218 
36 1 Y 1 A SER 219 ? A SER 219 
37 1 Y 1 A GLN 220 ? A GLN 220 
38 1 Y 1 A VAL 221 ? A VAL 221 
39 1 Y 1 A PRO 222 ? A PRO 222 
40 1 Y 1 A PHE 223 ? A PHE 223 
41 1 Y 1 A PRO 224 ? A PRO 224 
42 1 Y 1 A SER 225 ? A SER 225 
43 1 Y 1 A ARG 226 ? A ARG 226 
44 1 Y 1 A LEU 227 ? A LEU 227 
45 1 Y 1 A GLY 228 ? A GLY 228 
46 1 Y 1 A ASP 254 ? A ASP 254 
47 1 Y 1 A GLY 255 ? A GLY 255 
48 1 Y 1 A ALA 256 ? A ALA 256 
49 1 Y 1 A ILE 257 ? A ILE 257 
50 1 Y 1 A ARG 258 ? A ARG 258 
51 1 Y 1 A MET 259 ? A MET 259 
52 1 Y 1 A GLN 260 ? A GLN 260 
53 1 Y 1 A PRO 261 ? A PRO 261 
# 
loop_
_chem_comp_atom.comp_id 
_chem_comp_atom.atom_id 
_chem_comp_atom.type_symbol 
_chem_comp_atom.pdbx_aromatic_flag 
_chem_comp_atom.pdbx_stereo_config 
_chem_comp_atom.pdbx_ordinal 
ALA N    N  N N 1   
ALA CA   C  N S 2   
ALA C    C  N N 3   
ALA O    O  N N 4   
ALA CB   C  N N 5   
ALA OXT  O  N N 6   
ALA H    H  N N 7   
ALA H2   H  N N 8   
ALA HA   H  N N 9   
ALA HB1  H  N N 10  
ALA HB2  H  N N 11  
ALA HB3  H  N N 12  
ALA HXT  H  N N 13  
ARG N    N  N N 14  
ARG CA   C  N S 15  
ARG C    C  N N 16  
ARG O    O  N N 17  
ARG CB   C  N N 18  
ARG CG   C  N N 19  
ARG CD   C  N N 20  
ARG NE   N  N N 21  
ARG CZ   C  N N 22  
ARG NH1  N  N N 23  
ARG NH2  N  N N 24  
ARG OXT  O  N N 25  
ARG H    H  N N 26  
ARG H2   H  N N 27  
ARG HA   H  N N 28  
ARG HB2  H  N N 29  
ARG HB3  H  N N 30  
ARG HG2  H  N N 31  
ARG HG3  H  N N 32  
ARG HD2  H  N N 33  
ARG HD3  H  N N 34  
ARG HE   H  N N 35  
ARG HH11 H  N N 36  
ARG HH12 H  N N 37  
ARG HH21 H  N N 38  
ARG HH22 H  N N 39  
ARG HXT  H  N N 40  
ASN N    N  N N 41  
ASN CA   C  N S 42  
ASN C    C  N N 43  
ASN O    O  N N 44  
ASN CB   C  N N 45  
ASN CG   C  N N 46  
ASN OD1  O  N N 47  
ASN ND2  N  N N 48  
ASN OXT  O  N N 49  
ASN H    H  N N 50  
ASN H2   H  N N 51  
ASN HA   H  N N 52  
ASN HB2  H  N N 53  
ASN HB3  H  N N 54  
ASN HD21 H  N N 55  
ASN HD22 H  N N 56  
ASN HXT  H  N N 57  
ASP N    N  N N 58  
ASP CA   C  N S 59  
ASP C    C  N N 60  
ASP O    O  N N 61  
ASP CB   C  N N 62  
ASP CG   C  N N 63  
ASP OD1  O  N N 64  
ASP OD2  O  N N 65  
ASP OXT  O  N N 66  
ASP H    H  N N 67  
ASP H2   H  N N 68  
ASP HA   H  N N 69  
ASP HB2  H  N N 70  
ASP HB3  H  N N 71  
ASP HD2  H  N N 72  
ASP HXT  H  N N 73  
CL  CL   CL N N 74  
CYS N    N  N N 75  
CYS CA   C  N R 76  
CYS C    C  N N 77  
CYS O    O  N N 78  
CYS CB   C  N N 79  
CYS SG   S  N N 80  
CYS OXT  O  N N 81  
CYS H    H  N N 82  
CYS H2   H  N N 83  
CYS HA   H  N N 84  
CYS HB2  H  N N 85  
CYS HB3  H  N N 86  
CYS HG   H  N N 87  
CYS HXT  H  N N 88  
GLN N    N  N N 89  
GLN CA   C  N S 90  
GLN C    C  N N 91  
GLN O    O  N N 92  
GLN CB   C  N N 93  
GLN CG   C  N N 94  
GLN CD   C  N N 95  
GLN OE1  O  N N 96  
GLN NE2  N  N N 97  
GLN OXT  O  N N 98  
GLN H    H  N N 99  
GLN H2   H  N N 100 
GLN HA   H  N N 101 
GLN HB2  H  N N 102 
GLN HB3  H  N N 103 
GLN HG2  H  N N 104 
GLN HG3  H  N N 105 
GLN HE21 H  N N 106 
GLN HE22 H  N N 107 
GLN HXT  H  N N 108 
GLU N    N  N N 109 
GLU CA   C  N S 110 
GLU C    C  N N 111 
GLU O    O  N N 112 
GLU CB   C  N N 113 
GLU CG   C  N N 114 
GLU CD   C  N N 115 
GLU OE1  O  N N 116 
GLU OE2  O  N N 117 
GLU OXT  O  N N 118 
GLU H    H  N N 119 
GLU H2   H  N N 120 
GLU HA   H  N N 121 
GLU HB2  H  N N 122 
GLU HB3  H  N N 123 
GLU HG2  H  N N 124 
GLU HG3  H  N N 125 
GLU HE2  H  N N 126 
GLU HXT  H  N N 127 
GLY N    N  N N 128 
GLY CA   C  N N 129 
GLY C    C  N N 130 
GLY O    O  N N 131 
GLY OXT  O  N N 132 
GLY H    H  N N 133 
GLY H2   H  N N 134 
GLY HA2  H  N N 135 
GLY HA3  H  N N 136 
GLY HXT  H  N N 137 
HIS N    N  N N 138 
HIS CA   C  N S 139 
HIS C    C  N N 140 
HIS O    O  N N 141 
HIS CB   C  N N 142 
HIS CG   C  Y N 143 
HIS ND1  N  Y N 144 
HIS CD2  C  Y N 145 
HIS CE1  C  Y N 146 
HIS NE2  N  Y N 147 
HIS OXT  O  N N 148 
HIS H    H  N N 149 
HIS H2   H  N N 150 
HIS HA   H  N N 151 
HIS HB2  H  N N 152 
HIS HB3  H  N N 153 
HIS HD1  H  N N 154 
HIS HD2  H  N N 155 
HIS HE1  H  N N 156 
HIS HE2  H  N N 157 
HIS HXT  H  N N 158 
HOH O    O  N N 159 
HOH H1   H  N N 160 
HOH H2   H  N N 161 
ILE N    N  N N 162 
ILE CA   C  N S 163 
ILE C    C  N N 164 
ILE O    O  N N 165 
ILE CB   C  N S 166 
ILE CG1  C  N N 167 
ILE CG2  C  N N 168 
ILE CD1  C  N N 169 
ILE OXT  O  N N 170 
ILE H    H  N N 171 
ILE H2   H  N N 172 
ILE HA   H  N N 173 
ILE HB   H  N N 174 
ILE HG12 H  N N 175 
ILE HG13 H  N N 176 
ILE HG21 H  N N 177 
ILE HG22 H  N N 178 
ILE HG23 H  N N 179 
ILE HD11 H  N N 180 
ILE HD12 H  N N 181 
ILE HD13 H  N N 182 
ILE HXT  H  N N 183 
LEU N    N  N N 184 
LEU CA   C  N S 185 
LEU C    C  N N 186 
LEU O    O  N N 187 
LEU CB   C  N N 188 
LEU CG   C  N N 189 
LEU CD1  C  N N 190 
LEU CD2  C  N N 191 
LEU OXT  O  N N 192 
LEU H    H  N N 193 
LEU H2   H  N N 194 
LEU HA   H  N N 195 
LEU HB2  H  N N 196 
LEU HB3  H  N N 197 
LEU HG   H  N N 198 
LEU HD11 H  N N 199 
LEU HD12 H  N N 200 
LEU HD13 H  N N 201 
LEU HD21 H  N N 202 
LEU HD22 H  N N 203 
LEU HD23 H  N N 204 
LEU HXT  H  N N 205 
LYS N    N  N N 206 
LYS CA   C  N S 207 
LYS C    C  N N 208 
LYS O    O  N N 209 
LYS CB   C  N N 210 
LYS CG   C  N N 211 
LYS CD   C  N N 212 
LYS CE   C  N N 213 
LYS NZ   N  N N 214 
LYS OXT  O  N N 215 
LYS H    H  N N 216 
LYS H2   H  N N 217 
LYS HA   H  N N 218 
LYS HB2  H  N N 219 
LYS HB3  H  N N 220 
LYS HG2  H  N N 221 
LYS HG3  H  N N 222 
LYS HD2  H  N N 223 
LYS HD3  H  N N 224 
LYS HE2  H  N N 225 
LYS HE3  H  N N 226 
LYS HZ1  H  N N 227 
LYS HZ2  H  N N 228 
LYS HZ3  H  N N 229 
LYS HXT  H  N N 230 
MET N    N  N N 231 
MET CA   C  N S 232 
MET C    C  N N 233 
MET O    O  N N 234 
MET CB   C  N N 235 
MET CG   C  N N 236 
MET SD   S  N N 237 
MET CE   C  N N 238 
MET OXT  O  N N 239 
MET H    H  N N 240 
MET H2   H  N N 241 
MET HA   H  N N 242 
MET HB2  H  N N 243 
MET HB3  H  N N 244 
MET HG2  H  N N 245 
MET HG3  H  N N 246 
MET HE1  H  N N 247 
MET HE2  H  N N 248 
MET HE3  H  N N 249 
MET HXT  H  N N 250 
NA  NA   NA N N 251 
PHE N    N  N N 252 
PHE CA   C  N S 253 
PHE C    C  N N 254 
PHE O    O  N N 255 
PHE CB   C  N N 256 
PHE CG   C  Y N 257 
PHE CD1  C  Y N 258 
PHE CD2  C  Y N 259 
PHE CE1  C  Y N 260 
PHE CE2  C  Y N 261 
PHE CZ   C  Y N 262 
PHE OXT  O  N N 263 
PHE H    H  N N 264 
PHE H2   H  N N 265 
PHE HA   H  N N 266 
PHE HB2  H  N N 267 
PHE HB3  H  N N 268 
PHE HD1  H  N N 269 
PHE HD2  H  N N 270 
PHE HE1  H  N N 271 
PHE HE2  H  N N 272 
PHE HZ   H  N N 273 
PHE HXT  H  N N 274 
PRO N    N  N N 275 
PRO CA   C  N S 276 
PRO C    C  N N 277 
PRO O    O  N N 278 
PRO CB   C  N N 279 
PRO CG   C  N N 280 
PRO CD   C  N N 281 
PRO OXT  O  N N 282 
PRO H    H  N N 283 
PRO HA   H  N N 284 
PRO HB2  H  N N 285 
PRO HB3  H  N N 286 
PRO HG2  H  N N 287 
PRO HG3  H  N N 288 
PRO HD2  H  N N 289 
PRO HD3  H  N N 290 
PRO HXT  H  N N 291 
SER N    N  N N 292 
SER CA   C  N S 293 
SER C    C  N N 294 
SER O    O  N N 295 
SER CB   C  N N 296 
SER OG   O  N N 297 
SER OXT  O  N N 298 
SER H    H  N N 299 
SER H2   H  N N 300 
SER HA   H  N N 301 
SER HB2  H  N N 302 
SER HB3  H  N N 303 
SER HG   H  N N 304 
SER HXT  H  N N 305 
THR N    N  N N 306 
THR CA   C  N S 307 
THR C    C  N N 308 
THR O    O  N N 309 
THR CB   C  N R 310 
THR OG1  O  N N 311 
THR CG2  C  N N 312 
THR OXT  O  N N 313 
THR H    H  N N 314 
THR H2   H  N N 315 
THR HA   H  N N 316 
THR HB   H  N N 317 
THR HG1  H  N N 318 
THR HG21 H  N N 319 
THR HG22 H  N N 320 
THR HG23 H  N N 321 
THR HXT  H  N N 322 
TYR N    N  N N 323 
TYR CA   C  N S 324 
TYR C    C  N N 325 
TYR O    O  N N 326 
TYR CB   C  N N 327 
TYR CG   C  Y N 328 
TYR CD1  C  Y N 329 
TYR CD2  C  Y N 330 
TYR CE1  C  Y N 331 
TYR CE2  C  Y N 332 
TYR CZ   C  Y N 333 
TYR OH   O  N N 334 
TYR OXT  O  N N 335 
TYR H    H  N N 336 
TYR H2   H  N N 337 
TYR HA   H  N N 338 
TYR HB2  H  N N 339 
TYR HB3  H  N N 340 
TYR HD1  H  N N 341 
TYR HD2  H  N N 342 
TYR HE1  H  N N 343 
TYR HE2  H  N N 344 
TYR HH   H  N N 345 
TYR HXT  H  N N 346 
VAL N    N  N N 347 
VAL CA   C  N S 348 
VAL C    C  N N 349 
VAL O    O  N N 350 
VAL CB   C  N N 351 
VAL CG1  C  N N 352 
VAL CG2  C  N N 353 
VAL OXT  O  N N 354 
VAL H    H  N N 355 
VAL H2   H  N N 356 
VAL HA   H  N N 357 
VAL HB   H  N N 358 
VAL HG11 H  N N 359 
VAL HG12 H  N N 360 
VAL HG13 H  N N 361 
VAL HG21 H  N N 362 
VAL HG22 H  N N 363 
VAL HG23 H  N N 364 
VAL HXT  H  N N 365 
# 
loop_
_chem_comp_bond.comp_id 
_chem_comp_bond.atom_id_1 
_chem_comp_bond.atom_id_2 
_chem_comp_bond.value_order 
_chem_comp_bond.pdbx_aromatic_flag 
_chem_comp_bond.pdbx_stereo_config 
_chem_comp_bond.pdbx_ordinal 
ALA N   CA   sing N N 1   
ALA N   H    sing N N 2   
ALA N   H2   sing N N 3   
ALA CA  C    sing N N 4   
ALA CA  CB   sing N N 5   
ALA CA  HA   sing N N 6   
ALA C   O    doub N N 7   
ALA C   OXT  sing N N 8   
ALA CB  HB1  sing N N 9   
ALA CB  HB2  sing N N 10  
ALA CB  HB3  sing N N 11  
ALA OXT HXT  sing N N 12  
ARG N   CA   sing N N 13  
ARG N   H    sing N N 14  
ARG N   H2   sing N N 15  
ARG CA  C    sing N N 16  
ARG CA  CB   sing N N 17  
ARG CA  HA   sing N N 18  
ARG C   O    doub N N 19  
ARG C   OXT  sing N N 20  
ARG CB  CG   sing N N 21  
ARG CB  HB2  sing N N 22  
ARG CB  HB3  sing N N 23  
ARG CG  CD   sing N N 24  
ARG CG  HG2  sing N N 25  
ARG CG  HG3  sing N N 26  
ARG CD  NE   sing N N 27  
ARG CD  HD2  sing N N 28  
ARG CD  HD3  sing N N 29  
ARG NE  CZ   sing N N 30  
ARG NE  HE   sing N N 31  
ARG CZ  NH1  sing N N 32  
ARG CZ  NH2  doub N N 33  
ARG NH1 HH11 sing N N 34  
ARG NH1 HH12 sing N N 35  
ARG NH2 HH21 sing N N 36  
ARG NH2 HH22 sing N N 37  
ARG OXT HXT  sing N N 38  
ASN N   CA   sing N N 39  
ASN N   H    sing N N 40  
ASN N   H2   sing N N 41  
ASN CA  C    sing N N 42  
ASN CA  CB   sing N N 43  
ASN CA  HA   sing N N 44  
ASN C   O    doub N N 45  
ASN C   OXT  sing N N 46  
ASN CB  CG   sing N N 47  
ASN CB  HB2  sing N N 48  
ASN CB  HB3  sing N N 49  
ASN CG  OD1  doub N N 50  
ASN CG  ND2  sing N N 51  
ASN ND2 HD21 sing N N 52  
ASN ND2 HD22 sing N N 53  
ASN OXT HXT  sing N N 54  
ASP N   CA   sing N N 55  
ASP N   H    sing N N 56  
ASP N   H2   sing N N 57  
ASP CA  C    sing N N 58  
ASP CA  CB   sing N N 59  
ASP CA  HA   sing N N 60  
ASP C   O    doub N N 61  
ASP C   OXT  sing N N 62  
ASP CB  CG   sing N N 63  
ASP CB  HB2  sing N N 64  
ASP CB  HB3  sing N N 65  
ASP CG  OD1  doub N N 66  
ASP CG  OD2  sing N N 67  
ASP OD2 HD2  sing N N 68  
ASP OXT HXT  sing N N 69  
CYS N   CA   sing N N 70  
CYS N   H    sing N N 71  
CYS N   H2   sing N N 72  
CYS CA  C    sing N N 73  
CYS CA  CB   sing N N 74  
CYS CA  HA   sing N N 75  
CYS C   O    doub N N 76  
CYS C   OXT  sing N N 77  
CYS CB  SG   sing N N 78  
CYS CB  HB2  sing N N 79  
CYS CB  HB3  sing N N 80  
CYS SG  HG   sing N N 81  
CYS OXT HXT  sing N N 82  
GLN N   CA   sing N N 83  
GLN N   H    sing N N 84  
GLN N   H2   sing N N 85  
GLN CA  C    sing N N 86  
GLN CA  CB   sing N N 87  
GLN CA  HA   sing N N 88  
GLN C   O    doub N N 89  
GLN C   OXT  sing N N 90  
GLN CB  CG   sing N N 91  
GLN CB  HB2  sing N N 92  
GLN CB  HB3  sing N N 93  
GLN CG  CD   sing N N 94  
GLN CG  HG2  sing N N 95  
GLN CG  HG3  sing N N 96  
GLN CD  OE1  doub N N 97  
GLN CD  NE2  sing N N 98  
GLN NE2 HE21 sing N N 99  
GLN NE2 HE22 sing N N 100 
GLN OXT HXT  sing N N 101 
GLU N   CA   sing N N 102 
GLU N   H    sing N N 103 
GLU N   H2   sing N N 104 
GLU CA  C    sing N N 105 
GLU CA  CB   sing N N 106 
GLU CA  HA   sing N N 107 
GLU C   O    doub N N 108 
GLU C   OXT  sing N N 109 
GLU CB  CG   sing N N 110 
GLU CB  HB2  sing N N 111 
GLU CB  HB3  sing N N 112 
GLU CG  CD   sing N N 113 
GLU CG  HG2  sing N N 114 
GLU CG  HG3  sing N N 115 
GLU CD  OE1  doub N N 116 
GLU CD  OE2  sing N N 117 
GLU OE2 HE2  sing N N 118 
GLU OXT HXT  sing N N 119 
GLY N   CA   sing N N 120 
GLY N   H    sing N N 121 
GLY N   H2   sing N N 122 
GLY CA  C    sing N N 123 
GLY CA  HA2  sing N N 124 
GLY CA  HA3  sing N N 125 
GLY C   O    doub N N 126 
GLY C   OXT  sing N N 127 
GLY OXT HXT  sing N N 128 
HIS N   CA   sing N N 129 
HIS N   H    sing N N 130 
HIS N   H2   sing N N 131 
HIS CA  C    sing N N 132 
HIS CA  CB   sing N N 133 
HIS CA  HA   sing N N 134 
HIS C   O    doub N N 135 
HIS C   OXT  sing N N 136 
HIS CB  CG   sing N N 137 
HIS CB  HB2  sing N N 138 
HIS CB  HB3  sing N N 139 
HIS CG  ND1  sing Y N 140 
HIS CG  CD2  doub Y N 141 
HIS ND1 CE1  doub Y N 142 
HIS ND1 HD1  sing N N 143 
HIS CD2 NE2  sing Y N 144 
HIS CD2 HD2  sing N N 145 
HIS CE1 NE2  sing Y N 146 
HIS CE1 HE1  sing N N 147 
HIS NE2 HE2  sing N N 148 
HIS OXT HXT  sing N N 149 
HOH O   H1   sing N N 150 
HOH O   H2   sing N N 151 
ILE N   CA   sing N N 152 
ILE N   H    sing N N 153 
ILE N   H2   sing N N 154 
ILE CA  C    sing N N 155 
ILE CA  CB   sing N N 156 
ILE CA  HA   sing N N 157 
ILE C   O    doub N N 158 
ILE C   OXT  sing N N 159 
ILE CB  CG1  sing N N 160 
ILE CB  CG2  sing N N 161 
ILE CB  HB   sing N N 162 
ILE CG1 CD1  sing N N 163 
ILE CG1 HG12 sing N N 164 
ILE CG1 HG13 sing N N 165 
ILE CG2 HG21 sing N N 166 
ILE CG2 HG22 sing N N 167 
ILE CG2 HG23 sing N N 168 
ILE CD1 HD11 sing N N 169 
ILE CD1 HD12 sing N N 170 
ILE CD1 HD13 sing N N 171 
ILE OXT HXT  sing N N 172 
LEU N   CA   sing N N 173 
LEU N   H    sing N N 174 
LEU N   H2   sing N N 175 
LEU CA  C    sing N N 176 
LEU CA  CB   sing N N 177 
LEU CA  HA   sing N N 178 
LEU C   O    doub N N 179 
LEU C   OXT  sing N N 180 
LEU CB  CG   sing N N 181 
LEU CB  HB2  sing N N 182 
LEU CB  HB3  sing N N 183 
LEU CG  CD1  sing N N 184 
LEU CG  CD2  sing N N 185 
LEU CG  HG   sing N N 186 
LEU CD1 HD11 sing N N 187 
LEU CD1 HD12 sing N N 188 
LEU CD1 HD13 sing N N 189 
LEU CD2 HD21 sing N N 190 
LEU CD2 HD22 sing N N 191 
LEU CD2 HD23 sing N N 192 
LEU OXT HXT  sing N N 193 
LYS N   CA   sing N N 194 
LYS N   H    sing N N 195 
LYS N   H2   sing N N 196 
LYS CA  C    sing N N 197 
LYS CA  CB   sing N N 198 
LYS CA  HA   sing N N 199 
LYS C   O    doub N N 200 
LYS C   OXT  sing N N 201 
LYS CB  CG   sing N N 202 
LYS CB  HB2  sing N N 203 
LYS CB  HB3  sing N N 204 
LYS CG  CD   sing N N 205 
LYS CG  HG2  sing N N 206 
LYS CG  HG3  sing N N 207 
LYS CD  CE   sing N N 208 
LYS CD  HD2  sing N N 209 
LYS CD  HD3  sing N N 210 
LYS CE  NZ   sing N N 211 
LYS CE  HE2  sing N N 212 
LYS CE  HE3  sing N N 213 
LYS NZ  HZ1  sing N N 214 
LYS NZ  HZ2  sing N N 215 
LYS NZ  HZ3  sing N N 216 
LYS OXT HXT  sing N N 217 
MET N   CA   sing N N 218 
MET N   H    sing N N 219 
MET N   H2   sing N N 220 
MET CA  C    sing N N 221 
MET CA  CB   sing N N 222 
MET CA  HA   sing N N 223 
MET C   O    doub N N 224 
MET C   OXT  sing N N 225 
MET CB  CG   sing N N 226 
MET CB  HB2  sing N N 227 
MET CB  HB3  sing N N 228 
MET CG  SD   sing N N 229 
MET CG  HG2  sing N N 230 
MET CG  HG3  sing N N 231 
MET SD  CE   sing N N 232 
MET CE  HE1  sing N N 233 
MET CE  HE2  sing N N 234 
MET CE  HE3  sing N N 235 
MET OXT HXT  sing N N 236 
PHE N   CA   sing N N 237 
PHE N   H    sing N N 238 
PHE N   H2   sing N N 239 
PHE CA  C    sing N N 240 
PHE CA  CB   sing N N 241 
PHE CA  HA   sing N N 242 
PHE C   O    doub N N 243 
PHE C   OXT  sing N N 244 
PHE CB  CG   sing N N 245 
PHE CB  HB2  sing N N 246 
PHE CB  HB3  sing N N 247 
PHE CG  CD1  doub Y N 248 
PHE CG  CD2  sing Y N 249 
PHE CD1 CE1  sing Y N 250 
PHE CD1 HD1  sing N N 251 
PHE CD2 CE2  doub Y N 252 
PHE CD2 HD2  sing N N 253 
PHE CE1 CZ   doub Y N 254 
PHE CE1 HE1  sing N N 255 
PHE CE2 CZ   sing Y N 256 
PHE CE2 HE2  sing N N 257 
PHE CZ  HZ   sing N N 258 
PHE OXT HXT  sing N N 259 
PRO N   CA   sing N N 260 
PRO N   CD   sing N N 261 
PRO N   H    sing N N 262 
PRO CA  C    sing N N 263 
PRO CA  CB   sing N N 264 
PRO CA  HA   sing N N 265 
PRO C   O    doub N N 266 
PRO C   OXT  sing N N 267 
PRO CB  CG   sing N N 268 
PRO CB  HB2  sing N N 269 
PRO CB  HB3  sing N N 270 
PRO CG  CD   sing N N 271 
PRO CG  HG2  sing N N 272 
PRO CG  HG3  sing N N 273 
PRO CD  HD2  sing N N 274 
PRO CD  HD3  sing N N 275 
PRO OXT HXT  sing N N 276 
SER N   CA   sing N N 277 
SER N   H    sing N N 278 
SER N   H2   sing N N 279 
SER CA  C    sing N N 280 
SER CA  CB   sing N N 281 
SER CA  HA   sing N N 282 
SER C   O    doub N N 283 
SER C   OXT  sing N N 284 
SER CB  OG   sing N N 285 
SER CB  HB2  sing N N 286 
SER CB  HB3  sing N N 287 
SER OG  HG   sing N N 288 
SER OXT HXT  sing N N 289 
THR N   CA   sing N N 290 
THR N   H    sing N N 291 
THR N   H2   sing N N 292 
THR CA  C    sing N N 293 
THR CA  CB   sing N N 294 
THR CA  HA   sing N N 295 
THR C   O    doub N N 296 
THR C   OXT  sing N N 297 
THR CB  OG1  sing N N 298 
THR CB  CG2  sing N N 299 
THR CB  HB   sing N N 300 
THR OG1 HG1  sing N N 301 
THR CG2 HG21 sing N N 302 
THR CG2 HG22 sing N N 303 
THR CG2 HG23 sing N N 304 
THR OXT HXT  sing N N 305 
TYR N   CA   sing N N 306 
TYR N   H    sing N N 307 
TYR N   H2   sing N N 308 
TYR CA  C    sing N N 309 
TYR CA  CB   sing N N 310 
TYR CA  HA   sing N N 311 
TYR C   O    doub N N 312 
TYR C   OXT  sing N N 313 
TYR CB  CG   sing N N 314 
TYR CB  HB2  sing N N 315 
TYR CB  HB3  sing N N 316 
TYR CG  CD1  doub Y N 317 
TYR CG  CD2  sing Y N 318 
TYR CD1 CE1  sing Y N 319 
TYR CD1 HD1  sing N N 320 
TYR CD2 CE2  doub Y N 321 
TYR CD2 HD2  sing N N 322 
TYR CE1 CZ   doub Y N 323 
TYR CE1 HE1  sing N N 324 
TYR CE2 CZ   sing Y N 325 
TYR CE2 HE2  sing N N 326 
TYR CZ  OH   sing N N 327 
TYR OH  HH   sing N N 328 
TYR OXT HXT  sing N N 329 
VAL N   CA   sing N N 330 
VAL N   H    sing N N 331 
VAL N   H2   sing N N 332 
VAL CA  C    sing N N 333 
VAL CA  CB   sing N N 334 
VAL CA  HA   sing N N 335 
VAL C   O    doub N N 336 
VAL C   OXT  sing N N 337 
VAL CB  CG1  sing N N 338 
VAL CB  CG2  sing N N 339 
VAL CB  HB   sing N N 340 
VAL CG1 HG11 sing N N 341 
VAL CG1 HG12 sing N N 342 
VAL CG1 HG13 sing N N 343 
VAL CG2 HG21 sing N N 344 
VAL CG2 HG22 sing N N 345 
VAL CG2 HG23 sing N N 346 
VAL OXT HXT  sing N N 347 
# 
_atom_sites.entry_id                    1SO8 
_atom_sites.fract_transf_matrix[1][1]   0.00253050 
_atom_sites.fract_transf_matrix[1][2]   0.00449817 
_atom_sites.fract_transf_matrix[1][3]   0.00570349 
_atom_sites.fract_transf_matrix[2][1]   0.00690129 
_atom_sites.fract_transf_matrix[2][2]   -0.00337308 
_atom_sites.fract_transf_matrix[2][3]   -0.00040169 
_atom_sites.fract_transf_matrix[3][1]   0.00226619 
_atom_sites.fract_transf_matrix[3][2]   0.00524934 
_atom_sites.fract_transf_matrix[3][3]   -0.00514545 
_atom_sites.fract_transf_vector[1]      0.646774 
_atom_sites.fract_transf_vector[2]      0.115121 
_atom_sites.fract_transf_vector[3]      0.314828 
# 
loop_
_atom_type.symbol 
C  
CL 
N  
NA 
O  
S  
# 
loop_
_atom_site.group_PDB 
_atom_site.id 
_atom_site.type_symbol 
_atom_site.label_atom_id 
_atom_site.label_alt_id 
_atom_site.label_comp_id 
_atom_site.label_asym_id 
_atom_site.label_entity_id 
_atom_site.label_seq_id 
_atom_site.pdbx_PDB_ins_code 
_atom_site.Cartn_x 
_atom_site.Cartn_y 
_atom_site.Cartn_z 
_atom_site.occupancy 
_atom_site.B_iso_or_equiv 
_atom_site.pdbx_formal_charge 
_atom_site.auth_seq_id 
_atom_site.auth_comp_id 
_atom_site.auth_asym_id 
_atom_site.auth_atom_id 
_atom_site.pdbx_PDB_model_num 
ATOM   1    N  N   . ARG A 1 6   ? 18.158  2.303   -3.838  1.00 51.27 ? 6   ARG A N   1 
ATOM   2    C  CA  . ARG A 1 6   ? 17.508  1.261   -4.683  1.00 50.24 ? 6   ARG A CA  1 
ATOM   3    C  C   . ARG A 1 6   ? 17.433  -0.085  -3.974  1.00 48.47 ? 6   ARG A C   1 
ATOM   4    O  O   . ARG A 1 6   ? 17.470  -1.139  -4.610  1.00 49.17 ? 6   ARG A O   1 
ATOM   5    C  CB  . ARG A 1 6   ? 18.263  1.115   -6.006  1.00 52.59 ? 6   ARG A CB  1 
ATOM   6    C  CG  . ARG A 1 6   ? 18.090  2.309   -6.930  1.00 55.38 ? 6   ARG A CG  1 
ATOM   7    C  CD  . ARG A 1 6   ? 18.889  2.157   -8.208  1.00 57.82 ? 6   ARG A CD  1 
ATOM   8    N  NE  . ARG A 1 6   ? 18.643  3.269   -9.122  1.00 61.78 ? 6   ARG A NE  1 
ATOM   9    C  CZ  . ARG A 1 6   ? 19.305  3.467   -10.258 1.00 63.98 ? 6   ARG A CZ  1 
ATOM   10   N  NH1 . ARG A 1 6   ? 20.264  2.625   -10.628 1.00 65.07 ? 6   ARG A NH1 1 
ATOM   11   N  NH2 . ARG A 1 6   ? 19.004  4.504   -11.031 1.00 65.12 ? 6   ARG A NH2 1 
ATOM   12   N  N   . SER A 1 7   ? 17.322  -0.039  -2.652  1.00 44.90 ? 7   SER A N   1 
ATOM   13   C  CA  . SER A 1 7   ? 17.228  -1.246  -1.837  1.00 41.85 ? 7   SER A CA  1 
ATOM   14   C  C   . SER A 1 7   ? 16.191  -1.002  -0.751  1.00 39.43 ? 7   SER A C   1 
ATOM   15   O  O   . SER A 1 7   ? 16.119  0.097   -0.209  1.00 38.81 ? 7   SER A O   1 
ATOM   16   C  CB  . SER A 1 7   ? 18.585  -1.554  -1.197  1.00 41.10 ? 7   SER A CB  1 
ATOM   17   O  OG  . SER A 1 7   ? 18.490  -2.623  -0.273  1.00 39.27 ? 7   SER A OG  1 
ATOM   18   N  N   . VAL A 1 8   ? 15.386  -2.012  -0.432  1.00 38.06 ? 8   VAL A N   1 
ATOM   19   C  CA  . VAL A 1 8   ? 14.374  -1.850  0.608   1.00 37.68 ? 8   VAL A CA  1 
ATOM   20   C  C   . VAL A 1 8   ? 14.959  -2.106  1.993   1.00 37.23 ? 8   VAL A C   1 
ATOM   21   O  O   . VAL A 1 8   ? 14.273  -1.940  2.999   1.00 36.85 ? 8   VAL A O   1 
ATOM   22   C  CB  . VAL A 1 8   ? 13.153  -2.801  0.403   1.00 38.54 ? 8   VAL A CB  1 
ATOM   23   C  CG1 . VAL A 1 8   ? 12.528  -2.567  -0.967  1.00 37.66 ? 8   VAL A CG1 1 
ATOM   24   C  CG2 . VAL A 1 8   ? 13.577  -4.257  0.572   1.00 37.09 ? 8   VAL A CG2 1 
ATOM   25   N  N   . LYS A 1 9   ? 16.225  -2.514  2.040   1.00 37.25 ? 9   LYS A N   1 
ATOM   26   C  CA  . LYS A 1 9   ? 16.889  -2.787  3.316   1.00 37.92 ? 9   LYS A CA  1 
ATOM   27   C  C   . LYS A 1 9   ? 16.944  -1.527  4.168   1.00 35.55 ? 9   LYS A C   1 
ATOM   28   O  O   . LYS A 1 9   ? 17.396  -0.479  3.714   1.00 34.13 ? 9   LYS A O   1 
ATOM   29   C  CB  . LYS A 1 9   ? 18.314  -3.306  3.082   1.00 42.22 ? 9   LYS A CB  1 
ATOM   30   C  CG  . LYS A 1 9   ? 18.380  -4.610  2.300   1.00 46.65 ? 9   LYS A CG  1 
ATOM   31   C  CD  . LYS A 1 9   ? 19.817  -5.071  2.073   1.00 50.54 ? 9   LYS A CD  1 
ATOM   32   C  CE  . LYS A 1 9   ? 19.852  -6.380  1.288   1.00 52.01 ? 9   LYS A CE  1 
ATOM   33   N  NZ  . LYS A 1 9   ? 21.234  -6.922  1.146   1.00 54.26 ? 9   LYS A NZ  1 
ATOM   34   N  N   . GLY A 1 10  ? 16.475  -1.634  5.406   1.00 34.94 ? 10  GLY A N   1 
ATOM   35   C  CA  . GLY A 1 10  ? 16.486  -0.487  6.293   1.00 33.99 ? 10  GLY A CA  1 
ATOM   36   C  C   . GLY A 1 10  ? 15.234  0.372   6.242   1.00 33.30 ? 10  GLY A C   1 
ATOM   37   O  O   . GLY A 1 10  ? 15.001  1.174   7.142   1.00 34.07 ? 10  GLY A O   1 
ATOM   38   N  N   . LEU A 1 11  ? 14.421  0.215   5.202   1.00 31.57 ? 11  LEU A N   1 
ATOM   39   C  CA  . LEU A 1 11  ? 13.200  1.011   5.080   1.00 30.43 ? 11  LEU A CA  1 
ATOM   40   C  C   . LEU A 1 11  ? 12.097  0.517   6.010   1.00 29.22 ? 11  LEU A C   1 
ATOM   41   O  O   . LEU A 1 11  ? 12.025  -0.671  6.328   1.00 29.74 ? 11  LEU A O   1 
ATOM   42   C  CB  . LEU A 1 11  ? 12.690  0.985   3.634   1.00 28.19 ? 11  LEU A CB  1 
ATOM   43   C  CG  . LEU A 1 11  ? 13.602  1.559   2.547   1.00 30.33 ? 11  LEU A CG  1 
ATOM   44   C  CD1 . LEU A 1 11  ? 12.940  1.401   1.174   1.00 28.16 ? 11  LEU A CD1 1 
ATOM   45   C  CD2 . LEU A 1 11  ? 13.885  3.034   2.842   1.00 28.83 ? 11  LEU A CD2 1 
ATOM   46   N  N   . VAL A 1 12  ? 11.248  1.439   6.457   1.00 27.40 ? 12  VAL A N   1 
ATOM   47   C  CA  . VAL A 1 12  ? 10.125  1.089   7.318   1.00 27.17 ? 12  VAL A CA  1 
ATOM   48   C  C   . VAL A 1 12  ? 8.863   1.216   6.471   1.00 28.14 ? 12  VAL A C   1 
ATOM   49   O  O   . VAL A 1 12  ? 8.590   2.282   5.902   1.00 27.64 ? 12  VAL A O   1 
ATOM   50   C  CB  . VAL A 1 12  ? 9.989   2.036   8.525   1.00 27.81 ? 12  VAL A CB  1 
ATOM   51   C  CG1 . VAL A 1 12  ? 8.807   1.606   9.379   1.00 25.10 ? 12  VAL A CG1 1 
ATOM   52   C  CG2 . VAL A 1 12  ? 11.271  2.031   9.348   1.00 28.20 ? 12  VAL A CG2 1 
ATOM   53   N  N   . ALA A 1 13  ? 8.096   0.133   6.384   1.00 26.22 ? 13  ALA A N   1 
ATOM   54   C  CA  . ALA A 1 13  ? 6.877   0.150   5.590   1.00 25.83 ? 13  ALA A CA  1 
ATOM   55   C  C   . ALA A 1 13  ? 5.625   -0.145  6.394   1.00 25.10 ? 13  ALA A C   1 
ATOM   56   O  O   . ALA A 1 13  ? 5.590   -1.083  7.198   1.00 25.56 ? 13  ALA A O   1 
ATOM   57   C  CB  . ALA A 1 13  ? 6.992   -0.849  4.437   1.00 24.00 ? 13  ALA A CB  1 
ATOM   58   N  N   . VAL A 1 14  ? 4.601   0.676   6.183   1.00 23.28 ? 14  VAL A N   1 
ATOM   59   C  CA  . VAL A 1 14  ? 3.314   0.475   6.839   1.00 22.30 ? 14  VAL A CA  1 
ATOM   60   C  C   . VAL A 1 14  ? 2.442   -0.178  5.771   1.00 21.52 ? 14  VAL A C   1 
ATOM   61   O  O   . VAL A 1 14  ? 2.303   0.341   4.663   1.00 20.49 ? 14  VAL A O   1 
ATOM   62   C  CB  . VAL A 1 14  ? 2.688   1.810   7.295   1.00 22.93 ? 14  VAL A CB  1 
ATOM   63   C  CG1 . VAL A 1 14  ? 1.242   1.586   7.722   1.00 21.51 ? 14  VAL A CG1 1 
ATOM   64   C  CG2 . VAL A 1 14  ? 3.496   2.387   8.464   1.00 21.84 ? 14  VAL A CG2 1 
ATOM   65   N  N   . ILE A 1 15  ? 1.869   -1.328  6.100   1.00 21.96 ? 15  ILE A N   1 
ATOM   66   C  CA  . ILE A 1 15  ? 1.057   -2.076  5.152   1.00 19.89 ? 15  ILE A CA  1 
ATOM   67   C  C   . ILE A 1 15  ? -0.347  -2.317  5.688   1.00 19.85 ? 15  ILE A C   1 
ATOM   68   O  O   . ILE A 1 15  ? -0.531  -3.046  6.663   1.00 19.22 ? 15  ILE A O   1 
ATOM   69   C  CB  . ILE A 1 15  ? 1.739   -3.428  4.842   1.00 21.10 ? 15  ILE A CB  1 
ATOM   70   C  CG1 . ILE A 1 15  ? 3.182   -3.165  4.401   1.00 18.36 ? 15  ILE A CG1 1 
ATOM   71   C  CG2 . ILE A 1 15  ? 0.960   -4.200  3.758   1.00 17.12 ? 15  ILE A CG2 1 
ATOM   72   C  CD1 . ILE A 1 15  ? 4.010   -4.405  4.210   1.00 22.08 ? 15  ILE A CD1 1 
ATOM   73   N  N   . THR A 1 16  ? -1.335  -1.691  5.056   1.00 18.77 ? 16  THR A N   1 
ATOM   74   C  CA  . THR A 1 16  ? -2.720  -1.852  5.483   1.00 19.59 ? 16  THR A CA  1 
ATOM   75   C  C   . THR A 1 16  ? -3.218  -3.220  5.007   1.00 19.34 ? 16  THR A C   1 
ATOM   76   O  O   . THR A 1 16  ? -2.782  -3.719  3.969   1.00 18.64 ? 16  THR A O   1 
ATOM   77   C  CB  . THR A 1 16  ? -3.611  -0.719  4.922   1.00 18.27 ? 16  THR A CB  1 
ATOM   78   O  OG1 . THR A 1 16  ? -3.738  -0.854  3.500   1.00 19.07 ? 16  THR A OG1 1 
ATOM   79   C  CG2 . THR A 1 16  ? -2.983  0.638   5.236   1.00 19.54 ? 16  THR A CG2 1 
ATOM   80   N  N   . GLY A 1 17  ? -4.128  -3.819  5.767   1.00 21.62 ? 17  GLY A N   1 
ATOM   81   C  CA  . GLY A 1 17  ? -4.616  -5.141  5.420   1.00 22.42 ? 17  GLY A CA  1 
ATOM   82   C  C   . GLY A 1 17  ? -3.449  -6.119  5.486   1.00 24.65 ? 17  GLY A C   1 
ATOM   83   O  O   . GLY A 1 17  ? -3.416  -7.110  4.759   1.00 25.72 ? 17  GLY A O   1 
ATOM   84   N  N   . GLY A 1 18  ? -2.489  -5.844  6.369   1.00 24.94 ? 18  GLY A N   1 
ATOM   85   C  CA  . GLY A 1 18  ? -1.310  -6.688  6.485   1.00 25.36 ? 18  GLY A CA  1 
ATOM   86   C  C   . GLY A 1 18  ? -1.428  -8.036  7.179   1.00 26.23 ? 18  GLY A C   1 
ATOM   87   O  O   . GLY A 1 18  ? -0.467  -8.810  7.178   1.00 25.30 ? 18  GLY A O   1 
ATOM   88   N  N   . ALA A 1 19  ? -2.583  -8.326  7.769   1.00 25.78 ? 19  ALA A N   1 
ATOM   89   C  CA  . ALA A 1 19  ? -2.780  -9.594  8.468   1.00 29.03 ? 19  ALA A CA  1 
ATOM   90   C  C   . ALA A 1 19  ? -2.972  -10.785 7.535   1.00 29.34 ? 19  ALA A C   1 
ATOM   91   O  O   . ALA A 1 19  ? -2.820  -11.929 7.957   1.00 31.01 ? 19  ALA A O   1 
ATOM   92   C  CB  . ALA A 1 19  ? -3.975  -9.492  9.426   1.00 28.05 ? 19  ALA A CB  1 
ATOM   93   N  N   . SER A 1 20  ? -3.301  -10.524 6.272   1.00 28.28 ? 20  SER A N   1 
ATOM   94   C  CA  . SER A 1 20  ? -3.520  -11.601 5.314   1.00 30.56 ? 20  SER A CA  1 
ATOM   95   C  C   . SER A 1 20  ? -3.520  -11.130 3.861   1.00 30.63 ? 20  SER A C   1 
ATOM   96   O  O   . SER A 1 20  ? -3.353  -9.942  3.577   1.00 29.60 ? 20  SER A O   1 
ATOM   97   C  CB  . SER A 1 20  ? -4.853  -12.294 5.614   1.00 32.59 ? 20  SER A CB  1 
ATOM   98   O  OG  . SER A 1 20  ? -5.932  -11.379 5.515   1.00 34.47 ? 20  SER A OG  1 
ATOM   99   N  N   . GLY A 1 21  ? -3.707  -12.080 2.947   1.00 29.53 ? 21  GLY A N   1 
ATOM   100  C  CA  . GLY A 1 21  ? -3.750  -11.766 1.527   1.00 29.26 ? 21  GLY A CA  1 
ATOM   101  C  C   . GLY A 1 21  ? -2.518  -11.085 0.957   1.00 28.51 ? 21  GLY A C   1 
ATOM   102  O  O   . GLY A 1 21  ? -1.395  -11.417 1.323   1.00 28.42 ? 21  GLY A O   1 
ATOM   103  N  N   . LEU A 1 22  ? -2.730  -10.136 0.051   1.00 26.20 ? 22  LEU A N   1 
ATOM   104  C  CA  . LEU A 1 22  ? -1.629  -9.413  -0.577  1.00 26.79 ? 22  LEU A CA  1 
ATOM   105  C  C   . LEU A 1 22  ? -0.825  -8.637  0.463   1.00 25.67 ? 22  LEU A C   1 
ATOM   106  O  O   . LEU A 1 22  ? 0.393   -8.515  0.350   1.00 25.54 ? 22  LEU A O   1 
ATOM   107  C  CB  . LEU A 1 22  ? -2.158  -8.458  -1.656  1.00 26.08 ? 22  LEU A CB  1 
ATOM   108  C  CG  . LEU A 1 22  ? -2.976  -9.109  -2.777  1.00 29.38 ? 22  LEU A CG  1 
ATOM   109  C  CD1 . LEU A 1 22  ? -3.360  -8.056  -3.818  1.00 28.15 ? 22  LEU A CD1 1 
ATOM   110  C  CD2 . LEU A 1 22  ? -2.170  -10.228 -3.427  1.00 28.83 ? 22  LEU A CD2 1 
ATOM   111  N  N   . GLY A 1 23  ? -1.514  -8.125  1.478   1.00 25.01 ? 23  GLY A N   1 
ATOM   112  C  CA  . GLY A 1 23  ? -0.847  -7.384  2.532   1.00 24.98 ? 23  GLY A CA  1 
ATOM   113  C  C   . GLY A 1 23  ? 0.183   -8.229  3.260   1.00 25.54 ? 23  GLY A C   1 
ATOM   114  O  O   . GLY A 1 23  ? 1.340   -7.816  3.401   1.00 24.04 ? 23  GLY A O   1 
ATOM   115  N  N   . LEU A 1 24  ? -0.229  -9.409  3.722   1.00 25.17 ? 24  LEU A N   1 
ATOM   116  C  CA  . LEU A 1 24  ? 0.686   -10.307 4.424   1.00 26.20 ? 24  LEU A CA  1 
ATOM   117  C  C   . LEU A 1 24  ? 1.831   -10.739 3.507   1.00 26.19 ? 24  LEU A C   1 
ATOM   118  O  O   . LEU A 1 24  ? 2.991   -10.763 3.918   1.00 27.42 ? 24  LEU A O   1 
ATOM   119  C  CB  . LEU A 1 24  ? -0.059  -11.544 4.940   1.00 26.36 ? 24  LEU A CB  1 
ATOM   120  C  CG  . LEU A 1 24  ? 0.794   -12.583 5.682   1.00 26.89 ? 24  LEU A CG  1 
ATOM   121  C  CD1 . LEU A 1 24  ? 1.422   -11.951 6.919   1.00 26.93 ? 24  LEU A CD1 1 
ATOM   122  C  CD2 . LEU A 1 24  ? -0.069  -13.771 6.074   1.00 24.74 ? 24  LEU A CD2 1 
ATOM   123  N  N   . ALA A 1 25  ? 1.504   -11.071 2.261   1.00 24.88 ? 25  ALA A N   1 
ATOM   124  C  CA  . ALA A 1 25  ? 2.514   -11.495 1.293   1.00 26.40 ? 25  ALA A CA  1 
ATOM   125  C  C   . ALA A 1 25  ? 3.551   -10.397 1.060   1.00 26.46 ? 25  ALA A C   1 
ATOM   126  O  O   . ALA A 1 25  ? 4.739   -10.672 0.865   1.00 27.10 ? 25  ALA A O   1 
ATOM   127  C  CB  . ALA A 1 25  ? 1.848   -11.870 -0.033  1.00 24.31 ? 25  ALA A CB  1 
ATOM   128  N  N   . THR A 1 26  ? 3.094   -9.152  1.060   1.00 25.64 ? 26  THR A N   1 
ATOM   129  C  CA  . THR A 1 26  ? 3.992   -8.025  0.859   1.00 27.21 ? 26  THR A CA  1 
ATOM   130  C  C   . THR A 1 26  ? 4.896   -7.848  2.075   1.00 25.60 ? 26  THR A C   1 
ATOM   131  O  O   . THR A 1 26  ? 6.074   -7.531  1.941   1.00 25.38 ? 26  THR A O   1 
ATOM   132  C  CB  . THR A 1 26  ? 3.198   -6.726  0.638   1.00 27.39 ? 26  THR A CB  1 
ATOM   133  O  OG1 . THR A 1 26  ? 2.409   -6.849  -0.552  1.00 25.95 ? 26  THR A OG1 1 
ATOM   134  C  CG2 . THR A 1 26  ? 4.143   -5.537  0.511   1.00 26.80 ? 26  THR A CG2 1 
ATOM   135  N  N   . ALA A 1 27  ? 4.328   -8.040  3.261   1.00 26.33 ? 27  ALA A N   1 
ATOM   136  C  CA  . ALA A 1 27  ? 5.079   -7.901  4.505   1.00 28.98 ? 27  ALA A CA  1 
ATOM   137  C  C   . ALA A 1 27  ? 6.176   -8.958  4.593   1.00 28.72 ? 27  ALA A C   1 
ATOM   138  O  O   . ALA A 1 27  ? 7.323   -8.649  4.917   1.00 27.46 ? 27  ALA A O   1 
ATOM   139  C  CB  . ALA A 1 27  ? 4.137   -8.029  5.706   1.00 26.19 ? 27  ALA A CB  1 
ATOM   140  N  N   . GLU A 1 28  ? 5.816   -10.205 4.304   1.00 29.88 ? 28  GLU A N   1 
ATOM   141  C  CA  . GLU A 1 28  ? 6.773   -11.303 4.361   1.00 32.32 ? 28  GLU A CA  1 
ATOM   142  C  C   . GLU A 1 28  ? 7.921   -11.036 3.399   1.00 31.94 ? 28  GLU A C   1 
ATOM   143  O  O   . GLU A 1 28  ? 9.089   -11.189 3.749   1.00 32.44 ? 28  GLU A O   1 
ATOM   144  C  CB  . GLU A 1 28  ? 6.079   -12.625 4.016   1.00 32.81 ? 28  GLU A CB  1 
ATOM   145  C  CG  . GLU A 1 28  ? 4.903   -12.946 4.929   1.00 37.28 ? 28  GLU A CG  1 
ATOM   146  C  CD  . GLU A 1 28  ? 4.175   -14.222 4.536   1.00 40.76 ? 28  GLU A CD  1 
ATOM   147  O  OE1 . GLU A 1 28  ? 3.978   -14.447 3.323   1.00 44.85 ? 28  GLU A OE1 1 
ATOM   148  O  OE2 . GLU A 1 28  ? 3.785   -14.993 5.440   1.00 42.42 ? 28  GLU A OE2 1 
ATOM   149  N  N   . ARG A 1 29  ? 7.583   -10.620 2.186   1.00 30.39 ? 29  ARG A N   1 
ATOM   150  C  CA  . ARG A 1 29  ? 8.589   -10.328 1.179   1.00 30.70 ? 29  ARG A CA  1 
ATOM   151  C  C   . ARG A 1 29  ? 9.523   -9.197  1.616   1.00 30.83 ? 29  ARG A C   1 
ATOM   152  O  O   . ARG A 1 29  ? 10.747  -9.347  1.574   1.00 30.20 ? 29  ARG A O   1 
ATOM   153  C  CB  . ARG A 1 29  ? 7.898   -9.955  -0.133  1.00 32.99 ? 29  ARG A CB  1 
ATOM   154  C  CG  . ARG A 1 29  ? 8.810   -9.447  -1.226  1.00 35.60 ? 29  ARG A CG  1 
ATOM   155  C  CD  . ARG A 1 29  ? 9.743   -10.516 -1.726  1.00 41.53 ? 29  ARG A CD  1 
ATOM   156  N  NE  . ARG A 1 29  ? 10.361  -10.113 -2.985  1.00 46.61 ? 29  ARG A NE  1 
ATOM   157  C  CZ  . ARG A 1 29  ? 11.367  -10.760 -3.564  1.00 48.28 ? 29  ARG A CZ  1 
ATOM   158  N  NH1 . ARG A 1 29  ? 11.871  -11.845 -2.993  1.00 50.10 ? 29  ARG A NH1 1 
ATOM   159  N  NH2 . ARG A 1 29  ? 11.874  -10.316 -4.706  1.00 49.77 ? 29  ARG A NH2 1 
ATOM   160  N  N   . LEU A 1 30  ? 8.951   -8.072  2.039   1.00 28.08 ? 30  LEU A N   1 
ATOM   161  C  CA  . LEU A 1 30  ? 9.761   -6.934  2.458   1.00 28.72 ? 30  LEU A CA  1 
ATOM   162  C  C   . LEU A 1 30  ? 10.638  -7.237  3.668   1.00 28.34 ? 30  LEU A C   1 
ATOM   163  O  O   . LEU A 1 30  ? 11.814  -6.877  3.686   1.00 25.67 ? 30  LEU A O   1 
ATOM   164  C  CB  . LEU A 1 30  ? 8.873   -5.715  2.738   1.00 27.88 ? 30  LEU A CB  1 
ATOM   165  C  CG  . LEU A 1 30  ? 8.158   -5.150  1.504   1.00 29.89 ? 30  LEU A CG  1 
ATOM   166  C  CD1 . LEU A 1 30  ? 7.363   -3.912  1.888   1.00 28.08 ? 30  LEU A CD1 1 
ATOM   167  C  CD2 . LEU A 1 30  ? 9.183   -4.815  0.426   1.00 28.54 ? 30  LEU A CD2 1 
ATOM   168  N  N   . VAL A 1 31  ? 10.072  -7.897  4.672   1.00 28.74 ? 31  VAL A N   1 
ATOM   169  C  CA  . VAL A 1 31  ? 10.836  -8.247  5.863   1.00 31.92 ? 31  VAL A CA  1 
ATOM   170  C  C   . VAL A 1 31  ? 11.939  -9.238  5.496   1.00 33.88 ? 31  VAL A C   1 
ATOM   171  O  O   . VAL A 1 31  ? 13.041  -9.188  6.045   1.00 34.48 ? 31  VAL A O   1 
ATOM   172  C  CB  . VAL A 1 31  ? 9.934   -8.867  6.948   1.00 31.47 ? 31  VAL A CB  1 
ATOM   173  C  CG1 . VAL A 1 31  ? 10.778  -9.382  8.107   1.00 31.63 ? 31  VAL A CG1 1 
ATOM   174  C  CG2 . VAL A 1 31  ? 8.947   -7.824  7.449   1.00 30.69 ? 31  VAL A CG2 1 
ATOM   175  N  N   . GLY A 1 32  ? 11.643  -10.129 4.558   1.00 34.95 ? 32  GLY A N   1 
ATOM   176  C  CA  . GLY A 1 32  ? 12.633  -11.102 4.141   1.00 34.88 ? 32  GLY A CA  1 
ATOM   177  C  C   . GLY A 1 32  ? 13.760  -10.419 3.390   1.00 36.65 ? 32  GLY A C   1 
ATOM   178  O  O   . GLY A 1 32  ? 14.865  -10.955 3.282   1.00 36.53 ? 32  GLY A O   1 
ATOM   179  N  N   . GLN A 1 33  ? 13.481  -9.224  2.877   1.00 35.76 ? 33  GLN A N   1 
ATOM   180  C  CA  . GLN A 1 33  ? 14.466  -8.462  2.122   1.00 34.45 ? 33  GLN A CA  1 
ATOM   181  C  C   . GLN A 1 33  ? 15.228  -7.441  2.965   1.00 33.32 ? 33  GLN A C   1 
ATOM   182  O  O   . GLN A 1 33  ? 16.000  -6.644  2.434   1.00 34.63 ? 33  GLN A O   1 
ATOM   183  C  CB  . GLN A 1 33  ? 13.789  -7.755  0.945   1.00 35.20 ? 33  GLN A CB  1 
ATOM   184  C  CG  . GLN A 1 33  ? 13.306  -8.679  -0.161  1.00 35.22 ? 33  GLN A CG  1 
ATOM   185  C  CD  . GLN A 1 33  ? 14.440  -9.454  -0.815  1.00 38.64 ? 33  GLN A CD  1 
ATOM   186  O  OE1 . GLN A 1 33  ? 14.721  -10.599 -0.450  1.00 37.55 ? 33  GLN A OE1 1 
ATOM   187  N  NE2 . GLN A 1 33  ? 15.103  -8.827  -1.784  1.00 37.12 ? 33  GLN A NE2 1 
ATOM   188  N  N   . GLY A 1 34  ? 14.998  -7.450  4.275   1.00 33.07 ? 34  GLY A N   1 
ATOM   189  C  CA  . GLY A 1 34  ? 15.711  -6.533  5.148   1.00 32.21 ? 34  GLY A CA  1 
ATOM   190  C  C   . GLY A 1 34  ? 14.989  -5.285  5.625   1.00 33.26 ? 34  GLY A C   1 
ATOM   191  O  O   . GLY A 1 34  ? 15.571  -4.468  6.343   1.00 32.59 ? 34  GLY A O   1 
ATOM   192  N  N   . ALA A 1 35  ? 13.729  -5.122  5.242   1.00 31.17 ? 35  ALA A N   1 
ATOM   193  C  CA  . ALA A 1 35  ? 12.983  -3.945  5.661   1.00 29.71 ? 35  ALA A CA  1 
ATOM   194  C  C   . ALA A 1 35  ? 12.203  -4.230  6.935   1.00 28.09 ? 35  ALA A C   1 
ATOM   195  O  O   . ALA A 1 35  ? 12.135  -5.367  7.392   1.00 28.56 ? 35  ALA A O   1 
ATOM   196  C  CB  . ALA A 1 35  ? 12.025  -3.506  4.542   1.00 30.50 ? 35  ALA A CB  1 
ATOM   197  N  N   . SER A 1 36  ? 11.632  -3.186  7.517   1.00 27.12 ? 36  SER A N   1 
ATOM   198  C  CA  . SER A 1 36  ? 10.819  -3.346  8.711   1.00 27.80 ? 36  SER A CA  1 
ATOM   199  C  C   . SER A 1 36  ? 9.381   -3.086  8.277   1.00 28.43 ? 36  SER A C   1 
ATOM   200  O  O   . SER A 1 36  ? 9.125   -2.234  7.418   1.00 28.79 ? 36  SER A O   1 
ATOM   201  C  CB  . SER A 1 36  ? 11.248  -2.358  9.792   1.00 27.89 ? 36  SER A CB  1 
ATOM   202  O  OG  . SER A 1 36  ? 12.593  -2.593  10.163  1.00 29.50 ? 36  SER A OG  1 
ATOM   203  N  N   . ALA A 1 37  ? 8.443   -3.820  8.861   1.00 28.32 ? 37  ALA A N   1 
ATOM   204  C  CA  . ALA A 1 37  ? 7.051   -3.674  8.483   1.00 29.38 ? 37  ALA A CA  1 
ATOM   205  C  C   . ALA A 1 37  ? 6.106   -3.536  9.658   1.00 29.26 ? 37  ALA A C   1 
ATOM   206  O  O   . ALA A 1 37  ? 6.284   -4.168  10.702  1.00 30.36 ? 37  ALA A O   1 
ATOM   207  C  CB  . ALA A 1 37  ? 6.624   -4.863  7.609   1.00 28.42 ? 37  ALA A CB  1 
ATOM   208  N  N   . VAL A 1 38  ? 5.096   -2.695  9.465   1.00 26.74 ? 38  VAL A N   1 
ATOM   209  C  CA  . VAL A 1 38  ? 4.067   -2.455  10.461  1.00 24.55 ? 38  VAL A CA  1 
ATOM   210  C  C   . VAL A 1 38  ? 2.781   -2.972  9.820   1.00 24.90 ? 38  VAL A C   1 
ATOM   211  O  O   . VAL A 1 38  ? 2.348   -2.461  8.786   1.00 23.48 ? 38  VAL A O   1 
ATOM   212  C  CB  . VAL A 1 38  ? 3.915   -0.942  10.763  1.00 24.81 ? 38  VAL A CB  1 
ATOM   213  C  CG1 . VAL A 1 38  ? 2.812   -0.720  11.790  1.00 23.53 ? 38  VAL A CG1 1 
ATOM   214  C  CG2 . VAL A 1 38  ? 5.240   -0.364  11.257  1.00 23.85 ? 38  VAL A CG2 1 
ATOM   215  N  N   . LEU A 1 39  ? 2.194   -4.008  10.409  1.00 24.64 ? 39  LEU A N   1 
ATOM   216  C  CA  . LEU A 1 39  ? 0.963   -4.571  9.874   1.00 23.90 ? 39  LEU A CA  1 
ATOM   217  C  C   . LEU A 1 39  ? -0.191  -3.790  10.473  1.00 24.37 ? 39  LEU A C   1 
ATOM   218  O  O   . LEU A 1 39  ? -0.454  -3.871  11.672  1.00 24.42 ? 39  LEU A O   1 
ATOM   219  C  CB  . LEU A 1 39  ? 0.838   -6.056  10.233  1.00 23.42 ? 39  LEU A CB  1 
ATOM   220  C  CG  . LEU A 1 39  ? 2.027   -6.967  9.892   1.00 21.71 ? 39  LEU A CG  1 
ATOM   221  C  CD1 . LEU A 1 39  ? 1.662   -8.410  10.231  1.00 22.75 ? 39  LEU A CD1 1 
ATOM   222  C  CD2 . LEU A 1 39  ? 2.398   -6.848  8.422   1.00 19.92 ? 39  LEU A CD2 1 
ATOM   223  N  N   . LEU A 1 40  ? -0.860  -3.014  9.629   1.00 22.95 ? 40  LEU A N   1 
ATOM   224  C  CA  . LEU A 1 40  ? -1.988  -2.204  10.058  1.00 23.26 ? 40  LEU A CA  1 
ATOM   225  C  C   . LEU A 1 40  ? -3.267  -2.940  9.670   1.00 22.82 ? 40  LEU A C   1 
ATOM   226  O  O   . LEU A 1 40  ? -3.595  -3.071  8.489   1.00 21.97 ? 40  LEU A O   1 
ATOM   227  C  CB  . LEU A 1 40  ? -1.912  -0.826  9.388   1.00 22.45 ? 40  LEU A CB  1 
ATOM   228  C  CG  . LEU A 1 40  ? -2.832  0.290   9.901   1.00 27.07 ? 40  LEU A CG  1 
ATOM   229  C  CD1 . LEU A 1 40  ? -2.310  1.646   9.406   1.00 22.73 ? 40  LEU A CD1 1 
ATOM   230  C  CD2 . LEU A 1 40  ? -4.271  0.041   9.437   1.00 24.12 ? 40  LEU A CD2 1 
ATOM   231  N  N   . ASP A 1 41  ? -3.986  -3.436  10.670  1.00 23.54 ? 41  ASP A N   1 
ATOM   232  C  CA  . ASP A 1 41  ? -5.206  -4.176  10.401  1.00 25.09 ? 41  ASP A CA  1 
ATOM   233  C  C   . ASP A 1 41  ? -6.124  -4.158  11.610  1.00 25.06 ? 41  ASP A C   1 
ATOM   234  O  O   . ASP A 1 41  ? -5.726  -3.761  12.705  1.00 24.72 ? 41  ASP A O   1 
ATOM   235  C  CB  . ASP A 1 41  ? -4.867  -5.625  10.031  1.00 25.64 ? 41  ASP A CB  1 
ATOM   236  C  CG  . ASP A 1 41  ? -5.790  -6.184  8.966   1.00 28.04 ? 41  ASP A CG  1 
ATOM   237  O  OD1 . ASP A 1 41  ? -7.022  -6.004  9.089   1.00 29.14 ? 41  ASP A OD1 1 
ATOM   238  O  OD2 . ASP A 1 41  ? -5.280  -6.805  8.009   1.00 27.15 ? 41  ASP A OD2 1 
ATOM   239  N  N   . LEU A 1 42  ? -7.358  -4.596  11.395  1.00 27.02 ? 42  LEU A N   1 
ATOM   240  C  CA  . LEU A 1 42  ? -8.362  -4.627  12.446  1.00 30.21 ? 42  LEU A CA  1 
ATOM   241  C  C   . LEU A 1 42  ? -7.980  -5.532  13.610  1.00 31.05 ? 42  LEU A C   1 
ATOM   242  O  O   . LEU A 1 42  ? -7.240  -6.504  13.439  1.00 31.06 ? 42  LEU A O   1 
ATOM   243  C  CB  . LEU A 1 42  ? -9.699  -5.104  11.878  1.00 30.06 ? 42  LEU A CB  1 
ATOM   244  C  CG  . LEU A 1 42  ? -10.373 -4.256  10.798  1.00 32.59 ? 42  LEU A CG  1 
ATOM   245  C  CD1 . LEU A 1 42  ? -11.563 -5.027  10.232  1.00 32.48 ? 42  LEU A CD1 1 
ATOM   246  C  CD2 . LEU A 1 42  ? -10.819 -2.916  11.376  1.00 30.21 ? 42  LEU A CD2 1 
ATOM   247  N  N   . PRO A 1 43  ? -8.472  -5.211  14.818  1.00 33.17 ? 43  PRO A N   1 
ATOM   248  C  CA  . PRO A 1 43  ? -8.173  -6.029  15.998  1.00 34.10 ? 43  PRO A CA  1 
ATOM   249  C  C   . PRO A 1 43  ? -8.817  -7.388  15.733  1.00 35.62 ? 43  PRO A C   1 
ATOM   250  O  O   . PRO A 1 43  ? -9.898  -7.452  15.146  1.00 36.07 ? 43  PRO A O   1 
ATOM   251  C  CB  . PRO A 1 43  ? -8.884  -5.286  17.134  1.00 32.80 ? 43  PRO A CB  1 
ATOM   252  C  CG  . PRO A 1 43  ? -8.934  -3.862  16.653  1.00 33.87 ? 43  PRO A CG  1 
ATOM   253  C  CD  . PRO A 1 43  ? -9.258  -4.019  15.184  1.00 33.69 ? 43  PRO A CD  1 
ATOM   254  N  N   . ASN A 1 44  ? -8.161  -8.464  16.152  1.00 36.88 ? 44  ASN A N   1 
ATOM   255  C  CA  . ASN A 1 44  ? -8.692  -9.812  15.953  1.00 38.07 ? 44  ASN A CA  1 
ATOM   256  C  C   . ASN A 1 44  ? -8.674  -10.239 14.490  1.00 37.23 ? 44  ASN A C   1 
ATOM   257  O  O   . ASN A 1 44  ? -9.423  -11.130 14.085  1.00 37.02 ? 44  ASN A O   1 
ATOM   258  C  CB  . ASN A 1 44  ? -10.123 -9.919  16.491  1.00 41.06 ? 44  ASN A CB  1 
ATOM   259  C  CG  . ASN A 1 44  ? -10.223 -9.544  17.953  1.00 45.23 ? 44  ASN A CG  1 
ATOM   260  O  OD1 . ASN A 1 44  ? -9.491  -10.072 18.795  1.00 47.63 ? 44  ASN A OD1 1 
ATOM   261  N  ND2 . ASN A 1 44  ? -11.133 -8.628  18.268  1.00 46.79 ? 44  ASN A ND2 1 
ATOM   262  N  N   . SER A 1 45  ? -7.827  -9.594  13.698  1.00 35.27 ? 45  SER A N   1 
ATOM   263  C  CA  . SER A 1 45  ? -7.695  -9.938  12.287  1.00 33.47 ? 45  SER A CA  1 
ATOM   264  C  C   . SER A 1 45  ? -6.640  -11.038 12.163  1.00 33.18 ? 45  SER A C   1 
ATOM   265  O  O   . SER A 1 45  ? -6.509  -11.680 11.123  1.00 32.82 ? 45  SER A O   1 
ATOM   266  C  CB  . SER A 1 45  ? -7.246  -8.714  11.485  1.00 33.25 ? 45  SER A CB  1 
ATOM   267  O  OG  . SER A 1 45  ? -5.993  -8.234  11.946  1.00 30.02 ? 45  SER A OG  1 
ATOM   268  N  N   . GLY A 1 46  ? -5.893  -11.254 13.239  1.00 32.82 ? 46  GLY A N   1 
ATOM   269  C  CA  . GLY A 1 46  ? -4.845  -12.256 13.215  1.00 33.23 ? 46  GLY A CA  1 
ATOM   270  C  C   . GLY A 1 46  ? -3.523  -11.574 12.926  1.00 33.09 ? 46  GLY A C   1 
ATOM   271  O  O   . GLY A 1 46  ? -2.493  -12.227 12.734  1.00 33.10 ? 46  GLY A O   1 
ATOM   272  N  N   . GLY A 1 47  ? -3.560  -10.245 12.893  1.00 31.53 ? 47  GLY A N   1 
ATOM   273  C  CA  . GLY A 1 47  ? -2.363  -9.472  12.635  1.00 31.72 ? 47  GLY A CA  1 
ATOM   274  C  C   . GLY A 1 47  ? -1.357  -9.577  13.764  1.00 31.37 ? 47  GLY A C   1 
ATOM   275  O  O   . GLY A 1 47  ? -0.155  -9.500  13.530  1.00 30.05 ? 47  GLY A O   1 
ATOM   276  N  N   . GLU A 1 48  ? -1.834  -9.754  14.992  1.00 32.52 ? 48  GLU A N   1 
ATOM   277  C  CA  . GLU A 1 48  ? -0.925  -9.858  16.125  1.00 35.27 ? 48  GLU A CA  1 
ATOM   278  C  C   . GLU A 1 48  ? -0.060  -11.109 15.992  1.00 34.61 ? 48  GLU A C   1 
ATOM   279  O  O   . GLU A 1 48  ? 1.154   -11.054 16.190  1.00 33.59 ? 48  GLU A O   1 
ATOM   280  C  CB  . GLU A 1 48  ? -1.699  -9.898  17.441  1.00 38.28 ? 48  GLU A CB  1 
ATOM   281  C  CG  . GLU A 1 48  ? -0.800  -9.798  18.664  1.00 45.29 ? 48  GLU A CG  1 
ATOM   282  C  CD  . GLU A 1 48  ? -1.561  -9.946  19.965  1.00 50.68 ? 48  GLU A CD  1 
ATOM   283  O  OE1 . GLU A 1 48  ? -2.498  -9.152  20.208  1.00 53.72 ? 48  GLU A OE1 1 
ATOM   284  O  OE2 . GLU A 1 48  ? -1.219  -10.859 20.750  1.00 53.92 ? 48  GLU A OE2 1 
ATOM   285  N  N   . ALA A 1 49  ? -0.684  -12.228 15.640  1.00 34.24 ? 49  ALA A N   1 
ATOM   286  C  CA  . ALA A 1 49  ? 0.039   -13.485 15.476  1.00 33.00 ? 49  ALA A CA  1 
ATOM   287  C  C   . ALA A 1 49  ? 1.016   -13.407 14.313  1.00 32.17 ? 49  ALA A C   1 
ATOM   288  O  O   . ALA A 1 49  ? 2.150   -13.875 14.414  1.00 33.18 ? 49  ALA A O   1 
ATOM   289  C  CB  . ALA A 1 49  ? -0.938  -14.631 15.248  1.00 32.61 ? 49  ALA A CB  1 
ATOM   290  N  N   . GLN A 1 50  ? 0.576   -12.823 13.203  1.00 30.70 ? 50  GLN A N   1 
ATOM   291  C  CA  . GLN A 1 50  ? 1.435   -12.708 12.035  1.00 30.18 ? 50  GLN A CA  1 
ATOM   292  C  C   . GLN A 1 50  ? 2.638   -11.814 12.311  1.00 28.34 ? 50  GLN A C   1 
ATOM   293  O  O   . GLN A 1 50  ? 3.758   -12.142 11.929  1.00 27.26 ? 50  GLN A O   1 
ATOM   294  C  CB  . GLN A 1 50  ? 0.651   -12.162 10.838  1.00 31.72 ? 50  GLN A CB  1 
ATOM   295  C  CG  . GLN A 1 50  ? -0.450  -13.081 10.340  1.00 35.84 ? 50  GLN A CG  1 
ATOM   296  C  CD  . GLN A 1 50  ? 0.048   -14.480 10.029  1.00 37.72 ? 50  GLN A CD  1 
ATOM   297  O  OE1 . GLN A 1 50  ? 1.040   -14.661 9.321   1.00 38.28 ? 50  GLN A OE1 1 
ATOM   298  N  NE2 . GLN A 1 50  ? -0.645  -15.481 10.555  1.00 39.04 ? 50  GLN A NE2 1 
ATOM   299  N  N   . ALA A 1 51  ? 2.413   -10.683 12.972  1.00 26.82 ? 51  ALA A N   1 
ATOM   300  C  CA  . ALA A 1 51  ? 3.518   -9.784  13.273  1.00 27.76 ? 51  ALA A CA  1 
ATOM   301  C  C   . ALA A 1 51  ? 4.535   -10.541 14.124  1.00 28.64 ? 51  ALA A C   1 
ATOM   302  O  O   . ALA A 1 51  ? 5.737   -10.438 13.900  1.00 25.47 ? 51  ALA A O   1 
ATOM   303  C  CB  . ALA A 1 51  ? 3.018   -8.546  14.014  1.00 25.18 ? 51  ALA A CB  1 
ATOM   304  N  N   . LYS A 1 52  ? 4.043   -11.316 15.085  1.00 30.95 ? 52  LYS A N   1 
ATOM   305  C  CA  . LYS A 1 52  ? 4.920   -12.087 15.958  1.00 34.51 ? 52  LYS A CA  1 
ATOM   306  C  C   . LYS A 1 52  ? 5.783   -13.050 15.139  1.00 34.90 ? 52  LYS A C   1 
ATOM   307  O  O   . LYS A 1 52  ? 7.007   -13.065 15.269  1.00 34.14 ? 52  LYS A O   1 
ATOM   308  C  CB  . LYS A 1 52  ? 4.088   -12.859 16.993  1.00 36.80 ? 52  LYS A CB  1 
ATOM   309  C  CG  . LYS A 1 52  ? 4.913   -13.541 18.078  1.00 40.64 ? 52  LYS A CG  1 
ATOM   310  C  CD  . LYS A 1 52  ? 4.053   -13.986 19.260  1.00 43.01 ? 52  LYS A CD  1 
ATOM   311  C  CE  . LYS A 1 52  ? 4.916   -14.635 20.347  1.00 46.40 ? 52  LYS A CE  1 
ATOM   312  N  NZ  . LYS A 1 52  ? 4.194   -14.845 21.639  1.00 47.80 ? 52  LYS A NZ  1 
ATOM   313  N  N   . LYS A 1 53  ? 5.140   -13.830 14.276  1.00 34.74 ? 53  LYS A N   1 
ATOM   314  C  CA  . LYS A 1 53  ? 5.842   -14.801 13.442  1.00 35.68 ? 53  LYS A CA  1 
ATOM   315  C  C   . LYS A 1 53  ? 6.852   -14.206 12.462  1.00 34.62 ? 53  LYS A C   1 
ATOM   316  O  O   . LYS A 1 53  ? 7.807   -14.879 12.067  1.00 33.98 ? 53  LYS A O   1 
ATOM   317  C  CB  . LYS A 1 53  ? 4.831   -15.654 12.668  1.00 37.16 ? 53  LYS A CB  1 
ATOM   318  C  CG  . LYS A 1 53  ? 3.992   -16.568 13.549  1.00 43.07 ? 53  LYS A CG  1 
ATOM   319  C  CD  . LYS A 1 53  ? 3.049   -17.429 12.718  1.00 46.73 ? 53  LYS A CD  1 
ATOM   320  C  CE  . LYS A 1 53  ? 2.232   -18.374 13.595  1.00 49.62 ? 53  LYS A CE  1 
ATOM   321  N  NZ  . LYS A 1 53  ? 3.079   -19.385 14.292  1.00 51.56 ? 53  LYS A NZ  1 
ATOM   322  N  N   . LEU A 1 54  ? 6.648   -12.956 12.061  1.00 33.26 ? 54  LEU A N   1 
ATOM   323  C  CA  . LEU A 1 54  ? 7.562   -12.324 11.119  1.00 32.17 ? 54  LEU A CA  1 
ATOM   324  C  C   . LEU A 1 54  ? 8.872   -11.836 11.733  1.00 31.17 ? 54  LEU A C   1 
ATOM   325  O  O   . LEU A 1 54  ? 9.782   -11.442 11.008  1.00 31.45 ? 54  LEU A O   1 
ATOM   326  C  CB  . LEU A 1 54  ? 6.862   -11.171 10.388  1.00 33.06 ? 54  LEU A CB  1 
ATOM   327  C  CG  . LEU A 1 54  ? 5.927   -11.609 9.253   1.00 34.13 ? 54  LEU A CG  1 
ATOM   328  C  CD1 . LEU A 1 54  ? 5.210   -10.410 8.666   1.00 31.46 ? 54  LEU A CD1 1 
ATOM   329  C  CD2 . LEU A 1 54  ? 6.743   -12.319 8.174   1.00 34.35 ? 54  LEU A CD2 1 
ATOM   330  N  N   . GLY A 1 55  ? 8.969   -11.860 13.061  1.00 30.72 ? 55  GLY A N   1 
ATOM   331  C  CA  . GLY A 1 55  ? 10.197  -11.431 13.718  1.00 31.70 ? 55  GLY A CA  1 
ATOM   332  C  C   . GLY A 1 55  ? 10.190  -10.026 14.302  1.00 32.27 ? 55  GLY A C   1 
ATOM   333  O  O   . GLY A 1 55  ? 9.239   -9.268  14.122  1.00 29.05 ? 55  GLY A O   1 
ATOM   334  N  N   . ASN A 1 56  ? 11.270  -9.668  14.993  1.00 33.14 ? 56  ASN A N   1 
ATOM   335  C  CA  . ASN A 1 56  ? 11.355  -8.356  15.617  1.00 32.99 ? 56  ASN A CA  1 
ATOM   336  C  C   . ASN A 1 56  ? 11.438  -7.171  14.653  1.00 32.48 ? 56  ASN A C   1 
ATOM   337  O  O   . ASN A 1 56  ? 11.555  -6.030  15.089  1.00 31.55 ? 56  ASN A O   1 
ATOM   338  C  CB  . ASN A 1 56  ? 12.520  -8.301  16.612  1.00 34.47 ? 56  ASN A CB  1 
ATOM   339  C  CG  . ASN A 1 56  ? 13.841  -8.701  15.997  1.00 37.07 ? 56  ASN A CG  1 
ATOM   340  O  OD1 . ASN A 1 56  ? 14.037  -8.603  14.786  1.00 37.59 ? 56  ASN A OD1 1 
ATOM   341  N  ND2 . ASN A 1 56  ? 14.770  -9.141  16.840  1.00 40.48 ? 56  ASN A ND2 1 
ATOM   342  N  N   . ASN A 1 57  ? 11.388  -7.435  13.350  1.00 32.64 ? 57  ASN A N   1 
ATOM   343  C  CA  . ASN A 1 57  ? 11.404  -6.352  12.365  1.00 34.18 ? 57  ASN A CA  1 
ATOM   344  C  C   . ASN A 1 57  ? 9.978   -6.130  11.854  1.00 33.02 ? 57  ASN A C   1 
ATOM   345  O  O   . ASN A 1 57  ? 9.771   -5.532  10.796  1.00 31.50 ? 57  ASN A O   1 
ATOM   346  C  CB  . ASN A 1 57  ? 12.309  -6.685  11.177  1.00 35.17 ? 57  ASN A CB  1 
ATOM   347  C  CG  . ASN A 1 57  ? 13.774  -6.763  11.560  1.00 39.19 ? 57  ASN A CG  1 
ATOM   348  O  OD1 . ASN A 1 57  ? 14.298  -5.872  12.229  1.00 37.85 ? 57  ASN A OD1 1 
ATOM   349  N  ND2 . ASN A 1 57  ? 14.446  -7.826  11.127  1.00 39.04 ? 57  ASN A ND2 1 
ATOM   350  N  N   . CYS A 1 58  ? 9.001   -6.615  12.615  1.00 31.38 ? 58  CYS A N   1 
ATOM   351  C  CA  . CYS A 1 58  ? 7.597   -6.482  12.240  1.00 31.32 ? 58  CYS A CA  1 
ATOM   352  C  C   . CYS A 1 58  ? 6.724   -6.283  13.469  1.00 30.51 ? 58  CYS A C   1 
ATOM   353  O  O   . CYS A 1 58  ? 6.894   -6.978  14.459  1.00 32.12 ? 58  CYS A O   1 
ATOM   354  C  CB  . CYS A 1 58  ? 7.140   -7.743  11.491  1.00 30.95 ? 58  CYS A CB  1 
ATOM   355  S  SG  . CYS A 1 58  ? 5.472   -7.664  10.792  1.00 31.28 ? 58  CYS A SG  1 
ATOM   356  N  N   . VAL A 1 59  ? 5.807   -5.321  13.419  1.00 29.19 ? 59  VAL A N   1 
ATOM   357  C  CA  . VAL A 1 59  ? 4.905   -5.093  14.543  1.00 29.90 ? 59  VAL A CA  1 
ATOM   358  C  C   . VAL A 1 59  ? 3.466   -4.974  14.047  1.00 29.06 ? 59  VAL A C   1 
ATOM   359  O  O   . VAL A 1 59  ? 3.225   -4.698  12.872  1.00 28.40 ? 59  VAL A O   1 
ATOM   360  C  CB  . VAL A 1 59  ? 5.287   -3.827  15.353  1.00 31.36 ? 59  VAL A CB  1 
ATOM   361  C  CG1 . VAL A 1 59  ? 6.704   -3.973  15.901  1.00 33.08 ? 59  VAL A CG1 1 
ATOM   362  C  CG2 . VAL A 1 59  ? 5.168   -2.584  14.485  1.00 31.93 ? 59  VAL A CG2 1 
ATOM   363  N  N   . PHE A 1 60  ? 2.513   -5.197  14.941  1.00 28.75 ? 60  PHE A N   1 
ATOM   364  C  CA  . PHE A 1 60  ? 1.103   -5.130  14.579  1.00 29.71 ? 60  PHE A CA  1 
ATOM   365  C  C   . PHE A 1 60  ? 0.458   -3.864  15.117  1.00 29.60 ? 60  PHE A C   1 
ATOM   366  O  O   . PHE A 1 60  ? 0.542   -3.577  16.310  1.00 29.07 ? 60  PHE A O   1 
ATOM   367  C  CB  . PHE A 1 60  ? 0.367   -6.363  15.121  1.00 28.40 ? 60  PHE A CB  1 
ATOM   368  C  CG  . PHE A 1 60  ? -1.135  -6.273  15.019  1.00 29.46 ? 60  PHE A CG  1 
ATOM   369  C  CD1 . PHE A 1 60  ? -1.755  -6.052  13.792  1.00 29.18 ? 60  PHE A CD1 1 
ATOM   370  C  CD2 . PHE A 1 60  ? -1.931  -6.464  16.148  1.00 28.84 ? 60  PHE A CD2 1 
ATOM   371  C  CE1 . PHE A 1 60  ? -3.150  -6.005  13.690  1.00 29.10 ? 60  PHE A CE1 1 
ATOM   372  C  CE2 . PHE A 1 60  ? -3.329  -6.421  16.061  1.00 28.59 ? 60  PHE A CE2 1 
ATOM   373  C  CZ  . PHE A 1 60  ? -3.939  -6.201  14.828  1.00 28.83 ? 60  PHE A CZ  1 
ATOM   374  N  N   . ALA A 1 61  ? -0.174  -3.103  14.229  1.00 28.68 ? 61  ALA A N   1 
ATOM   375  C  CA  . ALA A 1 61  ? -0.849  -1.876  14.628  1.00 28.06 ? 61  ALA A CA  1 
ATOM   376  C  C   . ALA A 1 61  ? -2.348  -2.068  14.447  1.00 27.38 ? 61  ALA A C   1 
ATOM   377  O  O   . ALA A 1 61  ? -2.875  -1.940  13.341  1.00 25.36 ? 61  ALA A O   1 
ATOM   378  C  CB  . ALA A 1 61  ? -0.365  -0.703  13.790  1.00 26.17 ? 61  ALA A CB  1 
ATOM   379  N  N   . PRO A 1 62  ? -3.054  -2.401  15.536  1.00 27.20 ? 62  PRO A N   1 
ATOM   380  C  CA  . PRO A 1 62  ? -4.501  -2.608  15.462  1.00 26.78 ? 62  PRO A CA  1 
ATOM   381  C  C   . PRO A 1 62  ? -5.187  -1.303  15.072  1.00 29.04 ? 62  PRO A C   1 
ATOM   382  O  O   . PRO A 1 62  ? -4.998  -0.280  15.733  1.00 29.66 ? 62  PRO A O   1 
ATOM   383  C  CB  . PRO A 1 62  ? -4.857  -3.066  16.878  1.00 26.36 ? 62  PRO A CB  1 
ATOM   384  C  CG  . PRO A 1 62  ? -3.851  -2.327  17.733  1.00 28.04 ? 62  PRO A CG  1 
ATOM   385  C  CD  . PRO A 1 62  ? -2.570  -2.474  16.928  1.00 28.19 ? 62  PRO A CD  1 
ATOM   386  N  N   . ALA A 1 63  ? -5.967  -1.337  13.992  1.00 27.67 ? 63  ALA A N   1 
ATOM   387  C  CA  . ALA A 1 63  ? -6.653  -0.137  13.527  1.00 28.46 ? 63  ALA A CA  1 
ATOM   388  C  C   . ALA A 1 63  ? -7.570  -0.365  12.333  1.00 27.76 ? 63  ALA A C   1 
ATOM   389  O  O   . ALA A 1 63  ? -7.389  -1.299  11.555  1.00 27.98 ? 63  ALA A O   1 
ATOM   390  C  CB  . ALA A 1 63  ? -5.625  0.931   13.171  1.00 27.52 ? 63  ALA A CB  1 
ATOM   391  N  N   . ASP A 1 64  ? -8.564  0.508   12.209  1.00 28.67 ? 64  ASP A N   1 
ATOM   392  C  CA  . ASP A 1 64  ? -9.496  0.472   11.093  1.00 30.02 ? 64  ASP A CA  1 
ATOM   393  C  C   . ASP A 1 64  ? -8.980  1.568   10.164  1.00 25.36 ? 64  ASP A C   1 
ATOM   394  O  O   . ASP A 1 64  ? -8.932  2.737   10.554  1.00 22.73 ? 64  ASP A O   1 
ATOM   395  C  CB  . ASP A 1 64  ? -10.912 0.823   11.556  1.00 38.72 ? 64  ASP A CB  1 
ATOM   396  C  CG  . ASP A 1 64  ? -11.294 0.125   12.846  1.00 48.11 ? 64  ASP A CG  1 
ATOM   397  O  OD1 . ASP A 1 64  ? -10.627 0.386   13.873  1.00 54.01 ? 64  ASP A OD1 1 
ATOM   398  O  OD2 . ASP A 1 64  ? -12.256 -0.681  12.839  1.00 53.48 ? 64  ASP A OD2 1 
ATOM   399  N  N   . VAL A 1 65  ? -8.581  1.197   8.950   1.00 24.08 ? 65  VAL A N   1 
ATOM   400  C  CA  . VAL A 1 65  ? -8.057  2.172   7.998   1.00 24.15 ? 65  VAL A CA  1 
ATOM   401  C  C   . VAL A 1 65  ? -8.997  3.317   7.631   1.00 21.37 ? 65  VAL A C   1 
ATOM   402  O  O   . VAL A 1 65  ? -8.535  4.353   7.159   1.00 20.94 ? 65  VAL A O   1 
ATOM   403  C  CB  . VAL A 1 65  ? -7.605  1.517   6.666   1.00 23.75 ? 65  VAL A CB  1 
ATOM   404  C  CG1 . VAL A 1 65  ? -6.287  0.837   6.847   1.00 28.15 ? 65  VAL A CG1 1 
ATOM   405  C  CG2 . VAL A 1 65  ? -8.651  0.545   6.179   1.00 25.70 ? 65  VAL A CG2 1 
ATOM   406  N  N   . THR A 1 66  ? -10.302 3.141   7.824   1.00 20.10 ? 66  THR A N   1 
ATOM   407  C  CA  . THR A 1 66  ? -11.233 4.210   7.479   1.00 22.19 ? 66  THR A CA  1 
ATOM   408  C  C   . THR A 1 66  ? -11.326 5.245   8.592   1.00 22.94 ? 66  THR A C   1 
ATOM   409  O  O   . THR A 1 66  ? -12.036 6.242   8.471   1.00 25.23 ? 66  THR A O   1 
ATOM   410  C  CB  . THR A 1 66  ? -12.653 3.675   7.169   1.00 21.76 ? 66  THR A CB  1 
ATOM   411  O  OG1 . THR A 1 66  ? -13.217 3.073   8.341   1.00 22.83 ? 66  THR A OG1 1 
ATOM   412  C  CG2 . THR A 1 66  ? -12.598 2.641   6.037   1.00 20.94 ? 66  THR A CG2 1 
ATOM   413  N  N   . SER A 1 67  ? -10.598 5.010   9.676   1.00 21.02 ? 67  SER A N   1 
ATOM   414  C  CA  . SER A 1 67  ? -10.607 5.934   10.799  1.00 21.72 ? 67  SER A CA  1 
ATOM   415  C  C   . SER A 1 67  ? -9.292  6.692   10.881  1.00 22.66 ? 67  SER A C   1 
ATOM   416  O  O   . SER A 1 67  ? -8.228  6.099   11.099  1.00 23.42 ? 67  SER A O   1 
ATOM   417  C  CB  . SER A 1 67  ? -10.844 5.180   12.110  1.00 23.35 ? 67  SER A CB  1 
ATOM   418  O  OG  . SER A 1 67  ? -10.546 6.004   13.224  1.00 23.05 ? 67  SER A OG  1 
ATOM   419  N  N   . GLU A 1 68  ? -9.376  8.005   10.696  1.00 23.03 ? 68  GLU A N   1 
ATOM   420  C  CA  . GLU A 1 68  ? -8.217  8.882   10.761  1.00 26.04 ? 68  GLU A CA  1 
ATOM   421  C  C   . GLU A 1 68  ? -7.478  8.747   12.093  1.00 23.84 ? 68  GLU A C   1 
ATOM   422  O  O   . GLU A 1 68  ? -6.250  8.648   12.125  1.00 23.27 ? 68  GLU A O   1 
ATOM   423  C  CB  . GLU A 1 68  ? -8.655  10.335  10.584  1.00 30.29 ? 68  GLU A CB  1 
ATOM   424  C  CG  . GLU A 1 68  ? -7.574  11.340  10.927  1.00 39.02 ? 68  GLU A CG  1 
ATOM   425  C  CD  . GLU A 1 68  ? -8.072  12.766  10.865  1.00 46.29 ? 68  GLU A CD  1 
ATOM   426  O  OE1 . GLU A 1 68  ? -8.951  13.112  11.683  1.00 49.21 ? 68  GLU A OE1 1 
ATOM   427  O  OE2 . GLU A 1 68  ? -7.590  13.533  9.998   1.00 47.79 ? 68  GLU A OE2 1 
ATOM   428  N  N   . LYS A 1 69  ? -8.231  8.768   13.189  1.00 23.25 ? 69  LYS A N   1 
ATOM   429  C  CA  . LYS A 1 69  ? -7.638  8.658   14.516  1.00 27.14 ? 69  LYS A CA  1 
ATOM   430  C  C   . LYS A 1 69  ? -6.914  7.326   14.711  1.00 26.03 ? 69  LYS A C   1 
ATOM   431  O  O   . LYS A 1 69  ? -5.848  7.281   15.326  1.00 26.81 ? 69  LYS A O   1 
ATOM   432  C  CB  . LYS A 1 69  ? -8.708  8.846   15.597  1.00 28.39 ? 69  LYS A CB  1 
ATOM   433  C  CG  . LYS A 1 69  ? -9.328  10.243  15.622  1.00 29.38 ? 69  LYS A CG  1 
ATOM   434  C  CD  . LYS A 1 69  ? -10.307 10.386  16.786  1.00 32.92 ? 69  LYS A CD  1 
ATOM   435  C  CE  . LYS A 1 69  ? -11.048 11.718  16.749  1.00 33.86 ? 69  LYS A CE  1 
ATOM   436  N  NZ  . LYS A 1 69  ? -10.109 12.866  16.771  1.00 34.30 ? 69  LYS A NZ  1 
ATOM   437  N  N   . ASP A 1 70  ? -7.486  6.246   14.185  1.00 26.09 ? 70  ASP A N   1 
ATOM   438  C  CA  . ASP A 1 70  ? -6.858  4.931   14.300  1.00 25.69 ? 70  ASP A CA  1 
ATOM   439  C  C   . ASP A 1 70  ? -5.563  4.877   13.496  1.00 25.74 ? 70  ASP A C   1 
ATOM   440  O  O   . ASP A 1 70  ? -4.578  4.290   13.932  1.00 26.12 ? 70  ASP A O   1 
ATOM   441  C  CB  . ASP A 1 70  ? -7.804  3.834   13.799  1.00 26.25 ? 70  ASP A CB  1 
ATOM   442  C  CG  . ASP A 1 70  ? -8.831  3.424   14.839  1.00 26.89 ? 70  ASP A CG  1 
ATOM   443  O  OD1 . ASP A 1 70  ? -8.993  4.144   15.850  1.00 28.49 ? 70  ASP A OD1 1 
ATOM   444  O  OD2 . ASP A 1 70  ? -9.480  2.377   14.635  1.00 25.27 ? 70  ASP A OD2 1 
ATOM   445  N  N   . VAL A 1 71  ? -5.564  5.486   12.315  1.00 25.21 ? 71  VAL A N   1 
ATOM   446  C  CA  . VAL A 1 71  ? -4.370  5.489   11.481  1.00 24.56 ? 71  VAL A CA  1 
ATOM   447  C  C   . VAL A 1 71  ? -3.271  6.334   12.130  1.00 25.45 ? 71  VAL A C   1 
ATOM   448  O  O   . VAL A 1 71  ? -2.091  5.989   12.036  1.00 24.32 ? 71  VAL A O   1 
ATOM   449  C  CB  . VAL A 1 71  ? -4.688  6.002   10.048  1.00 24.13 ? 71  VAL A CB  1 
ATOM   450  C  CG1 . VAL A 1 71  ? -3.402  6.171   9.242   1.00 21.60 ? 71  VAL A CG1 1 
ATOM   451  C  CG2 . VAL A 1 71  ? -5.611  5.004   9.339   1.00 22.68 ? 71  VAL A CG2 1 
ATOM   452  N  N   . GLN A 1 72  ? -3.656  7.431   12.788  1.00 24.95 ? 72  GLN A N   1 
ATOM   453  C  CA  . GLN A 1 72  ? -2.685  8.291   13.476  1.00 28.47 ? 72  GLN A CA  1 
ATOM   454  C  C   . GLN A 1 72  ? -1.996  7.472   14.566  1.00 27.79 ? 72  GLN A C   1 
ATOM   455  O  O   . GLN A 1 72  ? -0.779  7.538   14.726  1.00 27.89 ? 72  GLN A O   1 
ATOM   456  C  CB  . GLN A 1 72  ? -3.374  9.511   14.112  1.00 28.55 ? 72  GLN A CB  1 
ATOM   457  C  CG  . GLN A 1 72  ? -3.662  10.652  13.136  1.00 34.61 ? 72  GLN A CG  1 
ATOM   458  C  CD  . GLN A 1 72  ? -4.550  11.750  13.724  1.00 38.00 ? 72  GLN A CD  1 
ATOM   459  O  OE1 . GLN A 1 72  ? -4.796  12.772  13.083  1.00 38.89 ? 72  GLN A OE1 1 
ATOM   460  N  NE2 . GLN A 1 72  ? -5.039  11.536  14.942  1.00 40.95 ? 72  GLN A NE2 1 
ATOM   461  N  N   . THR A 1 73  ? -2.788  6.704   15.311  1.00 27.05 ? 73  THR A N   1 
ATOM   462  C  CA  . THR A 1 73  ? -2.263  5.856   16.378  1.00 27.53 ? 73  THR A CA  1 
ATOM   463  C  C   . THR A 1 73  ? -1.313  4.807   15.790  1.00 26.80 ? 73  THR A C   1 
ATOM   464  O  O   . THR A 1 73  ? -0.286  4.475   16.385  1.00 27.19 ? 73  THR A O   1 
ATOM   465  C  CB  . THR A 1 73  ? -3.404  5.126   17.125  1.00 29.22 ? 73  THR A CB  1 
ATOM   466  O  OG1 . THR A 1 73  ? -4.276  6.088   17.730  1.00 29.97 ? 73  THR A OG1 1 
ATOM   467  C  CG2 . THR A 1 73  ? -2.843  4.214   18.204  1.00 30.20 ? 73  THR A CG2 1 
ATOM   468  N  N   . ALA A 1 74  ? -1.660  4.292   14.614  1.00 25.05 ? 74  ALA A N   1 
ATOM   469  C  CA  . ALA A 1 74  ? -0.838  3.287   13.955  1.00 23.61 ? 74  ALA A CA  1 
ATOM   470  C  C   . ALA A 1 74  ? 0.495   3.869   13.479  1.00 23.12 ? 74  ALA A C   1 
ATOM   471  O  O   . ALA A 1 74  ? 1.538   3.215   13.580  1.00 24.04 ? 74  ALA A O   1 
ATOM   472  C  CB  . ALA A 1 74  ? -1.600  2.687   12.786  1.00 21.27 ? 74  ALA A CB  1 
ATOM   473  N  N   . LEU A 1 75  ? 0.464   5.093   12.958  1.00 22.59 ? 75  LEU A N   1 
ATOM   474  C  CA  . LEU A 1 75  ? 1.686   5.736   12.475  1.00 25.79 ? 75  LEU A CA  1 
ATOM   475  C  C   . LEU A 1 75  ? 2.574   6.114   13.658  1.00 24.90 ? 75  LEU A C   1 
ATOM   476  O  O   . LEU A 1 75  ? 3.799   6.067   13.565  1.00 25.03 ? 75  LEU A O   1 
ATOM   477  C  CB  . LEU A 1 75  ? 1.355   6.982   11.644  1.00 25.40 ? 75  LEU A CB  1 
ATOM   478  C  CG  . LEU A 1 75  ? 0.548   6.767   10.358  1.00 27.11 ? 75  LEU A CG  1 
ATOM   479  C  CD1 . LEU A 1 75  ? 0.306   8.109   9.676   1.00 26.93 ? 75  LEU A CD1 1 
ATOM   480  C  CD2 . LEU A 1 75  ? 1.297   5.825   9.425   1.00 27.54 ? 75  LEU A CD2 1 
ATOM   481  N  N   . ALA A 1 76  ? 1.949   6.489   14.769  1.00 25.45 ? 76  ALA A N   1 
ATOM   482  C  CA  . ALA A 1 76  ? 2.691   6.850   15.973  1.00 28.12 ? 76  ALA A CA  1 
ATOM   483  C  C   . ALA A 1 76  ? 3.394   5.597   16.501  1.00 28.33 ? 76  ALA A C   1 
ATOM   484  O  O   . ALA A 1 76  ? 4.529   5.662   16.970  1.00 30.22 ? 76  ALA A O   1 
ATOM   485  C  CB  . ALA A 1 76  ? 1.742   7.414   17.029  1.00 25.75 ? 76  ALA A CB  1 
ATOM   486  N  N   . LEU A 1 77  ? 2.717   4.456   16.419  1.00 28.45 ? 77  LEU A N   1 
ATOM   487  C  CA  . LEU A 1 77  ? 3.304   3.201   16.870  1.00 29.89 ? 77  LEU A CA  1 
ATOM   488  C  C   . LEU A 1 77  ? 4.502   2.867   15.982  1.00 29.03 ? 77  LEU A C   1 
ATOM   489  O  O   . LEU A 1 77  ? 5.549   2.452   16.473  1.00 29.06 ? 77  LEU A O   1 
ATOM   490  C  CB  . LEU A 1 77  ? 2.271   2.072   16.804  1.00 30.30 ? 77  LEU A CB  1 
ATOM   491  C  CG  . LEU A 1 77  ? 2.750   0.675   17.217  1.00 33.04 ? 77  LEU A CG  1 
ATOM   492  C  CD1 . LEU A 1 77  ? 3.212   0.687   18.672  1.00 33.45 ? 77  LEU A CD1 1 
ATOM   493  C  CD2 . LEU A 1 77  ? 1.618   -0.320  17.032  1.00 34.26 ? 77  LEU A CD2 1 
ATOM   494  N  N   . ALA A 1 78  ? 4.344   3.064   14.675  1.00 27.14 ? 78  ALA A N   1 
ATOM   495  C  CA  . ALA A 1 78  ? 5.412   2.790   13.716  1.00 28.00 ? 78  ALA A CA  1 
ATOM   496  C  C   . ALA A 1 78  ? 6.641   3.639   14.014  1.00 28.92 ? 78  ALA A C   1 
ATOM   497  O  O   . ALA A 1 78  ? 7.770   3.151   13.949  1.00 26.93 ? 78  ALA A O   1 
ATOM   498  C  CB  . ALA A 1 78  ? 4.928   3.059   12.289  1.00 25.97 ? 78  ALA A CB  1 
ATOM   499  N  N   . LYS A 1 79  ? 6.420   4.913   14.323  1.00 29.38 ? 79  LYS A N   1 
ATOM   500  C  CA  . LYS A 1 79  ? 7.515   5.819   14.641  1.00 32.89 ? 79  LYS A CA  1 
ATOM   501  C  C   . LYS A 1 79  ? 8.112   5.446   15.994  1.00 31.74 ? 79  LYS A C   1 
ATOM   502  O  O   . LYS A 1 79  ? 9.320   5.523   16.190  1.00 32.04 ? 79  LYS A O   1 
ATOM   503  C  CB  . LYS A 1 79  ? 7.020   7.271   14.663  1.00 34.66 ? 79  LYS A CB  1 
ATOM   504  C  CG  . LYS A 1 79  ? 6.690   7.829   13.280  1.00 38.90 ? 79  LYS A CG  1 
ATOM   505  C  CD  . LYS A 1 79  ? 5.875   9.116   13.360  1.00 41.65 ? 79  LYS A CD  1 
ATOM   506  C  CE  . LYS A 1 79  ? 6.654   10.244  14.020  1.00 44.08 ? 79  LYS A CE  1 
ATOM   507  N  NZ  . LYS A 1 79  ? 5.812   11.466  14.217  1.00 44.91 ? 79  LYS A NZ  1 
ATOM   508  N  N   . GLY A 1 80  ? 7.261   5.028   16.923  1.00 32.77 ? 80  GLY A N   1 
ATOM   509  C  CA  . GLY A 1 80  ? 7.741   4.647   18.236  1.00 33.52 ? 80  GLY A CA  1 
ATOM   510  C  C   . GLY A 1 80  ? 8.575   3.376   18.217  1.00 34.39 ? 80  GLY A C   1 
ATOM   511  O  O   . GLY A 1 80  ? 9.494   3.224   19.016  1.00 35.09 ? 80  GLY A O   1 
ATOM   512  N  N   . LYS A 1 81  ? 8.268   2.469   17.294  1.00 32.93 ? 81  LYS A N   1 
ATOM   513  C  CA  . LYS A 1 81  ? 8.990   1.206   17.197  1.00 32.47 ? 81  LYS A CA  1 
ATOM   514  C  C   . LYS A 1 81  ? 10.160  1.197   16.216  1.00 30.61 ? 81  LYS A C   1 
ATOM   515  O  O   . LYS A 1 81  ? 11.191  0.594   16.497  1.00 31.31 ? 81  LYS A O   1 
ATOM   516  C  CB  . LYS A 1 81  ? 8.025   0.072   16.822  1.00 35.81 ? 81  LYS A CB  1 
ATOM   517  C  CG  . LYS A 1 81  ? 6.923   -0.200  17.836  1.00 40.21 ? 81  LYS A CG  1 
ATOM   518  C  CD  . LYS A 1 81  ? 7.479   -0.736  19.150  1.00 44.09 ? 81  LYS A CD  1 
ATOM   519  C  CE  . LYS A 1 81  ? 6.349   -1.040  20.137  1.00 47.01 ? 81  LYS A CE  1 
ATOM   520  N  NZ  . LYS A 1 81  ? 6.848   -1.579  21.443  1.00 47.42 ? 81  LYS A NZ  1 
ATOM   521  N  N   . PHE A 1 82  ? 10.010  1.848   15.067  1.00 28.02 ? 82  PHE A N   1 
ATOM   522  C  CA  . PHE A 1 82  ? 11.086  1.851   14.080  1.00 26.42 ? 82  PHE A CA  1 
ATOM   523  C  C   . PHE A 1 82  ? 11.684  3.216   13.754  1.00 27.11 ? 82  PHE A C   1 
ATOM   524  O  O   . PHE A 1 82  ? 12.594  3.314   12.930  1.00 27.59 ? 82  PHE A O   1 
ATOM   525  C  CB  . PHE A 1 82  ? 10.614  1.165   12.791  1.00 25.31 ? 82  PHE A CB  1 
ATOM   526  C  CG  . PHE A 1 82  ? 10.239  -0.279  12.981  1.00 27.60 ? 82  PHE A CG  1 
ATOM   527  C  CD1 . PHE A 1 82  ? 11.169  -1.196  13.475  1.00 27.02 ? 82  PHE A CD1 1 
ATOM   528  C  CD2 . PHE A 1 82  ? 8.955   -0.723  12.681  1.00 26.75 ? 82  PHE A CD2 1 
ATOM   529  C  CE1 . PHE A 1 82  ? 10.820  -2.537  13.675  1.00 27.42 ? 82  PHE A CE1 1 
ATOM   530  C  CE2 . PHE A 1 82  ? 8.594   -2.064  12.878  1.00 28.43 ? 82  PHE A CE2 1 
ATOM   531  C  CZ  . PHE A 1 82  ? 9.530   -2.972  13.373  1.00 28.54 ? 82  PHE A CZ  1 
ATOM   532  N  N   . GLY A 1 83  ? 11.173  4.269   14.385  1.00 26.09 ? 83  GLY A N   1 
ATOM   533  C  CA  . GLY A 1 83  ? 11.727  5.590   14.149  1.00 28.21 ? 83  GLY A CA  1 
ATOM   534  C  C   . GLY A 1 83  ? 11.090  6.451   13.073  1.00 30.52 ? 83  GLY A C   1 
ATOM   535  O  O   . GLY A 1 83  ? 11.073  7.675   13.198  1.00 29.04 ? 83  GLY A O   1 
ATOM   536  N  N   . ARG A 1 84  ? 10.585  5.834   12.009  1.00 29.47 ? 84  ARG A N   1 
ATOM   537  C  CA  . ARG A 1 84  ? 9.952   6.605   10.945  1.00 31.80 ? 84  ARG A CA  1 
ATOM   538  C  C   . ARG A 1 84  ? 9.128   5.755   9.997   1.00 30.26 ? 84  ARG A C   1 
ATOM   539  O  O   . ARG A 1 84  ? 9.029   4.538   10.158  1.00 29.43 ? 84  ARG A O   1 
ATOM   540  C  CB  . ARG A 1 84  ? 11.005  7.365   10.136  1.00 33.47 ? 84  ARG A CB  1 
ATOM   541  C  CG  . ARG A 1 84  ? 12.166  6.514   9.692   1.00 38.43 ? 84  ARG A CG  1 
ATOM   542  C  CD  . ARG A 1 84  ? 12.927  7.153   8.541   1.00 41.30 ? 84  ARG A CD  1 
ATOM   543  N  NE  . ARG A 1 84  ? 14.264  6.589   8.402   1.00 46.14 ? 84  ARG A NE  1 
ATOM   544  C  CZ  . ARG A 1 84  ? 14.533  5.294   8.267   1.00 46.50 ? 84  ARG A CZ  1 
ATOM   545  N  NH1 . ARG A 1 84  ? 13.558  4.402   8.243   1.00 50.21 ? 84  ARG A NH1 1 
ATOM   546  N  NH2 . ARG A 1 84  ? 15.789  4.887   8.178   1.00 51.38 ? 84  ARG A NH2 1 
ATOM   547  N  N   . VAL A 1 85  ? 8.521   6.419   9.020   1.00 28.29 ? 85  VAL A N   1 
ATOM   548  C  CA  . VAL A 1 85  ? 7.734   5.742   8.000   1.00 24.79 ? 85  VAL A CA  1 
ATOM   549  C  C   . VAL A 1 85  ? 8.308   6.153   6.650   1.00 24.85 ? 85  VAL A C   1 
ATOM   550  O  O   . VAL A 1 85  ? 8.315   7.339   6.300   1.00 24.15 ? 85  VAL A O   1 
ATOM   551  C  CB  . VAL A 1 85  ? 6.251   6.139   8.060   1.00 25.73 ? 85  VAL A CB  1 
ATOM   552  C  CG1 . VAL A 1 85  ? 5.477   5.453   6.919   1.00 24.80 ? 85  VAL A CG1 1 
ATOM   553  C  CG2 . VAL A 1 85  ? 5.669   5.746   9.410   1.00 24.04 ? 85  VAL A CG2 1 
ATOM   554  N  N   . ASP A 1 86  ? 8.807   5.171   5.906   1.00 23.09 ? 86  ASP A N   1 
ATOM   555  C  CA  . ASP A 1 86  ? 9.396   5.413   4.594   1.00 23.73 ? 86  ASP A CA  1 
ATOM   556  C  C   . ASP A 1 86  ? 8.464   5.017   3.453   1.00 23.80 ? 86  ASP A C   1 
ATOM   557  O  O   . ASP A 1 86  ? 8.463   5.641   2.392   1.00 22.73 ? 86  ASP A O   1 
ATOM   558  C  CB  . ASP A 1 86  ? 10.690  4.611   4.444   1.00 25.07 ? 86  ASP A CB  1 
ATOM   559  C  CG  . ASP A 1 86  ? 11.679  4.886   5.554   1.00 27.06 ? 86  ASP A CG  1 
ATOM   560  O  OD1 . ASP A 1 86  ? 12.090  6.055   5.698   1.00 27.08 ? 86  ASP A OD1 1 
ATOM   561  O  OD2 . ASP A 1 86  ? 12.039  3.929   6.278   1.00 25.20 ? 86  ASP A OD2 1 
ATOM   562  N  N   . VAL A 1 87  ? 7.676   3.974   3.687   1.00 22.76 ? 87  VAL A N   1 
ATOM   563  C  CA  . VAL A 1 87  ? 6.779   3.448   2.676   1.00 21.57 ? 87  VAL A CA  1 
ATOM   564  C  C   . VAL A 1 87  ? 5.405   3.109   3.235   1.00 21.11 ? 87  VAL A C   1 
ATOM   565  O  O   . VAL A 1 87  ? 5.262   2.706   4.389   1.00 20.89 ? 87  VAL A O   1 
ATOM   566  C  CB  . VAL A 1 87  ? 7.388   2.156   2.055   1.00 22.73 ? 87  VAL A CB  1 
ATOM   567  C  CG1 . VAL A 1 87  ? 6.461   1.573   0.995   1.00 20.65 ? 87  VAL A CG1 1 
ATOM   568  C  CG2 . VAL A 1 87  ? 8.754   2.462   1.466   1.00 21.25 ? 87  VAL A CG2 1 
ATOM   569  N  N   . ALA A 1 88  ? 4.388   3.288   2.407   1.00 20.42 ? 88  ALA A N   1 
ATOM   570  C  CA  . ALA A 1 88  ? 3.030   2.942   2.793   1.00 20.72 ? 88  ALA A CA  1 
ATOM   571  C  C   . ALA A 1 88  ? 2.508   2.105   1.638   1.00 20.36 ? 88  ALA A C   1 
ATOM   572  O  O   . ALA A 1 88  ? 2.667   2.477   0.474   1.00 20.04 ? 88  ALA A O   1 
ATOM   573  C  CB  . ALA A 1 88  ? 2.173   4.199   2.975   1.00 18.95 ? 88  ALA A CB  1 
ATOM   574  N  N   . VAL A 1 89  ? 1.935   0.953   1.959   1.00 20.26 ? 89  VAL A N   1 
ATOM   575  C  CA  . VAL A 1 89  ? 1.364   0.081   0.948   1.00 19.90 ? 89  VAL A CA  1 
ATOM   576  C  C   . VAL A 1 89  ? -0.080  -0.150  1.369   1.00 20.59 ? 89  VAL A C   1 
ATOM   577  O  O   . VAL A 1 89  ? -0.343  -0.676  2.452   1.00 18.52 ? 89  VAL A O   1 
ATOM   578  C  CB  . VAL A 1 89  ? 2.099   -1.270  0.859   1.00 20.11 ? 89  VAL A CB  1 
ATOM   579  C  CG1 . VAL A 1 89  ? 1.563   -2.071  -0.331  1.00 16.96 ? 89  VAL A CG1 1 
ATOM   580  C  CG2 . VAL A 1 89  ? 3.598   -1.039  0.697   1.00 18.67 ? 89  VAL A CG2 1 
ATOM   581  N  N   . ASN A 1 90  ? -1.012  0.272   0.519   1.00 19.35 ? 90  ASN A N   1 
ATOM   582  C  CA  . ASN A 1 90  ? -2.432  0.132   0.814   1.00 20.22 ? 90  ASN A CA  1 
ATOM   583  C  C   . ASN A 1 90  ? -2.979  -1.171  0.233   1.00 20.79 ? 90  ASN A C   1 
ATOM   584  O  O   . ASN A 1 90  ? -3.087  -1.326  -0.988  1.00 20.13 ? 90  ASN A O   1 
ATOM   585  C  CB  . ASN A 1 90  ? -3.193  1.342   0.253   1.00 18.98 ? 90  ASN A CB  1 
ATOM   586  C  CG  . ASN A 1 90  ? -2.841  2.644   0.974   1.00 20.18 ? 90  ASN A CG  1 
ATOM   587  O  OD1 . ASN A 1 90  ? -3.160  2.820   2.148   1.00 19.48 ? 90  ASN A OD1 1 
ATOM   588  N  ND2 . ASN A 1 90  ? -2.179  3.558   0.268   1.00 20.14 ? 90  ASN A ND2 1 
ATOM   589  N  N   . CYS A 1 91  ? -3.302  -2.113  1.118   1.00 20.72 ? 91  CYS A N   1 
ATOM   590  C  CA  . CYS A 1 91  ? -3.837  -3.411  0.710   1.00 22.96 ? 91  CYS A CA  1 
ATOM   591  C  C   . CYS A 1 91  ? -5.082  -3.766  1.517   1.00 21.01 ? 91  CYS A C   1 
ATOM   592  O  O   . CYS A 1 91  ? -5.471  -4.926  1.572   1.00 22.32 ? 91  CYS A O   1 
ATOM   593  C  CB  . CYS A 1 91  ? -2.790  -4.521  0.904   1.00 23.26 ? 91  CYS A CB  1 
ATOM   594  S  SG  . CYS A 1 91  ? -1.218  -4.253  0.056   1.00 25.72 ? 91  CYS A SG  1 
ATOM   595  N  N   . ALA A 1 92  ? -5.700  -2.782  2.156   1.00 20.31 ? 92  ALA A N   1 
ATOM   596  C  CA  . ALA A 1 92  ? -6.905  -3.056  2.935   1.00 22.37 ? 92  ALA A CA  1 
ATOM   597  C  C   . ALA A 1 92  ? -8.149  -3.066  2.042   1.00 23.92 ? 92  ALA A C   1 
ATOM   598  O  O   . ALA A 1 92  ? -8.206  -2.370  1.026   1.00 20.81 ? 92  ALA A O   1 
ATOM   599  C  CB  . ALA A 1 92  ? -7.063  -2.026  4.038   1.00 20.87 ? 92  ALA A CB  1 
ATOM   600  N  N   . GLY A 1 93  ? -9.131  -3.878  2.424   1.00 25.50 ? 93  GLY A N   1 
ATOM   601  C  CA  . GLY A 1 93  ? -10.375 -3.965  1.677   1.00 28.07 ? 93  GLY A CA  1 
ATOM   602  C  C   . GLY A 1 93  ? -10.303 -4.504  0.261   1.00 30.87 ? 93  GLY A C   1 
ATOM   603  O  O   . GLY A 1 93  ? -11.165 -4.194  -0.558  1.00 32.84 ? 93  GLY A O   1 
ATOM   604  N  N   . ILE A 1 94  ? -9.292  -5.310  -0.038  1.00 33.24 ? 94  ILE A N   1 
ATOM   605  C  CA  . ILE A 1 94  ? -9.150  -5.875  -1.375  1.00 35.50 ? 94  ILE A CA  1 
ATOM   606  C  C   . ILE A 1 94  ? -9.330  -7.391  -1.352  1.00 38.77 ? 94  ILE A C   1 
ATOM   607  O  O   . ILE A 1 94  ? -10.355 -7.917  -1.791  1.00 41.73 ? 94  ILE A O   1 
ATOM   608  C  CB  . ILE A 1 94  ? -7.769  -5.556  -1.971  1.00 36.14 ? 94  ILE A CB  1 
ATOM   609  C  CG1 . ILE A 1 94  ? -6.675  -6.076  -1.040  1.00 35.54 ? 94  ILE A CG1 1 
ATOM   610  C  CG2 . ILE A 1 94  ? -7.622  -4.055  -2.180  1.00 32.91 ? 94  ILE A CG2 1 
ATOM   611  C  CD1 . ILE A 1 94  ? -5.273  -5.886  -1.581  1.00 38.12 ? 94  ILE A CD1 1 
ATOM   612  N  N   . PHE A 1 114 ? -19.751 4.004   1.940   1.00 60.77 ? 114 PHE A N   1 
ATOM   613  C  CA  . PHE A 1 114 ? -21.006 3.266   2.019   1.00 58.69 ? 114 PHE A CA  1 
ATOM   614  C  C   . PHE A 1 114 ? -20.865 1.808   1.560   1.00 57.20 ? 114 PHE A C   1 
ATOM   615  O  O   . PHE A 1 114 ? -20.773 0.896   2.396   1.00 57.30 ? 114 PHE A O   1 
ATOM   616  C  CB  . PHE A 1 114 ? -22.078 3.982   1.199   1.00 58.34 ? 114 PHE A CB  1 
ATOM   617  C  CG  . PHE A 1 114 ? -21.545 4.715   0.001   1.00 60.10 ? 114 PHE A CG  1 
ATOM   618  C  CD1 . PHE A 1 114 ? -20.650 4.108   -0.875  1.00 61.14 ? 114 PHE A CD1 1 
ATOM   619  C  CD2 . PHE A 1 114 ? -21.962 6.010   -0.272  1.00 62.20 ? 114 PHE A CD2 1 
ATOM   620  C  CE1 . PHE A 1 114 ? -20.195 4.773   -2.014  1.00 58.41 ? 114 PHE A CE1 1 
ATOM   621  C  CE2 . PHE A 1 114 ? -21.509 6.680   -1.411  1.00 62.34 ? 114 PHE A CE2 1 
ATOM   622  C  CZ  . PHE A 1 114 ? -20.618 6.058   -2.278  1.00 60.63 ? 114 PHE A CZ  1 
ATOM   623  N  N   . GLN A 1 115 ? -20.848 1.583   0.245   1.00 51.05 ? 115 GLN A N   1 
ATOM   624  C  CA  . GLN A 1 115 ? -20.713 0.227   -0.272  1.00 45.93 ? 115 GLN A CA  1 
ATOM   625  C  C   . GLN A 1 115 ? -19.787 0.036   -1.472  1.00 39.45 ? 115 GLN A C   1 
ATOM   626  O  O   . GLN A 1 115 ? -18.628 -0.325  -1.297  1.00 37.98 ? 115 GLN A O   1 
ATOM   627  C  CB  . GLN A 1 115 ? -22.092 -0.355  -0.590  1.00 47.98 ? 115 GLN A CB  1 
ATOM   628  C  CG  . GLN A 1 115 ? -22.834 -0.855  0.633   1.00 54.04 ? 115 GLN A CG  1 
ATOM   629  C  CD  . GLN A 1 115 ? -22.266 -2.154  1.169   1.00 56.51 ? 115 GLN A CD  1 
ATOM   630  O  OE1 . GLN A 1 115 ? -22.385 -3.199  0.531   1.00 60.37 ? 115 GLN A OE1 1 
ATOM   631  N  NE2 . GLN A 1 115 ? -21.643 -2.096  2.340   1.00 56.31 ? 115 GLN A NE2 1 
ATOM   632  N  N   . ARG A 1 116 ? -20.284 0.274   -2.684  1.00 33.87 ? 116 ARG A N   1 
ATOM   633  C  CA  . ARG A 1 116 ? -19.470 0.055   -3.884  1.00 31.38 ? 116 ARG A CA  1 
ATOM   634  C  C   . ARG A 1 116 ? -18.443 1.105   -4.300  1.00 26.64 ? 116 ARG A C   1 
ATOM   635  O  O   . ARG A 1 116 ? -17.334 0.749   -4.694  1.00 24.67 ? 116 ARG A O   1 
ATOM   636  C  CB  . ARG A 1 116 ? -20.366 -0.234  -5.097  1.00 32.01 ? 116 ARG A CB  1 
ATOM   637  C  CG  . ARG A 1 116 ? -20.831 -1.678  -5.228  1.00 35.73 ? 116 ARG A CG  1 
ATOM   638  C  CD  . ARG A 1 116 ? -22.260 -1.871  -4.732  1.00 39.72 ? 116 ARG A CD  1 
ATOM   639  N  NE  . ARG A 1 116 ? -23.236 -1.057  -5.460  1.00 40.95 ? 116 ARG A NE  1 
ATOM   640  C  CZ  . ARG A 1 116 ? -24.539 -1.039  -5.186  1.00 44.60 ? 116 ARG A CZ  1 
ATOM   641  N  NH1 . ARG A 1 116 ? -25.019 -1.792  -4.204  1.00 48.53 ? 116 ARG A NH1 1 
ATOM   642  N  NH2 . ARG A 1 116 ? -25.364 -0.269  -5.884  1.00 43.02 ? 116 ARG A NH2 1 
ATOM   643  N  N   . VAL A 1 117 ? -18.803 2.384   -4.246  1.00 23.11 ? 117 VAL A N   1 
ATOM   644  C  CA  . VAL A 1 117 ? -17.870 3.430   -4.659  1.00 22.73 ? 117 VAL A CA  1 
ATOM   645  C  C   . VAL A 1 117 ? -16.913 3.833   -3.545  1.00 21.39 ? 117 VAL A C   1 
ATOM   646  O  O   . VAL A 1 117 ? -15.693 3.734   -3.697  1.00 20.70 ? 117 VAL A O   1 
ATOM   647  C  CB  . VAL A 1 117 ? -18.620 4.675   -5.174  1.00 21.97 ? 117 VAL A CB  1 
ATOM   648  C  CG1 . VAL A 1 117 ? -17.623 5.747   -5.601  1.00 19.88 ? 117 VAL A CG1 1 
ATOM   649  C  CG2 . VAL A 1 117 ? -19.510 4.283   -6.343  1.00 20.93 ? 117 VAL A CG2 1 
ATOM   650  N  N   . LEU A 1 118 ? -17.466 4.287   -2.428  1.00 19.94 ? 118 LEU A N   1 
ATOM   651  C  CA  . LEU A 1 118 ? -16.650 4.675   -1.288  1.00 21.58 ? 118 LEU A CA  1 
ATOM   652  C  C   . LEU A 1 118 ? -16.447 3.432   -0.419  1.00 23.17 ? 118 LEU A C   1 
ATOM   653  O  O   . LEU A 1 118 ? -16.946 3.353   0.708   1.00 22.35 ? 118 LEU A O   1 
ATOM   654  C  CB  . LEU A 1 118 ? -17.347 5.785   -0.495  1.00 20.12 ? 118 LEU A CB  1 
ATOM   655  C  CG  . LEU A 1 118 ? -17.623 7.070   -1.289  1.00 23.20 ? 118 LEU A CG  1 
ATOM   656  C  CD1 . LEU A 1 118 ? -18.303 8.089   -0.386  1.00 23.61 ? 118 LEU A CD1 1 
ATOM   657  C  CD2 . LEU A 1 118 ? -16.319 7.638   -1.844  1.00 21.33 ? 118 LEU A CD2 1 
ATOM   658  N  N   . ASP A 1 119 ? -15.720 2.455   -0.961  1.00 23.63 ? 119 ASP A N   1 
ATOM   659  C  CA  . ASP A 1 119 ? -15.455 1.210   -0.246  1.00 24.95 ? 119 ASP A CA  1 
ATOM   660  C  C   . ASP A 1 119 ? -14.264 1.364   0.697   1.00 22.81 ? 119 ASP A C   1 
ATOM   661  O  O   . ASP A 1 119 ? -13.597 2.395   0.689   1.00 22.39 ? 119 ASP A O   1 
ATOM   662  C  CB  . ASP A 1 119 ? -15.230 0.054   -1.242  1.00 25.75 ? 119 ASP A CB  1 
ATOM   663  C  CG  . ASP A 1 119 ? -14.054 0.290   -2.198  1.00 27.91 ? 119 ASP A CG  1 
ATOM   664  O  OD1 . ASP A 1 119 ? -13.953 -0.457  -3.197  1.00 30.39 ? 119 ASP A OD1 1 
ATOM   665  O  OD2 . ASP A 1 119 ? -13.226 1.191   -1.963  1.00 29.55 ? 119 ASP A OD2 1 
ATOM   666  N  N   . VAL A 1 120 ? -14.014 0.348   1.521   1.00 23.31 ? 120 VAL A N   1 
ATOM   667  C  CA  . VAL A 1 120 ? -12.908 0.385   2.479   1.00 21.48 ? 120 VAL A CA  1 
ATOM   668  C  C   . VAL A 1 120 ? -11.565 0.685   1.802   1.00 22.51 ? 120 VAL A C   1 
ATOM   669  O  O   . VAL A 1 120 ? -10.764 1.471   2.317   1.00 19.49 ? 120 VAL A O   1 
ATOM   670  C  CB  . VAL A 1 120 ? -12.810 -0.951  3.279   1.00 23.45 ? 120 VAL A CB  1 
ATOM   671  C  CG1 . VAL A 1 120 ? -11.575 -0.935  4.187   1.00 18.76 ? 120 VAL A CG1 1 
ATOM   672  C  CG2 . VAL A 1 120 ? -14.077 -1.138  4.134   1.00 22.34 ? 120 VAL A CG2 1 
ATOM   673  N  N   . ASN A 1 121 ? -11.329 0.078   0.641   1.00 20.77 ? 121 ASN A N   1 
ATOM   674  C  CA  . ASN A 1 121 ? -10.079 0.296   -0.083  1.00 21.47 ? 121 ASN A CA  1 
ATOM   675  C  C   . ASN A 1 121 ? -9.870  1.771   -0.438  1.00 20.60 ? 121 ASN A C   1 
ATOM   676  O  O   . ASN A 1 121 ? -8.837  2.357   -0.101  1.00 19.49 ? 121 ASN A O   1 
ATOM   677  C  CB  . ASN A 1 121 ? -10.046 -0.565  -1.348  1.00 22.82 ? 121 ASN A CB  1 
ATOM   678  C  CG  . ASN A 1 121 ? -8.781  -0.361  -2.163  1.00 23.77 ? 121 ASN A CG  1 
ATOM   679  O  OD1 . ASN A 1 121 ? -7.743  0.032   -1.637  1.00 24.29 ? 121 ASN A OD1 1 
ATOM   680  N  ND2 . ASN A 1 121 ? -8.861  -0.649  -3.455  1.00 23.22 ? 121 ASN A ND2 1 
ATOM   681  N  N   . LEU A 1 122 ? -10.845 2.378   -1.106  1.00 19.10 ? 122 LEU A N   1 
ATOM   682  C  CA  . LEU A 1 122 ? -10.712 3.787   -1.474  1.00 20.40 ? 122 LEU A CA  1 
ATOM   683  C  C   . LEU A 1 122 ? -10.617 4.721   -0.254  1.00 19.59 ? 122 LEU A C   1 
ATOM   684  O  O   . LEU A 1 122 ? -9.739  5.586   -0.191  1.00 18.51 ? 122 LEU A O   1 
ATOM   685  C  CB  . LEU A 1 122 ? -11.871 4.212   -2.384  1.00 18.49 ? 122 LEU A CB  1 
ATOM   686  C  CG  . LEU A 1 122 ? -11.800 5.650   -2.914  1.00 20.24 ? 122 LEU A CG  1 
ATOM   687  C  CD1 . LEU A 1 122 ? -12.457 5.737   -4.283  1.00 17.99 ? 122 LEU A CD1 1 
ATOM   688  C  CD2 . LEU A 1 122 ? -12.465 6.602   -1.918  1.00 18.27 ? 122 LEU A CD2 1 
ATOM   689  N  N   . MET A 1 123 ? -11.508 4.543   0.718   1.00 17.82 ? 123 MET A N   1 
ATOM   690  C  CA  . MET A 1 123 ? -11.504 5.381   1.918   1.00 19.55 ? 123 MET A CA  1 
ATOM   691  C  C   . MET A 1 123 ? -10.253 5.203   2.786   1.00 19.32 ? 123 MET A C   1 
ATOM   692  O  O   . MET A 1 123 ? -9.711  6.179   3.323   1.00 17.92 ? 123 MET A O   1 
ATOM   693  C  CB  . MET A 1 123 ? -12.757 5.097   2.748   1.00 22.30 ? 123 MET A CB  1 
ATOM   694  C  CG  . MET A 1 123 ? -14.043 5.520   2.047   1.00 24.91 ? 123 MET A CG  1 
ATOM   695  S  SD  . MET A 1 123 ? -14.023 7.300   1.709   1.00 30.17 ? 123 MET A SD  1 
ATOM   696  C  CE  . MET A 1 123 ? -14.098 7.951   3.376   1.00 20.59 ? 123 MET A CE  1 
ATOM   697  N  N   . GLY A 1 124 ? -9.807  3.958   2.927   1.00 16.83 ? 124 GLY A N   1 
ATOM   698  C  CA  . GLY A 1 124 ? -8.621  3.687   3.717   1.00 15.43 ? 124 GLY A CA  1 
ATOM   699  C  C   . GLY A 1 124 ? -7.395  4.270   3.046   1.00 15.11 ? 124 GLY A C   1 
ATOM   700  O  O   . GLY A 1 124 ? -6.525  4.843   3.700   1.00 14.58 ? 124 GLY A O   1 
ATOM   701  N  N   . THR A 1 125 ? -7.326  4.130   1.727   1.00 15.03 ? 125 THR A N   1 
ATOM   702  C  CA  . THR A 1 125 ? -6.196  4.652   0.970   1.00 16.27 ? 125 THR A CA  1 
ATOM   703  C  C   . THR A 1 125 ? -6.096  6.173   1.080   1.00 17.09 ? 125 THR A C   1 
ATOM   704  O  O   . THR A 1 125 ? -5.026  6.715   1.367   1.00 15.56 ? 125 THR A O   1 
ATOM   705  C  CB  . THR A 1 125 ? -6.303  4.261   -0.518  1.00 15.80 ? 125 THR A CB  1 
ATOM   706  O  OG1 . THR A 1 125 ? -6.250  2.835   -0.633  1.00 17.65 ? 125 THR A OG1 1 
ATOM   707  C  CG2 . THR A 1 125 ? -5.164  4.874   -1.325  1.00 13.48 ? 125 THR A CG2 1 
ATOM   708  N  N   . PHE A 1 126 ? -7.209  6.866   0.857   1.00 16.68 ? 126 PHE A N   1 
ATOM   709  C  CA  . PHE A 1 126 ? -7.184  8.320   0.931   1.00 18.23 ? 126 PHE A CA  1 
ATOM   710  C  C   . PHE A 1 126 ? -6.820  8.796   2.344   1.00 19.62 ? 126 PHE A C   1 
ATOM   711  O  O   . PHE A 1 126 ? -6.063  9.754   2.514   1.00 18.33 ? 126 PHE A O   1 
ATOM   712  C  CB  . PHE A 1 126 ? -8.533  8.895   0.467   1.00 16.44 ? 126 PHE A CB  1 
ATOM   713  C  CG  . PHE A 1 126 ? -8.776  8.753   -1.026  1.00 17.94 ? 126 PHE A CG  1 
ATOM   714  C  CD1 . PHE A 1 126 ? -9.973  9.166   -1.594  1.00 18.96 ? 126 PHE A CD1 1 
ATOM   715  C  CD2 . PHE A 1 126 ? -7.800  8.199   -1.858  1.00 18.40 ? 126 PHE A CD2 1 
ATOM   716  C  CE1 . PHE A 1 126 ? -10.191 9.058   -2.978  1.00 21.98 ? 126 PHE A CE1 1 
ATOM   717  C  CE2 . PHE A 1 126 ? -8.005  8.084   -3.240  1.00 20.88 ? 126 PHE A CE2 1 
ATOM   718  C  CZ  . PHE A 1 126 ? -9.208  8.506   -3.797  1.00 21.20 ? 126 PHE A CZ  1 
ATOM   719  N  N   . ASN A 1 127 ? -7.345  8.105   3.350   1.00 20.48 ? 127 ASN A N   1 
ATOM   720  C  CA  . ASN A 1 127 ? -7.073  8.440   4.741   1.00 22.50 ? 127 ASN A CA  1 
ATOM   721  C  C   . ASN A 1 127 ? -5.587  8.228   5.054   1.00 22.37 ? 127 ASN A C   1 
ATOM   722  O  O   . ASN A 1 127 ? -4.955  9.063   5.699   1.00 21.72 ? 127 ASN A O   1 
ATOM   723  C  CB  . ASN A 1 127 ? -7.947  7.570   5.658   1.00 25.67 ? 127 ASN A CB  1 
ATOM   724  C  CG  . ASN A 1 127 ? -7.789  7.917   7.128   1.00 30.99 ? 127 ASN A CG  1 
ATOM   725  O  OD1 . ASN A 1 127 ? -7.972  9.066   7.534   1.00 35.85 ? 127 ASN A OD1 1 
ATOM   726  N  ND2 . ASN A 1 127 ? -7.456  6.917   7.938   1.00 31.60 ? 127 ASN A ND2 1 
ATOM   727  N  N   . VAL A 1 128 ? -5.026  7.120   4.577   1.00 21.25 ? 128 VAL A N   1 
ATOM   728  C  CA  . VAL A 1 128 ? -3.615  6.823   4.816   1.00 19.71 ? 128 VAL A CA  1 
ATOM   729  C  C   . VAL A 1 128 ? -2.709  7.819   4.097   1.00 19.93 ? 128 VAL A C   1 
ATOM   730  O  O   . VAL A 1 128 ? -1.752  8.339   4.680   1.00 18.55 ? 128 VAL A O   1 
ATOM   731  C  CB  . VAL A 1 128 ? -3.265  5.355   4.383   1.00 20.46 ? 128 VAL A CB  1 
ATOM   732  C  CG1 . VAL A 1 128 ? -1.752  5.155   4.321   1.00 15.36 ? 128 VAL A CG1 1 
ATOM   733  C  CG2 . VAL A 1 128 ? -3.874  4.363   5.380   1.00 16.44 ? 128 VAL A CG2 1 
ATOM   734  N  N   . ILE A 1 129 ? -3.018  8.100   2.834   1.00 19.34 ? 129 ILE A N   1 
ATOM   735  C  CA  . ILE A 1 129 ? -2.212  9.036   2.052   1.00 19.56 ? 129 ILE A CA  1 
ATOM   736  C  C   . ILE A 1 129 ? -2.188  10.442  2.652   1.00 21.33 ? 129 ILE A C   1 
ATOM   737  O  O   . ILE A 1 129 ? -1.142  11.093  2.705   1.00 21.19 ? 129 ILE A O   1 
ATOM   738  C  CB  . ILE A 1 129 ? -2.720  9.129   0.594   1.00 19.08 ? 129 ILE A CB  1 
ATOM   739  C  CG1 . ILE A 1 129 ? -2.466  7.799   -0.130  1.00 19.92 ? 129 ILE A CG1 1 
ATOM   740  C  CG2 . ILE A 1 129 ? -2.024  10.277  -0.123  1.00 18.14 ? 129 ILE A CG2 1 
ATOM   741  C  CD1 . ILE A 1 129 ? -2.917  7.774   -1.587  1.00 17.42 ? 129 ILE A CD1 1 
ATOM   742  N  N   . ARG A 1 130 ? -3.344  10.913  3.093   1.00 20.69 ? 130 ARG A N   1 
ATOM   743  C  CA  . ARG A 1 130 ? -3.440  12.239  3.677   1.00 22.73 ? 130 ARG A CA  1 
ATOM   744  C  C   . ARG A 1 130 ? -2.625  12.347  4.971   1.00 22.09 ? 130 ARG A C   1 
ATOM   745  O  O   . ARG A 1 130 ? -2.005  13.376  5.236   1.00 22.10 ? 130 ARG A O   1 
ATOM   746  C  CB  . ARG A 1 130 ? -4.912  12.576  3.942   1.00 23.82 ? 130 ARG A CB  1 
ATOM   747  C  CG  . ARG A 1 130 ? -5.151  13.928  4.588   1.00 28.64 ? 130 ARG A CG  1 
ATOM   748  C  CD  . ARG A 1 130 ? -6.640  14.234  4.643   1.00 32.04 ? 130 ARG A CD  1 
ATOM   749  N  NE  . ARG A 1 130 ? -6.937  15.310  5.580   1.00 36.69 ? 130 ARG A NE  1 
ATOM   750  C  CZ  . ARG A 1 130 ? -6.750  16.603  5.334   1.00 38.88 ? 130 ARG A CZ  1 
ATOM   751  N  NH1 . ARG A 1 130 ? -6.266  17.006  4.164   1.00 39.98 ? 130 ARG A NH1 1 
ATOM   752  N  NH2 . ARG A 1 130 ? -7.036  17.495  6.273   1.00 42.27 ? 130 ARG A NH2 1 
ATOM   753  N  N   . LEU A 1 131 ? -2.615  11.281  5.762   1.00 21.79 ? 131 LEU A N   1 
ATOM   754  C  CA  . LEU A 1 131 ? -1.889  11.274  7.029   1.00 22.16 ? 131 LEU A CA  1 
ATOM   755  C  C   . LEU A 1 131 ? -0.404  10.934  6.938   1.00 22.39 ? 131 LEU A C   1 
ATOM   756  O  O   . LEU A 1 131 ? 0.416   11.540  7.621   1.00 22.49 ? 131 LEU A O   1 
ATOM   757  C  CB  . LEU A 1 131 ? -2.554  10.301  8.008   1.00 22.08 ? 131 LEU A CB  1 
ATOM   758  C  CG  . LEU A 1 131 ? -3.946  10.670  8.525   1.00 23.38 ? 131 LEU A CG  1 
ATOM   759  C  CD1 . LEU A 1 131 ? -4.459  9.574   9.462   1.00 20.76 ? 131 LEU A CD1 1 
ATOM   760  C  CD2 . LEU A 1 131 ? -3.871  12.016  9.247   1.00 22.28 ? 131 LEU A CD2 1 
ATOM   761  N  N   . VAL A 1 132 ? -0.051  9.965   6.103   1.00 23.05 ? 132 VAL A N   1 
ATOM   762  C  CA  . VAL A 1 132 ? 1.344   9.562   6.004   1.00 23.37 ? 132 VAL A CA  1 
ATOM   763  C  C   . VAL A 1 132 ? 2.206   10.576  5.260   1.00 24.44 ? 132 VAL A C   1 
ATOM   764  O  O   . VAL A 1 132 ? 3.415   10.639  5.478   1.00 23.78 ? 132 VAL A O   1 
ATOM   765  C  CB  . VAL A 1 132 ? 1.476   8.153   5.343   1.00 22.92 ? 132 VAL A CB  1 
ATOM   766  C  CG1 . VAL A 1 132 ? 1.521   8.272   3.820   1.00 19.47 ? 132 VAL A CG1 1 
ATOM   767  C  CG2 . VAL A 1 132 ? 2.712   7.448   5.872   1.00 23.54 ? 132 VAL A CG2 1 
ATOM   768  N  N   . ALA A 1 133 ? 1.592   11.373  4.388   1.00 25.42 ? 133 ALA A N   1 
ATOM   769  C  CA  . ALA A 1 133 ? 2.343   12.381  3.644   1.00 27.14 ? 133 ALA A CA  1 
ATOM   770  C  C   . ALA A 1 133 ? 3.034   13.333  4.623   1.00 28.28 ? 133 ALA A C   1 
ATOM   771  O  O   . ALA A 1 133 ? 4.204   13.672  4.458   1.00 28.95 ? 133 ALA A O   1 
ATOM   772  C  CB  . ALA A 1 133 ? 1.412   13.160  2.715   1.00 26.07 ? 133 ALA A CB  1 
ATOM   773  N  N   . GLY A 1 134 ? 2.301   13.752  5.650   1.00 30.38 ? 134 GLY A N   1 
ATOM   774  C  CA  . GLY A 1 134 ? 2.864   14.645  6.644   1.00 32.62 ? 134 GLY A CA  1 
ATOM   775  C  C   . GLY A 1 134 ? 4.017   13.989  7.378   1.00 34.09 ? 134 GLY A C   1 
ATOM   776  O  O   . GLY A 1 134 ? 5.023   14.635  7.678   1.00 35.22 ? 134 GLY A O   1 
ATOM   777  N  N   . GLU A 1 135 ? 3.876   12.700  7.673   1.00 34.03 ? 135 GLU A N   1 
ATOM   778  C  CA  . GLU A 1 135 ? 4.929   11.969  8.363   1.00 33.06 ? 135 GLU A CA  1 
ATOM   779  C  C   . GLU A 1 135 ? 6.159   11.838  7.477   1.00 31.46 ? 135 GLU A C   1 
ATOM   780  O  O   . GLU A 1 135 ? 7.270   12.144  7.906   1.00 30.67 ? 135 GLU A O   1 
ATOM   781  C  CB  . GLU A 1 135 ? 4.439   10.581  8.776   1.00 34.83 ? 135 GLU A CB  1 
ATOM   782  C  CG  . GLU A 1 135 ? 3.348   10.611  9.825   1.00 41.13 ? 135 GLU A CG  1 
ATOM   783  C  CD  . GLU A 1 135 ? 3.787   11.296  11.112  1.00 45.43 ? 135 GLU A CD  1 
ATOM   784  O  OE1 . GLU A 1 135 ? 2.925   11.499  11.996  1.00 47.83 ? 135 GLU A OE1 1 
ATOM   785  O  OE2 . GLU A 1 135 ? 4.987   11.629  11.245  1.00 46.16 ? 135 GLU A OE2 1 
ATOM   786  N  N   . MET A 1 136 ? 5.959   11.386  6.242   1.00 29.47 ? 136 MET A N   1 
ATOM   787  C  CA  . MET A 1 136 ? 7.062   11.223  5.302   1.00 29.29 ? 136 MET A CA  1 
ATOM   788  C  C   . MET A 1 136 ? 7.748   12.555  5.014   1.00 29.45 ? 136 MET A C   1 
ATOM   789  O  O   . MET A 1 136 ? 8.923   12.589  4.658   1.00 28.20 ? 136 MET A O   1 
ATOM   790  C  CB  . MET A 1 136 ? 6.559   10.612  3.994   1.00 27.37 ? 136 MET A CB  1 
ATOM   791  C  CG  . MET A 1 136 ? 5.966   9.215   4.145   1.00 26.44 ? 136 MET A CG  1 
ATOM   792  S  SD  . MET A 1 136 ? 5.307   8.604   2.584   1.00 22.74 ? 136 MET A SD  1 
ATOM   793  C  CE  . MET A 1 136 ? 5.253   6.793   2.901   1.00 20.23 ? 136 MET A CE  1 
ATOM   794  N  N   . GLY A 1 137 ? 7.002   13.646  5.174   1.00 31.91 ? 137 GLY A N   1 
ATOM   795  C  CA  . GLY A 1 137 ? 7.547   14.972  4.938   1.00 35.51 ? 137 GLY A CA  1 
ATOM   796  C  C   . GLY A 1 137 ? 8.687   15.318  5.881   1.00 37.62 ? 137 GLY A C   1 
ATOM   797  O  O   . GLY A 1 137 ? 9.592   16.064  5.515   1.00 37.24 ? 137 GLY A O   1 
ATOM   798  N  N   . GLN A 1 138 ? 8.642   14.776  7.095   1.00 39.18 ? 138 GLN A N   1 
ATOM   799  C  CA  . GLN A 1 138 ? 9.677   15.017  8.094   1.00 41.40 ? 138 GLN A CA  1 
ATOM   800  C  C   . GLN A 1 138 ? 10.973  14.282  7.790   1.00 40.83 ? 138 GLN A C   1 
ATOM   801  O  O   . GLN A 1 138 ? 12.019  14.608  8.354   1.00 42.06 ? 138 GLN A O   1 
ATOM   802  C  CB  . GLN A 1 138 ? 9.204   14.582  9.484   1.00 43.81 ? 138 GLN A CB  1 
ATOM   803  C  CG  . GLN A 1 138 ? 8.511   15.661  10.302  1.00 50.34 ? 138 GLN A CG  1 
ATOM   804  C  CD  . GLN A 1 138 ? 7.207   16.112  9.691   1.00 52.60 ? 138 GLN A CD  1 
ATOM   805  O  OE1 . GLN A 1 138 ? 7.191   16.800  8.670   1.00 55.05 ? 138 GLN A OE1 1 
ATOM   806  N  NE2 . GLN A 1 138 ? 6.098   15.719  10.311  1.00 54.81 ? 138 GLN A NE2 1 
ATOM   807  N  N   . ASN A 1 139 ? 10.914  13.281  6.919   1.00 38.73 ? 139 ASN A N   1 
ATOM   808  C  CA  . ASN A 1 139 ? 12.115  12.527  6.602   1.00 38.52 ? 139 ASN A CA  1 
ATOM   809  C  C   . ASN A 1 139 ? 13.083  13.380  5.806   1.00 40.10 ? 139 ASN A C   1 
ATOM   810  O  O   . ASN A 1 139 ? 12.682  14.309  5.106   1.00 39.12 ? 139 ASN A O   1 
ATOM   811  C  CB  . ASN A 1 139 ? 11.795  11.267  5.784   1.00 37.10 ? 139 ASN A CB  1 
ATOM   812  C  CG  . ASN A 1 139 ? 10.805  10.346  6.475   1.00 35.48 ? 139 ASN A CG  1 
ATOM   813  O  OD1 . ASN A 1 139 ? 10.741  10.284  7.704   1.00 32.35 ? 139 ASN A OD1 1 
ATOM   814  N  ND2 . ASN A 1 139 ? 10.040  9.607   5.679   1.00 33.56 ? 139 ASN A ND2 1 
ATOM   815  N  N   . GLU A 1 140 ? 14.366  13.065  5.927   1.00 41.33 ? 140 GLU A N   1 
ATOM   816  C  CA  . GLU A 1 140 ? 15.385  13.779  5.182   1.00 43.71 ? 140 GLU A CA  1 
ATOM   817  C  C   . GLU A 1 140 ? 15.436  13.127  3.808   1.00 42.61 ? 140 GLU A C   1 
ATOM   818  O  O   . GLU A 1 140 ? 15.390  11.904  3.692   1.00 40.92 ? 140 GLU A O   1 
ATOM   819  C  CB  . GLU A 1 140 ? 16.739  13.664  5.884   1.00 46.80 ? 140 GLU A CB  1 
ATOM   820  C  CG  . GLU A 1 140 ? 16.871  14.572  7.097   1.00 52.56 ? 140 GLU A CG  1 
ATOM   821  C  CD  . GLU A 1 140 ? 18.168  14.362  7.848   1.00 56.75 ? 140 GLU A CD  1 
ATOM   822  O  OE1 . GLU A 1 140 ? 19.222  14.221  7.190   1.00 58.32 ? 140 GLU A OE1 1 
ATOM   823  O  OE2 . GLU A 1 140 ? 18.133  14.348  9.100   1.00 59.68 ? 140 GLU A OE2 1 
ATOM   824  N  N   . PRO A 1 141 ? 15.510  13.939  2.746   1.00 43.34 ? 141 PRO A N   1 
ATOM   825  C  CA  . PRO A 1 141 ? 15.563  13.435  1.371   1.00 44.65 ? 141 PRO A CA  1 
ATOM   826  C  C   . PRO A 1 141 ? 16.753  12.505  1.153   1.00 46.51 ? 141 PRO A C   1 
ATOM   827  O  O   . PRO A 1 141 ? 17.719  12.535  1.915   1.00 47.47 ? 141 PRO A O   1 
ATOM   828  C  CB  . PRO A 1 141 ? 15.689  14.710  0.537   1.00 43.51 ? 141 PRO A CB  1 
ATOM   829  C  CG  . PRO A 1 141 ? 15.033  15.749  1.389   1.00 44.66 ? 141 PRO A CG  1 
ATOM   830  C  CD  . PRO A 1 141 ? 15.536  15.411  2.766   1.00 42.52 ? 141 PRO A CD  1 
ATOM   831  N  N   . ASP A 1 142 ? 16.682  11.682  0.114   1.00 47.49 ? 142 ASP A N   1 
ATOM   832  C  CA  . ASP A 1 142 ? 17.780  10.781  -0.194  1.00 48.67 ? 142 ASP A CA  1 
ATOM   833  C  C   . ASP A 1 142 ? 18.524  11.367  -1.388  1.00 50.35 ? 142 ASP A C   1 
ATOM   834  O  O   . ASP A 1 142 ? 18.284  12.514  -1.768  1.00 49.63 ? 142 ASP A O   1 
ATOM   835  C  CB  . ASP A 1 142 ? 17.255  9.373   -0.506  1.00 47.79 ? 142 ASP A CB  1 
ATOM   836  C  CG  . ASP A 1 142 ? 16.685  9.243   -1.912  1.00 47.46 ? 142 ASP A CG  1 
ATOM   837  O  OD1 . ASP A 1 142 ? 16.459  10.270  -2.588  1.00 46.36 ? 142 ASP A OD1 1 
ATOM   838  O  OD2 . ASP A 1 142 ? 16.455  8.093   -2.338  1.00 47.89 ? 142 ASP A OD2 1 
ATOM   839  N  N   . GLN A 1 143 ? 19.422  10.583  -1.974  1.00 52.38 ? 143 GLN A N   1 
ATOM   840  C  CA  . GLN A 1 143 ? 20.204  11.027  -3.125  1.00 54.11 ? 143 GLN A CA  1 
ATOM   841  C  C   . GLN A 1 143 ? 19.315  11.729  -4.151  1.00 52.42 ? 143 GLN A C   1 
ATOM   842  O  O   . GLN A 1 143 ? 19.534  12.895  -4.489  1.00 52.26 ? 143 GLN A O   1 
ATOM   843  C  CB  . GLN A 1 143 ? 20.895  9.824   -3.777  1.00 57.57 ? 143 GLN A CB  1 
ATOM   844  C  CG  . GLN A 1 143 ? 21.922  10.173  -4.850  1.00 61.68 ? 143 GLN A CG  1 
ATOM   845  C  CD  . GLN A 1 143 ? 23.174  10.823  -4.279  1.00 64.78 ? 143 GLN A CD  1 
ATOM   846  O  OE1 . GLN A 1 143 ? 23.850  10.250  -3.420  1.00 66.11 ? 143 GLN A OE1 1 
ATOM   847  N  NE2 . GLN A 1 143 ? 23.491  12.022  -4.759  1.00 66.35 ? 143 GLN A NE2 1 
ATOM   848  N  N   . GLY A 1 144 ? 18.305  11.010  -4.636  1.00 50.46 ? 144 GLY A N   1 
ATOM   849  C  CA  . GLY A 1 144 ? 17.397  11.560  -5.626  1.00 47.06 ? 144 GLY A CA  1 
ATOM   850  C  C   . GLY A 1 144 ? 16.366  12.525  -5.067  1.00 44.95 ? 144 GLY A C   1 
ATOM   851  O  O   . GLY A 1 144 ? 15.524  13.034  -5.806  1.00 45.61 ? 144 GLY A O   1 
ATOM   852  N  N   . GLY A 1 145 ? 16.424  12.774  -3.765  1.00 42.49 ? 145 GLY A N   1 
ATOM   853  C  CA  . GLY A 1 145 ? 15.480  13.691  -3.152  1.00 39.04 ? 145 GLY A CA  1 
ATOM   854  C  C   . GLY A 1 145 ? 14.157  13.088  -2.706  1.00 36.62 ? 145 GLY A C   1 
ATOM   855  O  O   . GLY A 1 145 ? 13.198  13.820  -2.453  1.00 35.20 ? 145 GLY A O   1 
ATOM   856  N  N   . GLN A 1 146 ? 14.078  11.766  -2.602  1.00 34.67 ? 146 GLN A N   1 
ATOM   857  C  CA  . GLN A 1 146 ? 12.822  11.172  -2.169  1.00 34.90 ? 146 GLN A CA  1 
ATOM   858  C  C   . GLN A 1 146 ? 12.742  10.999  -0.655  1.00 32.45 ? 146 GLN A C   1 
ATOM   859  O  O   . GLN A 1 146 ? 13.724  10.646  0.002   1.00 31.50 ? 146 GLN A O   1 
ATOM   860  C  CB  . GLN A 1 146 ? 12.563  9.840   -2.890  1.00 37.09 ? 146 GLN A CB  1 
ATOM   861  C  CG  . GLN A 1 146 ? 13.615  8.778   -2.729  1.00 41.94 ? 146 GLN A CG  1 
ATOM   862  C  CD  . GLN A 1 146 ? 13.258  7.487   -3.461  1.00 45.13 ? 146 GLN A CD  1 
ATOM   863  O  OE1 . GLN A 1 146 ? 14.029  6.526   -3.459  1.00 46.63 ? 146 GLN A OE1 1 
ATOM   864  N  NE2 . GLN A 1 146 ? 12.087  7.460   -4.090  1.00 45.76 ? 146 GLN A NE2 1 
ATOM   865  N  N   . ARG A 1 147 ? 11.567  11.293  -0.109  1.00 30.51 ? 147 ARG A N   1 
ATOM   866  C  CA  . ARG A 1 147 ? 11.323  11.178  1.321   1.00 29.39 ? 147 ARG A CA  1 
ATOM   867  C  C   . ARG A 1 147 ? 10.421  9.987   1.630   1.00 28.03 ? 147 ARG A C   1 
ATOM   868  O  O   . ARG A 1 147 ? 10.365  9.520   2.770   1.00 27.13 ? 147 ARG A O   1 
ATOM   869  C  CB  . ARG A 1 147 ? 10.660  12.450  1.857   1.00 30.07 ? 147 ARG A CB  1 
ATOM   870  C  CG  . ARG A 1 147 ? 11.539  13.694  1.877   1.00 31.79 ? 147 ARG A CG  1 
ATOM   871  C  CD  . ARG A 1 147 ? 10.822  14.795  2.646   1.00 36.88 ? 147 ARG A CD  1 
ATOM   872  N  NE  . ARG A 1 147 ? 11.649  15.976  2.863   1.00 42.48 ? 147 ARG A NE  1 
ATOM   873  C  CZ  . ARG A 1 147 ? 11.947  16.864  1.922   1.00 44.74 ? 147 ARG A CZ  1 
ATOM   874  N  NH1 . ARG A 1 147 ? 11.481  16.707  0.689   1.00 47.21 ? 147 ARG A NH1 1 
ATOM   875  N  NH2 . ARG A 1 147 ? 12.711  17.907  2.215   1.00 45.80 ? 147 ARG A NH2 1 
ATOM   876  N  N   . GLY A 1 148 ? 9.705   9.506   0.617   1.00 26.00 ? 148 GLY A N   1 
ATOM   877  C  CA  . GLY A 1 148 ? 8.818   8.382   0.835   1.00 25.06 ? 148 GLY A CA  1 
ATOM   878  C  C   . GLY A 1 148 ? 8.227   7.807   -0.435  1.00 25.06 ? 148 GLY A C   1 
ATOM   879  O  O   . GLY A 1 148 ? 8.345   8.380   -1.519  1.00 23.38 ? 148 GLY A O   1 
ATOM   880  N  N   . VAL A 1 149 ? 7.580   6.661   -0.290  1.00 23.86 ? 149 VAL A N   1 
ATOM   881  C  CA  . VAL A 1 149 ? 6.957   5.993   -1.418  1.00 24.03 ? 149 VAL A CA  1 
ATOM   882  C  C   . VAL A 1 149 ? 5.602   5.458   -0.977  1.00 22.85 ? 149 VAL A C   1 
ATOM   883  O  O   . VAL A 1 149 ? 5.497   4.791   0.054   1.00 21.83 ? 149 VAL A O   1 
ATOM   884  C  CB  . VAL A 1 149 ? 7.824   4.810   -1.903  1.00 23.86 ? 149 VAL A CB  1 
ATOM   885  C  CG1 . VAL A 1 149 ? 7.199   4.182   -3.134  1.00 21.52 ? 149 VAL A CG1 1 
ATOM   886  C  CG2 . VAL A 1 149 ? 9.245   5.292   -2.196  1.00 24.73 ? 149 VAL A CG2 1 
ATOM   887  N  N   . ILE A 1 150 ? 4.566   5.762   -1.751  1.00 19.98 ? 150 ILE A N   1 
ATOM   888  C  CA  . ILE A 1 150 ? 3.229   5.280   -1.440  1.00 20.09 ? 150 ILE A CA  1 
ATOM   889  C  C   . ILE A 1 150 ? 2.756   4.417   -2.590  1.00 18.38 ? 150 ILE A C   1 
ATOM   890  O  O   . ILE A 1 150 ? 2.789   4.831   -3.745  1.00 19.16 ? 150 ILE A O   1 
ATOM   891  C  CB  . ILE A 1 150 ? 2.223   6.435   -1.240  1.00 18.91 ? 150 ILE A CB  1 
ATOM   892  C  CG1 . ILE A 1 150 ? 2.608   7.268   -0.012  1.00 18.96 ? 150 ILE A CG1 1 
ATOM   893  C  CG2 . ILE A 1 150 ? 0.816   5.866   -1.049  1.00 19.22 ? 150 ILE A CG2 1 
ATOM   894  C  CD1 . ILE A 1 150 ? 1.755   8.529   0.159   1.00 16.95 ? 150 ILE A CD1 1 
ATOM   895  N  N   . ILE A 1 151 ? 2.328   3.205   -2.269  1.00 18.85 ? 151 ILE A N   1 
ATOM   896  C  CA  . ILE A 1 151 ? 1.854   2.281   -3.289  1.00 19.46 ? 151 ILE A CA  1 
ATOM   897  C  C   . ILE A 1 151 ? 0.416   1.878   -3.004  1.00 18.94 ? 151 ILE A C   1 
ATOM   898  O  O   . ILE A 1 151 ? 0.106   1.375   -1.924  1.00 19.51 ? 151 ILE A O   1 
ATOM   899  C  CB  . ILE A 1 151 ? 2.737   1.025   -3.341  1.00 20.48 ? 151 ILE A CB  1 
ATOM   900  C  CG1 . ILE A 1 151 ? 4.175   1.437   -3.681  1.00 20.59 ? 151 ILE A CG1 1 
ATOM   901  C  CG2 . ILE A 1 151 ? 2.188   0.043   -4.375  1.00 17.97 ? 151 ILE A CG2 1 
ATOM   902  C  CD1 . ILE A 1 151 ? 5.178   0.298   -3.621  1.00 24.19 ? 151 ILE A CD1 1 
ATOM   903  N  N   . ASN A 1 152 ? -0.453  2.098   -3.984  1.00 18.05 ? 152 ASN A N   1 
ATOM   904  C  CA  . ASN A 1 152 ? -1.865  1.777   -3.837  1.00 19.45 ? 152 ASN A CA  1 
ATOM   905  C  C   . ASN A 1 152 ? -2.289  0.563   -4.652  1.00 19.00 ? 152 ASN A C   1 
ATOM   906  O  O   . ASN A 1 152 ? -1.599  0.142   -5.574  1.00 18.73 ? 152 ASN A O   1 
ATOM   907  C  CB  . ASN A 1 152 ? -2.712  2.979   -4.255  1.00 17.24 ? 152 ASN A CB  1 
ATOM   908  C  CG  . ASN A 1 152 ? -2.212  4.273   -3.652  1.00 18.10 ? 152 ASN A CG  1 
ATOM   909  O  OD1 . ASN A 1 152 ? -2.165  4.425   -2.433  1.00 18.82 ? 152 ASN A OD1 1 
ATOM   910  N  ND2 . ASN A 1 152 ? -1.823  5.210   -4.506  1.00 18.63 ? 152 ASN A ND2 1 
ATOM   911  N  N   . THR A 1 153 ? -3.440  0.009   -4.290  1.00 19.21 ? 153 THR A N   1 
ATOM   912  C  CA  . THR A 1 153 ? -4.002  -1.141  -4.974  1.00 20.50 ? 153 THR A CA  1 
ATOM   913  C  C   . THR A 1 153 ? -5.383  -0.737  -5.471  1.00 19.86 ? 153 THR A C   1 
ATOM   914  O  O   . THR A 1 153 ? -6.243  -0.354  -4.684  1.00 20.40 ? 153 THR A O   1 
ATOM   915  C  CB  . THR A 1 153 ? -4.158  -2.348  -4.024  1.00 22.43 ? 153 THR A CB  1 
ATOM   916  O  OG1 . THR A 1 153 ? -2.895  -2.645  -3.420  1.00 22.52 ? 153 THR A OG1 1 
ATOM   917  C  CG2 . THR A 1 153 ? -4.650  -3.573  -4.794  1.00 22.34 ? 153 THR A CG2 1 
ATOM   918  N  N   . ALA A 1 154 ? -5.589  -0.813  -6.777  1.00 19.05 ? 154 ALA A N   1 
ATOM   919  C  CA  . ALA A 1 154 ? -6.874  -0.458  -7.357  1.00 17.71 ? 154 ALA A CA  1 
ATOM   920  C  C   . ALA A 1 154 ? -7.953  -1.447  -6.898  1.00 19.05 ? 154 ALA A C   1 
ATOM   921  O  O   . ALA A 1 154 ? -7.654  -2.606  -6.594  1.00 17.88 ? 154 ALA A O   1 
ATOM   922  C  CB  . ALA A 1 154 ? -6.761  -0.474  -8.877  1.00 17.86 ? 154 ALA A CB  1 
ATOM   923  N  N   . SER A 1 155 ? -9.196  -0.982  -6.818  1.00 17.48 ? 155 SER A N   1 
ATOM   924  C  CA  . SER A 1 155 ? -10.308 -1.852  -6.447  1.00 21.15 ? 155 SER A CA  1 
ATOM   925  C  C   . SER A 1 155 ? -10.717 -2.584  -7.720  1.00 20.43 ? 155 SER A C   1 
ATOM   926  O  O   . SER A 1 155 ? -10.727 -2.002  -8.805  1.00 21.56 ? 155 SER A O   1 
ATOM   927  C  CB  . SER A 1 155 ? -11.507 -1.049  -5.938  1.00 21.00 ? 155 SER A CB  1 
ATOM   928  O  OG  . SER A 1 155 ? -11.263 -0.498  -4.660  1.00 25.72 ? 155 SER A OG  1 
ATOM   929  N  N   . VAL A 1 156 ? -11.054 -3.857  -7.595  1.00 22.24 ? 156 VAL A N   1 
ATOM   930  C  CA  . VAL A 1 156 ? -11.463 -4.628  -8.757  1.00 24.41 ? 156 VAL A CA  1 
ATOM   931  C  C   . VAL A 1 156 ? -12.960 -4.500  -9.014  1.00 23.89 ? 156 VAL A C   1 
ATOM   932  O  O   . VAL A 1 156 ? -13.765 -4.611  -8.092  1.00 24.54 ? 156 VAL A O   1 
ATOM   933  C  CB  . VAL A 1 156 ? -11.144 -6.129  -8.574  1.00 26.08 ? 156 VAL A CB  1 
ATOM   934  C  CG1 . VAL A 1 156 ? -11.710 -6.935  -9.746  1.00 27.25 ? 156 VAL A CG1 1 
ATOM   935  C  CG2 . VAL A 1 156 ? -9.640  -6.331  -8.462  1.00 26.06 ? 156 VAL A CG2 1 
ATOM   936  N  N   . ALA A 1 157 ? -13.325 -4.238  -10.263 1.00 24.12 ? 157 ALA A N   1 
ATOM   937  C  CA  . ALA A 1 157 ? -14.732 -4.176  -10.651 1.00 24.51 ? 157 ALA A CA  1 
ATOM   938  C  C   . ALA A 1 157 ? -14.958 -5.511  -11.370 1.00 24.05 ? 157 ALA A C   1 
ATOM   939  O  O   . ALA A 1 157 ? -14.458 -5.716  -12.474 1.00 24.19 ? 157 ALA A O   1 
ATOM   940  C  CB  . ALA A 1 157 ? -14.979 -3.008  -11.603 1.00 23.00 ? 157 ALA A CB  1 
ATOM   941  N  N   . ALA A 1 158 ? -15.687 -6.423  -10.729 1.00 22.97 ? 158 ALA A N   1 
ATOM   942  C  CA  . ALA A 1 158 ? -15.945 -7.746  -11.303 1.00 23.48 ? 158 ALA A CA  1 
ATOM   943  C  C   . ALA A 1 158 ? -16.537 -7.678  -12.703 1.00 22.79 ? 158 ALA A C   1 
ATOM   944  O  O   . ALA A 1 158 ? -17.457 -6.902  -12.964 1.00 23.71 ? 158 ALA A O   1 
ATOM   945  C  CB  . ALA A 1 158 ? -16.879 -8.555  -10.381 1.00 22.92 ? 158 ALA A CB  1 
ATOM   946  N  N   . PHE A 1 159 ? -16.004 -8.500  -13.600 1.00 23.47 ? 159 PHE A N   1 
ATOM   947  C  CA  . PHE A 1 159 ? -16.489 -8.528  -14.968 1.00 24.69 ? 159 PHE A CA  1 
ATOM   948  C  C   . PHE A 1 159 ? -17.950 -8.962  -14.986 1.00 24.50 ? 159 PHE A C   1 
ATOM   949  O  O   . PHE A 1 159 ? -18.305 -9.993  -14.412 1.00 22.15 ? 159 PHE A O   1 
ATOM   950  C  CB  . PHE A 1 159 ? -15.657 -9.490  -15.818 1.00 22.10 ? 159 PHE A CB  1 
ATOM   951  C  CG  . PHE A 1 159 ? -16.003 -9.439  -17.277 1.00 22.28 ? 159 PHE A CG  1 
ATOM   952  C  CD1 . PHE A 1 159 ? -15.874 -8.250  -17.985 1.00 16.18 ? 159 PHE A CD1 1 
ATOM   953  C  CD2 . PHE A 1 159 ? -16.488 -10.567 -17.937 1.00 19.89 ? 159 PHE A CD2 1 
ATOM   954  C  CE1 . PHE A 1 159 ? -16.227 -8.175  -19.331 1.00 18.40 ? 159 PHE A CE1 1 
ATOM   955  C  CE2 . PHE A 1 159 ? -16.845 -10.504 -19.288 1.00 20.23 ? 159 PHE A CE2 1 
ATOM   956  C  CZ  . PHE A 1 159 ? -16.713 -9.303  -19.983 1.00 18.20 ? 159 PHE A CZ  1 
ATOM   957  N  N   . GLU A 1 160 ? -18.791 -8.170  -15.648 1.00 25.77 ? 160 GLU A N   1 
ATOM   958  C  CA  . GLU A 1 160 ? -20.218 -8.461  -15.727 1.00 29.66 ? 160 GLU A CA  1 
ATOM   959  C  C   . GLU A 1 160 ? -20.686 -8.783  -17.144 1.00 28.65 ? 160 GLU A C   1 
ATOM   960  O  O   . GLU A 1 160 ? -21.884 -8.782  -17.419 1.00 29.09 ? 160 GLU A O   1 
ATOM   961  C  CB  . GLU A 1 160 ? -21.028 -7.277  -15.187 1.00 31.13 ? 160 GLU A CB  1 
ATOM   962  C  CG  . GLU A 1 160 ? -20.767 -6.964  -13.724 1.00 37.02 ? 160 GLU A CG  1 
ATOM   963  C  CD  . GLU A 1 160 ? -21.099 -8.131  -12.824 1.00 42.50 ? 160 GLU A CD  1 
ATOM   964  O  OE1 . GLU A 1 160 ? -20.810 -8.053  -11.613 1.00 45.81 ? 160 GLU A OE1 1 
ATOM   965  O  OE2 . GLU A 1 160 ? -21.655 -9.131  -13.327 1.00 47.89 ? 160 GLU A OE2 1 
ATOM   966  N  N   . GLY A 1 161 ? -19.748 -9.049  -18.042 1.00 28.17 ? 161 GLY A N   1 
ATOM   967  C  CA  . GLY A 1 161 ? -20.123 -9.372  -19.405 1.00 28.16 ? 161 GLY A CA  1 
ATOM   968  C  C   . GLY A 1 161 ? -20.334 -8.154  -20.283 1.00 29.18 ? 161 GLY A C   1 
ATOM   969  O  O   . GLY A 1 161 ? -20.986 -8.240  -21.326 1.00 27.97 ? 161 GLY A O   1 
ATOM   970  N  N   . GLN A 1 162 ? -19.789 -7.013  -19.876 1.00 28.19 ? 162 GLN A N   1 
ATOM   971  C  CA  . GLN A 1 162 ? -19.939 -5.811  -20.676 1.00 31.35 ? 162 GLN A CA  1 
ATOM   972  C  C   . GLN A 1 162 ? -19.090 -5.877  -21.946 1.00 31.56 ? 162 GLN A C   1 
ATOM   973  O  O   . GLN A 1 162 ? -18.055 -6.543  -21.992 1.00 29.92 ? 162 GLN A O   1 
ATOM   974  C  CB  . GLN A 1 162 ? -19.604 -4.560  -19.843 1.00 35.04 ? 162 GLN A CB  1 
ATOM   975  C  CG  . GLN A 1 162 ? -20.741 -4.184  -18.874 1.00 41.00 ? 162 GLN A CG  1 
ATOM   976  C  CD  . GLN A 1 162 ? -20.633 -2.778  -18.290 1.00 46.32 ? 162 GLN A CD  1 
ATOM   977  O  OE1 . GLN A 1 162 ? -20.013 -2.569  -17.239 1.00 49.05 ? 162 GLN A OE1 1 
ATOM   978  N  NE2 . GLN A 1 162 ? -21.242 -1.806  -18.972 1.00 45.57 ? 162 GLN A NE2 1 
ATOM   979  N  N   . VAL A 1 163 ? -19.565 -5.208  -22.988 1.00 29.88 ? 163 VAL A N   1 
ATOM   980  C  CA  . VAL A 1 163 ? -18.871 -5.160  -24.265 1.00 32.57 ? 163 VAL A CA  1 
ATOM   981  C  C   . VAL A 1 163 ? -18.526 -3.697  -24.526 1.00 33.39 ? 163 VAL A C   1 
ATOM   982  O  O   . VAL A 1 163 ? -19.149 -2.804  -23.968 1.00 35.40 ? 163 VAL A O   1 
ATOM   983  C  CB  . VAL A 1 163 ? -19.772 -5.702  -25.400 1.00 33.64 ? 163 VAL A CB  1 
ATOM   984  C  CG1 . VAL A 1 163 ? -19.034 -5.631  -26.728 1.00 38.84 ? 163 VAL A CG1 1 
ATOM   985  C  CG2 . VAL A 1 163 ? -20.176 -7.141  -25.104 1.00 31.14 ? 163 VAL A CG2 1 
ATOM   986  N  N   . GLY A 1 164 ? -17.529 -3.438  -25.360 1.00 34.51 ? 164 GLY A N   1 
ATOM   987  C  CA  . GLY A 1 164 ? -17.167 -2.055  -25.618 1.00 36.00 ? 164 GLY A CA  1 
ATOM   988  C  C   . GLY A 1 164 ? -16.047 -1.560  -24.716 1.00 36.78 ? 164 GLY A C   1 
ATOM   989  O  O   . GLY A 1 164 ? -15.325 -2.361  -24.119 1.00 37.64 ? 164 GLY A O   1 
ATOM   990  N  N   . GLN A 1 165 ? -15.910 -0.241  -24.606 1.00 36.99 ? 165 GLN A N   1 
ATOM   991  C  CA  . GLN A 1 165 ? -14.855 0.368   -23.800 1.00 37.85 ? 165 GLN A CA  1 
ATOM   992  C  C   . GLN A 1 165 ? -14.738 -0.133  -22.360 1.00 34.90 ? 165 GLN A C   1 
ATOM   993  O  O   . GLN A 1 165 ? -13.633 -0.389  -21.885 1.00 31.92 ? 165 GLN A O   1 
ATOM   994  C  CB  . GLN A 1 165 ? -15.014 1.891   -23.798 1.00 43.17 ? 165 GLN A CB  1 
ATOM   995  C  CG  . GLN A 1 165 ? -14.788 2.545   -25.162 1.00 51.36 ? 165 GLN A CG  1 
ATOM   996  C  CD  . GLN A 1 165 ? -13.354 2.401   -25.661 1.00 55.84 ? 165 GLN A CD  1 
ATOM   997  O  OE1 . GLN A 1 165 ? -12.848 1.288   -25.827 1.00 58.73 ? 165 GLN A OE1 1 
ATOM   998  N  NE2 . GLN A 1 165 ? -12.696 3.534   -25.903 1.00 57.47 ? 165 GLN A NE2 1 
ATOM   999  N  N   . ALA A 1 166 ? -15.867 -0.269  -21.670 1.00 33.10 ? 166 ALA A N   1 
ATOM   1000 C  CA  . ALA A 1 166 ? -15.870 -0.735  -20.283 1.00 32.13 ? 166 ALA A CA  1 
ATOM   1001 C  C   . ALA A 1 166 ? -15.166 -2.083  -20.095 1.00 31.75 ? 166 ALA A C   1 
ATOM   1002 O  O   . ALA A 1 166 ? -14.690 -2.400  -19.005 1.00 32.59 ? 166 ALA A O   1 
ATOM   1003 C  CB  . ALA A 1 166 ? -17.306 -0.826  -19.769 1.00 32.53 ? 166 ALA A CB  1 
ATOM   1004 N  N   . ALA A 1 167 ? -15.100 -2.876  -21.157 1.00 29.66 ? 167 ALA A N   1 
ATOM   1005 C  CA  . ALA A 1 167 ? -14.459 -4.183  -21.085 1.00 29.32 ? 167 ALA A CA  1 
ATOM   1006 C  C   . ALA A 1 167 ? -12.936 -4.097  -20.999 1.00 29.53 ? 167 ALA A C   1 
ATOM   1007 O  O   . ALA A 1 167 ? -12.274 -5.074  -20.642 1.00 27.47 ? 167 ALA A O   1 
ATOM   1008 C  CB  . ALA A 1 167 ? -14.860 -5.020  -22.294 1.00 27.77 ? 167 ALA A CB  1 
ATOM   1009 N  N   . TYR A 1 168 ? -12.386 -2.929  -21.314 1.00 29.95 ? 168 TYR A N   1 
ATOM   1010 C  CA  . TYR A 1 168 ? -10.940 -2.741  -21.302 1.00 33.10 ? 168 TYR A CA  1 
ATOM   1011 C  C   . TYR A 1 168 ? -10.304 -2.391  -19.967 1.00 32.35 ? 168 TYR A C   1 
ATOM   1012 O  O   . TYR A 1 168 ? -9.106  -2.113  -19.904 1.00 33.88 ? 168 TYR A O   1 
ATOM   1013 C  CB  . TYR A 1 168 ? -10.534 -1.695  -22.341 1.00 37.29 ? 168 TYR A CB  1 
ATOM   1014 C  CG  . TYR A 1 168 ? -10.631 -2.204  -23.759 1.00 42.71 ? 168 TYR A CG  1 
ATOM   1015 C  CD1 . TYR A 1 168 ? -11.867 -2.364  -24.385 1.00 45.29 ? 168 TYR A CD1 1 
ATOM   1016 C  CD2 . TYR A 1 168 ? -9.481  -2.541  -24.471 1.00 45.47 ? 168 TYR A CD2 1 
ATOM   1017 C  CE1 . TYR A 1 168 ? -11.955 -2.862  -25.686 1.00 48.34 ? 168 TYR A CE1 1 
ATOM   1018 C  CE2 . TYR A 1 168 ? -9.556  -3.038  -25.767 1.00 48.03 ? 168 TYR A CE2 1 
ATOM   1019 C  CZ  . TYR A 1 168 ? -10.792 -3.187  -26.372 1.00 49.41 ? 168 TYR A CZ  1 
ATOM   1020 O  OH  . TYR A 1 168 ? -10.852 -3.657  -27.663 1.00 53.04 ? 168 TYR A OH  1 
ATOM   1021 N  N   . SER A 1 169 ? -11.092 -2.403  -18.899 1.00 30.08 ? 169 SER A N   1 
ATOM   1022 C  CA  . SER A 1 169 ? -10.557 -2.107  -17.575 1.00 29.88 ? 169 SER A CA  1 
ATOM   1023 C  C   . SER A 1 169 ? -11.144 -3.078  -16.567 1.00 27.08 ? 169 SER A C   1 
ATOM   1024 O  O   . SER A 1 169 ? -12.281 -3.526  -16.713 1.00 25.63 ? 169 SER A O   1 
ATOM   1025 C  CB  . SER A 1 169 ? -10.890 -0.669  -17.160 1.00 32.22 ? 169 SER A CB  1 
ATOM   1026 O  OG  . SER A 1 169 ? -10.458 -0.416  -15.832 1.00 34.82 ? 169 SER A OG  1 
ATOM   1027 N  N   . ALA A 1 170 ? -10.360 -3.417  -15.551 1.00 24.48 ? 170 ALA A N   1 
ATOM   1028 C  CA  . ALA A 1 170 ? -10.818 -4.331  -14.518 1.00 22.72 ? 170 ALA A CA  1 
ATOM   1029 C  C   . ALA A 1 170 ? -10.917 -3.618  -13.173 1.00 21.73 ? 170 ALA A C   1 
ATOM   1030 O  O   . ALA A 1 170 ? -11.247 -4.232  -12.161 1.00 22.76 ? 170 ALA A O   1 
ATOM   1031 C  CB  . ALA A 1 170 ? -9.875  -5.515  -14.413 1.00 21.70 ? 170 ALA A CB  1 
ATOM   1032 N  N   . SER A 1 171 ? -10.642 -2.320  -13.151 1.00 21.04 ? 171 SER A N   1 
ATOM   1033 C  CA  . SER A 1 171 ? -10.711 -1.604  -11.885 1.00 24.40 ? 171 SER A CA  1 
ATOM   1034 C  C   . SER A 1 171 ? -11.875 -0.615  -11.816 1.00 21.64 ? 171 SER A C   1 
ATOM   1035 O  O   . SER A 1 171 ? -12.395 -0.187  -12.843 1.00 20.41 ? 171 SER A O   1 
ATOM   1036 C  CB  . SER A 1 171 ? -9.373  -0.903  -11.611 1.00 25.74 ? 171 SER A CB  1 
ATOM   1037 O  OG  . SER A 1 171 ? -9.044  -0.001  -12.642 1.00 30.87 ? 171 SER A OG  1 
ATOM   1038 N  N   . LYS A 1 172 ? -12.297 -0.269  -10.604 1.00 20.45 ? 172 LYS A N   1 
ATOM   1039 C  CA  . LYS A 1 172 ? -13.399 0.676   -10.443 1.00 21.69 ? 172 LYS A CA  1 
ATOM   1040 C  C   . LYS A 1 172 ? -13.059 2.049   -11.013 1.00 21.21 ? 172 LYS A C   1 
ATOM   1041 O  O   . LYS A 1 172 ? -13.912 2.689   -11.633 1.00 22.05 ? 172 LYS A O   1 
ATOM   1042 C  CB  . LYS A 1 172 ? -13.803 0.786   -8.972  1.00 20.22 ? 172 LYS A CB  1 
ATOM   1043 C  CG  . LYS A 1 172 ? -14.402 -0.511  -8.443  1.00 21.66 ? 172 LYS A CG  1 
ATOM   1044 C  CD  . LYS A 1 172 ? -14.883 -0.371  -7.017  1.00 21.13 ? 172 LYS A CD  1 
ATOM   1045 C  CE  . LYS A 1 172 ? -15.363 -1.704  -6.471  1.00 20.83 ? 172 LYS A CE  1 
ATOM   1046 N  NZ  . LYS A 1 172 ? -15.746 -1.580  -5.044  1.00 18.74 ? 172 LYS A NZ  1 
ATOM   1047 N  N   . GLY A 1 173 ? -11.825 2.501   -10.803 1.00 20.11 ? 173 GLY A N   1 
ATOM   1048 C  CA  . GLY A 1 173 ? -11.421 3.785   -11.353 1.00 20.60 ? 173 GLY A CA  1 
ATOM   1049 C  C   . GLY A 1 173 ? -11.125 4.918   -10.386 1.00 22.18 ? 173 GLY A C   1 
ATOM   1050 O  O   . GLY A 1 173 ? -10.402 5.848   -10.735 1.00 23.03 ? 173 GLY A O   1 
ATOM   1051 N  N   . GLY A 1 174 ? -11.676 4.847   -9.178  1.00 22.01 ? 174 GLY A N   1 
ATOM   1052 C  CA  . GLY A 1 174 ? -11.448 5.891   -8.194  1.00 23.26 ? 174 GLY A CA  1 
ATOM   1053 C  C   . GLY A 1 174 ? -9.991  6.105   -7.805  1.00 23.96 ? 174 GLY A C   1 
ATOM   1054 O  O   . GLY A 1 174 ? -9.470  7.214   -7.907  1.00 23.56 ? 174 GLY A O   1 
ATOM   1055 N  N   . ILE A 1 175 ? -9.331  5.047   -7.350  1.00 22.16 ? 175 ILE A N   1 
ATOM   1056 C  CA  . ILE A 1 175 ? -7.935  5.138   -6.939  1.00 23.26 ? 175 ILE A CA  1 
ATOM   1057 C  C   . ILE A 1 175 ? -7.026  5.358   -8.154  1.00 23.81 ? 175 ILE A C   1 
ATOM   1058 O  O   . ILE A 1 175 ? -6.114  6.189   -8.119  1.00 23.13 ? 175 ILE A O   1 
ATOM   1059 C  CB  . ILE A 1 175 ? -7.526  3.853   -6.170  1.00 24.63 ? 175 ILE A CB  1 
ATOM   1060 C  CG1 . ILE A 1 175 ? -8.329  3.774   -4.864  1.00 23.89 ? 175 ILE A CG1 1 
ATOM   1061 C  CG2 . ILE A 1 175 ? -6.022  3.842   -5.897  1.00 21.27 ? 175 ILE A CG2 1 
ATOM   1062 C  CD1 . ILE A 1 175 ? -8.291  2.418   -4.185  1.00 25.08 ? 175 ILE A CD1 1 
ATOM   1063 N  N   . VAL A 1 176 ? -7.286  4.610   -9.222  1.00 21.99 ? 176 VAL A N   1 
ATOM   1064 C  CA  . VAL A 1 176 ? -6.516  4.714   -10.460 1.00 23.44 ? 176 VAL A CA  1 
ATOM   1065 C  C   . VAL A 1 176 ? -6.518  6.134   -11.021 1.00 22.93 ? 176 VAL A C   1 
ATOM   1066 O  O   . VAL A 1 176 ? -5.471  6.656   -11.411 1.00 22.54 ? 176 VAL A O   1 
ATOM   1067 C  CB  . VAL A 1 176 ? -7.076  3.759   -11.553 1.00 23.56 ? 176 VAL A CB  1 
ATOM   1068 C  CG1 . VAL A 1 176 ? -6.561  4.169   -12.930 1.00 24.45 ? 176 VAL A CG1 1 
ATOM   1069 C  CG2 . VAL A 1 176 ? -6.662  2.328   -11.252 1.00 24.40 ? 176 VAL A CG2 1 
ATOM   1070 N  N   . GLY A 1 177 ? -7.698  6.749   -11.074 1.00 21.92 ? 177 GLY A N   1 
ATOM   1071 C  CA  . GLY A 1 177 ? -7.806  8.098   -11.603 1.00 22.49 ? 177 GLY A CA  1 
ATOM   1072 C  C   . GLY A 1 177 ? -7.173  9.170   -10.730 1.00 24.25 ? 177 GLY A C   1 
ATOM   1073 O  O   . GLY A 1 177 ? -6.898  10.272  -11.203 1.00 24.69 ? 177 GLY A O   1 
ATOM   1074 N  N   . MET A 1 178 ? -6.937  8.851   -9.460  1.00 23.00 ? 178 MET A N   1 
ATOM   1075 C  CA  . MET A 1 178 ? -6.349  9.799   -8.515  1.00 23.70 ? 178 MET A CA  1 
ATOM   1076 C  C   . MET A 1 178 ? -4.831  9.669   -8.387  1.00 22.69 ? 178 MET A C   1 
ATOM   1077 O  O   . MET A 1 178 ? -4.182  10.485  -7.726  1.00 20.18 ? 178 MET A O   1 
ATOM   1078 C  CB  . MET A 1 178 ? -6.973  9.597   -7.135  1.00 24.62 ? 178 MET A CB  1 
ATOM   1079 C  CG  . MET A 1 178 ? -8.454  9.892   -7.082  1.00 29.41 ? 178 MET A CG  1 
ATOM   1080 S  SD  . MET A 1 178 ? -8.780  11.656  -7.199  1.00 35.64 ? 178 MET A SD  1 
ATOM   1081 C  CE  . MET A 1 178 ? -9.020  12.040  -5.468  1.00 34.25 ? 178 MET A CE  1 
ATOM   1082 N  N   . THR A 1 179 ? -4.271  8.649   -9.027  1.00 21.66 ? 179 THR A N   1 
ATOM   1083 C  CA  . THR A 1 179 ? -2.840  8.394   -8.942  1.00 21.41 ? 179 THR A CA  1 
ATOM   1084 C  C   . THR A 1 179 ? -1.931  9.523   -9.422  1.00 20.50 ? 179 THR A C   1 
ATOM   1085 O  O   . THR A 1 179 ? -1.093  10.001  -8.658  1.00 20.18 ? 179 THR A O   1 
ATOM   1086 C  CB  . THR A 1 179 ? -2.494  7.095   -9.673  1.00 21.37 ? 179 THR A CB  1 
ATOM   1087 O  OG1 . THR A 1 179 ? -3.310  6.039   -9.149  1.00 22.19 ? 179 THR A OG1 1 
ATOM   1088 C  CG2 . THR A 1 179 ? -1.027  6.731   -9.457  1.00 21.52 ? 179 THR A CG2 1 
ATOM   1089 N  N   . LEU A 1 180 ? -2.081  9.950   -10.673 1.00 21.14 ? 180 LEU A N   1 
ATOM   1090 C  CA  . LEU A 1 180 ? -1.245  11.026  -11.191 1.00 21.05 ? 180 LEU A CA  1 
ATOM   1091 C  C   . LEU A 1 180 ? -1.458  12.318  -10.408 1.00 19.08 ? 180 LEU A C   1 
ATOM   1092 O  O   . LEU A 1 180 ? -0.497  12.971  -10.010 1.00 20.15 ? 180 LEU A O   1 
ATOM   1093 C  CB  . LEU A 1 180 ? -1.523  11.267  -12.679 1.00 24.50 ? 180 LEU A CB  1 
ATOM   1094 C  CG  . LEU A 1 180 ? -0.728  12.431  -13.289 1.00 28.03 ? 180 LEU A CG  1 
ATOM   1095 C  CD1 . LEU A 1 180 ? 0.775   12.147  -13.186 1.00 25.43 ? 180 LEU A CD1 1 
ATOM   1096 C  CD2 . LEU A 1 180 ? -1.139  12.634  -14.737 1.00 30.50 ? 180 LEU A CD2 1 
ATOM   1097 N  N   . PRO A 1 181 ? -2.726  12.709  -10.177 1.00 19.56 ? 181 PRO A N   1 
ATOM   1098 C  CA  . PRO A 1 181 ? -2.991  13.941  -9.424  1.00 19.42 ? 181 PRO A CA  1 
ATOM   1099 C  C   . PRO A 1 181 ? -2.325  13.953  -8.043  1.00 19.04 ? 181 PRO A C   1 
ATOM   1100 O  O   . PRO A 1 181 ? -1.718  14.953  -7.639  1.00 18.30 ? 181 PRO A O   1 
ATOM   1101 C  CB  . PRO A 1 181 ? -4.517  13.965  -9.337  1.00 18.52 ? 181 PRO A CB  1 
ATOM   1102 C  CG  . PRO A 1 181 ? -4.925  13.350  -10.658 1.00 18.40 ? 181 PRO A CG  1 
ATOM   1103 C  CD  . PRO A 1 181 ? -3.973  12.164  -10.750 1.00 19.59 ? 181 PRO A CD  1 
ATOM   1104 N  N   . ILE A 1 182 ? -2.437  12.847  -7.314  1.00 18.49 ? 182 ILE A N   1 
ATOM   1105 C  CA  . ILE A 1 182 ? -1.832  12.782  -5.994  1.00 19.44 ? 182 ILE A CA  1 
ATOM   1106 C  C   . ILE A 1 182 ? -0.306  12.784  -6.108  1.00 18.11 ? 182 ILE A C   1 
ATOM   1107 O  O   . ILE A 1 182 ? 0.382   13.360  -5.272  1.00 17.99 ? 182 ILE A O   1 
ATOM   1108 C  CB  . ILE A 1 182 ? -2.336  11.543  -5.209  1.00 18.67 ? 182 ILE A CB  1 
ATOM   1109 C  CG1 . ILE A 1 182 ? -3.825  11.717  -4.875  1.00 18.87 ? 182 ILE A CG1 1 
ATOM   1110 C  CG2 . ILE A 1 182 ? -1.527  11.359  -3.939  1.00 17.46 ? 182 ILE A CG2 1 
ATOM   1111 C  CD1 . ILE A 1 182 ? -4.494  10.489  -4.266  1.00 17.60 ? 182 ILE A CD1 1 
ATOM   1112 N  N   . ALA A 1 183 ? 0.227   12.153  -7.147  1.00 18.66 ? 183 ALA A N   1 
ATOM   1113 C  CA  . ALA A 1 183 ? 1.677   12.143  -7.334  1.00 19.60 ? 183 ALA A CA  1 
ATOM   1114 C  C   . ALA A 1 183 ? 2.144   13.590  -7.562  1.00 19.92 ? 183 ALA A C   1 
ATOM   1115 O  O   . ALA A 1 183 ? 3.163   14.022  -7.023  1.00 17.86 ? 183 ALA A O   1 
ATOM   1116 C  CB  . ALA A 1 183 ? 2.050   11.269  -8.525  1.00 17.42 ? 183 ALA A CB  1 
ATOM   1117 N  N   . ARG A 1 184 ? 1.391   14.342  -8.356  1.00 18.10 ? 184 ARG A N   1 
ATOM   1118 C  CA  . ARG A 1 184 ? 1.752   15.733  -8.615  1.00 20.66 ? 184 ARG A CA  1 
ATOM   1119 C  C   . ARG A 1 184 ? 1.611   16.574  -7.353  1.00 20.89 ? 184 ARG A C   1 
ATOM   1120 O  O   . ARG A 1 184 ? 2.406   17.480  -7.103  1.00 20.14 ? 184 ARG A O   1 
ATOM   1121 C  CB  . ARG A 1 184 ? 0.874   16.329  -9.721  1.00 19.97 ? 184 ARG A CB  1 
ATOM   1122 C  CG  . ARG A 1 184 ? 1.123   15.745  -11.099 1.00 20.55 ? 184 ARG A CG  1 
ATOM   1123 C  CD  . ARG A 1 184 ? 0.522   16.641  -12.172 1.00 20.42 ? 184 ARG A CD  1 
ATOM   1124 N  NE  . ARG A 1 184 ? 1.186   17.939  -12.187 1.00 20.41 ? 184 ARG A NE  1 
ATOM   1125 C  CZ  . ARG A 1 184 ? 0.709   19.022  -12.794 1.00 23.07 ? 184 ARG A CZ  1 
ATOM   1126 N  NH1 . ARG A 1 184 ? -0.446  18.971  -13.449 1.00 19.85 ? 184 ARG A NH1 1 
ATOM   1127 N  NH2 . ARG A 1 184 ? 1.383   20.165  -12.730 1.00 22.42 ? 184 ARG A NH2 1 
ATOM   1128 N  N   . ASP A 1 185 ? 0.604   16.258  -6.548  1.00 20.46 ? 185 ASP A N   1 
ATOM   1129 C  CA  . ASP A 1 185 ? 0.356   16.993  -5.316  1.00 21.42 ? 185 ASP A CA  1 
ATOM   1130 C  C   . ASP A 1 185 ? 1.455   16.809  -4.272  1.00 22.37 ? 185 ASP A C   1 
ATOM   1131 O  O   . ASP A 1 185 ? 1.772   17.743  -3.534  1.00 21.58 ? 185 ASP A O   1 
ATOM   1132 C  CB  . ASP A 1 185 ? -0.994  16.573  -4.736  1.00 23.69 ? 185 ASP A CB  1 
ATOM   1133 C  CG  . ASP A 1 185 ? -1.473  17.489  -3.624  1.00 26.51 ? 185 ASP A CG  1 
ATOM   1134 O  OD1 . ASP A 1 185 ? -1.061  18.669  -3.574  1.00 28.94 ? 185 ASP A OD1 1 
ATOM   1135 O  OD2 . ASP A 1 185 ? -2.290  17.030  -2.806  1.00 26.21 ? 185 ASP A OD2 1 
ATOM   1136 N  N   . LEU A 1 186 ? 2.049   15.621  -4.219  1.00 21.20 ? 186 LEU A N   1 
ATOM   1137 C  CA  . LEU A 1 186 ? 3.091   15.346  -3.231  1.00 23.90 ? 186 LEU A CA  1 
ATOM   1138 C  C   . LEU A 1 186 ? 4.524   15.465  -3.756  1.00 23.46 ? 186 LEU A C   1 
ATOM   1139 O  O   . LEU A 1 186 ? 5.484   15.270  -3.001  1.00 22.30 ? 186 LEU A O   1 
ATOM   1140 C  CB  . LEU A 1 186 ? 2.887   13.945  -2.629  1.00 23.73 ? 186 LEU A CB  1 
ATOM   1141 C  CG  . LEU A 1 186 ? 1.537   13.632  -1.962  1.00 23.67 ? 186 LEU A CG  1 
ATOM   1142 C  CD1 . LEU A 1 186 ? 1.591   12.238  -1.344  1.00 21.10 ? 186 LEU A CD1 1 
ATOM   1143 C  CD2 . LEU A 1 186 ? 1.214   14.675  -0.887  1.00 23.05 ? 186 LEU A CD2 1 
ATOM   1144 N  N   . ALA A 1 187 ? 4.675   15.785  -5.040  1.00 22.79 ? 187 ALA A N   1 
ATOM   1145 C  CA  . ALA A 1 187 ? 6.003   15.920  -5.643  1.00 25.83 ? 187 ALA A CA  1 
ATOM   1146 C  C   . ALA A 1 187 ? 6.954   16.831  -4.855  1.00 26.60 ? 187 ALA A C   1 
ATOM   1147 O  O   . ALA A 1 187 ? 8.123   16.497  -4.669  1.00 26.07 ? 187 ALA A O   1 
ATOM   1148 C  CB  . ALA A 1 187 ? 5.881   16.421  -7.086  1.00 23.64 ? 187 ALA A CB  1 
ATOM   1149 N  N   . PRO A 1 188 ? 6.467   17.996  -4.390  1.00 27.64 ? 188 PRO A N   1 
ATOM   1150 C  CA  . PRO A 1 188 ? 7.310   18.926  -3.627  1.00 29.50 ? 188 PRO A CA  1 
ATOM   1151 C  C   . PRO A 1 188 ? 7.918   18.320  -2.351  1.00 30.90 ? 188 PRO A C   1 
ATOM   1152 O  O   . PRO A 1 188 ? 8.979   18.758  -1.893  1.00 30.84 ? 188 PRO A O   1 
ATOM   1153 C  CB  . PRO A 1 188 ? 6.355   20.079  -3.308  1.00 28.34 ? 188 PRO A CB  1 
ATOM   1154 C  CG  . PRO A 1 188 ? 5.406   20.062  -4.456  1.00 28.00 ? 188 PRO A CG  1 
ATOM   1155 C  CD  . PRO A 1 188 ? 5.137   18.583  -4.634  1.00 27.18 ? 188 PRO A CD  1 
ATOM   1156 N  N   . ILE A 1 189 ? 7.241   17.329  -1.775  1.00 30.90 ? 189 ILE A N   1 
ATOM   1157 C  CA  . ILE A 1 189 ? 7.726   16.682  -0.555  1.00 31.42 ? 189 ILE A CA  1 
ATOM   1158 C  C   . ILE A 1 189 ? 8.633   15.505  -0.886  1.00 29.03 ? 189 ILE A C   1 
ATOM   1159 O  O   . ILE A 1 189 ? 9.195   14.881  0.007   1.00 29.13 ? 189 ILE A O   1 
ATOM   1160 C  CB  . ILE A 1 189 ? 6.584   16.099  0.297   1.00 34.63 ? 189 ILE A CB  1 
ATOM   1161 C  CG1 . ILE A 1 189 ? 5.411   17.069  0.378   1.00 36.17 ? 189 ILE A CG1 1 
ATOM   1162 C  CG2 . ILE A 1 189 ? 7.095   15.810  1.697   1.00 37.72 ? 189 ILE A CG2 1 
ATOM   1163 C  CD1 . ILE A 1 189 ? 4.239   16.498  1.157   1.00 38.26 ? 189 ILE A CD1 1 
ATOM   1164 N  N   . GLY A 1 190 ? 8.755   15.192  -2.171  1.00 29.07 ? 190 GLY A N   1 
ATOM   1165 C  CA  . GLY A 1 190 ? 9.584   14.072  -2.580  1.00 26.88 ? 190 GLY A CA  1 
ATOM   1166 C  C   . GLY A 1 190 ? 8.928   12.726  -2.300  1.00 25.96 ? 190 GLY A C   1 
ATOM   1167 O  O   . GLY A 1 190 ? 9.605   11.753  -1.968  1.00 23.32 ? 190 GLY A O   1 
ATOM   1168 N  N   . ILE A 1 191 ? 7.606   12.660  -2.423  1.00 23.92 ? 191 ILE A N   1 
ATOM   1169 C  CA  . ILE A 1 191 ? 6.906   11.401  -2.186  1.00 24.14 ? 191 ILE A CA  1 
ATOM   1170 C  C   . ILE A 1 191 ? 6.374   10.846  -3.495  1.00 24.23 ? 191 ILE A C   1 
ATOM   1171 O  O   . ILE A 1 191 ? 5.595   11.510  -4.179  1.00 22.60 ? 191 ILE A O   1 
ATOM   1172 C  CB  . ILE A 1 191 ? 5.721   11.576  -1.202  1.00 23.46 ? 191 ILE A CB  1 
ATOM   1173 C  CG1 . ILE A 1 191 ? 6.247   11.992  0.171   1.00 22.27 ? 191 ILE A CG1 1 
ATOM   1174 C  CG2 . ILE A 1 191 ? 4.927   10.271  -1.088  1.00 21.91 ? 191 ILE A CG2 1 
ATOM   1175 C  CD1 . ILE A 1 191 ? 5.153   12.403  1.145   1.00 21.25 ? 191 ILE A CD1 1 
ATOM   1176 N  N   . ARG A 1 192 ? 6.810   9.640   -3.852  1.00 22.99 ? 192 ARG A N   1 
ATOM   1177 C  CA  . ARG A 1 192 ? 6.338   9.007   -5.082  1.00 23.49 ? 192 ARG A CA  1 
ATOM   1178 C  C   . ARG A 1 192 ? 5.028   8.270   -4.806  1.00 22.47 ? 192 ARG A C   1 
ATOM   1179 O  O   . ARG A 1 192 ? 4.834   7.696   -3.732  1.00 21.15 ? 192 ARG A O   1 
ATOM   1180 C  CB  . ARG A 1 192 ? 7.376   8.018   -5.634  1.00 23.34 ? 192 ARG A CB  1 
ATOM   1181 C  CG  . ARG A 1 192 ? 8.640   8.667   -6.194  1.00 24.54 ? 192 ARG A CG  1 
ATOM   1182 C  CD  . ARG A 1 192 ? 9.488   7.653   -6.963  1.00 25.96 ? 192 ARG A CD  1 
ATOM   1183 N  NE  . ARG A 1 192 ? 10.090  6.634   -6.101  1.00 25.39 ? 192 ARG A NE  1 
ATOM   1184 C  CZ  . ARG A 1 192 ? 9.929   5.322   -6.256  1.00 25.79 ? 192 ARG A CZ  1 
ATOM   1185 N  NH1 . ARG A 1 192 ? 9.171   4.850   -7.239  1.00 24.75 ? 192 ARG A NH1 1 
ATOM   1186 N  NH2 . ARG A 1 192 ? 10.546  4.474   -5.437  1.00 25.42 ? 192 ARG A NH2 1 
ATOM   1187 N  N   . VAL A 1 193 ? 4.126   8.301   -5.778  1.00 21.47 ? 193 VAL A N   1 
ATOM   1188 C  CA  . VAL A 1 193 ? 2.836   7.645   -5.636  1.00 19.67 ? 193 VAL A CA  1 
ATOM   1189 C  C   . VAL A 1 193 ? 2.600   6.768   -6.855  1.00 19.37 ? 193 VAL A C   1 
ATOM   1190 O  O   . VAL A 1 193 ? 2.613   7.245   -7.990  1.00 20.12 ? 193 VAL A O   1 
ATOM   1191 C  CB  . VAL A 1 193 ? 1.705   8.690   -5.502  1.00 19.29 ? 193 VAL A CB  1 
ATOM   1192 C  CG1 . VAL A 1 193 ? 0.363   7.996   -5.269  1.00 18.88 ? 193 VAL A CG1 1 
ATOM   1193 C  CG2 . VAL A 1 193 ? 2.018   9.640   -4.351  1.00 17.28 ? 193 VAL A CG2 1 
ATOM   1194 N  N   . MET A 1 194 ? 2.395   5.480   -6.610  1.00 19.20 ? 194 MET A N   1 
ATOM   1195 C  CA  . MET A 1 194 ? 2.172   4.509   -7.674  1.00 20.22 ? 194 MET A CA  1 
ATOM   1196 C  C   . MET A 1 194 ? 0.983   3.620   -7.335  1.00 20.93 ? 194 MET A C   1 
ATOM   1197 O  O   . MET A 1 194 ? 0.661   3.405   -6.160  1.00 20.89 ? 194 MET A O   1 
ATOM   1198 C  CB  . MET A 1 194 ? 3.407   3.623   -7.839  1.00 20.99 ? 194 MET A CB  1 
ATOM   1199 C  CG  . MET A 1 194 ? 4.641   4.336   -8.375  1.00 23.37 ? 194 MET A CG  1 
ATOM   1200 S  SD  . MET A 1 194 ? 4.490   4.679   -10.133 1.00 24.15 ? 194 MET A SD  1 
ATOM   1201 C  CE  . MET A 1 194 ? 4.414   3.002   -10.803 1.00 24.01 ? 194 MET A CE  1 
ATOM   1202 N  N   . THR A 1 195 ? 0.344   3.085   -8.365  1.00 19.47 ? 195 THR A N   1 
ATOM   1203 C  CA  . THR A 1 195 ? -0.792  2.212   -8.145  1.00 19.06 ? 195 THR A CA  1 
ATOM   1204 C  C   . THR A 1 195 ? -0.690  0.923   -8.947  1.00 20.20 ? 195 THR A C   1 
ATOM   1205 O  O   . THR A 1 195 ? -0.290  0.929   -10.117 1.00 19.95 ? 195 THR A O   1 
ATOM   1206 C  CB  . THR A 1 195 ? -2.106  2.940   -8.493  1.00 20.41 ? 195 THR A CB  1 
ATOM   1207 O  OG1 . THR A 1 195 ? -2.268  4.055   -7.605  1.00 20.37 ? 195 THR A OG1 1 
ATOM   1208 C  CG2 . THR A 1 195 ? -3.305  1.998   -8.363  1.00 18.66 ? 195 THR A CG2 1 
ATOM   1209 N  N   . ILE A 1 196 ? -1.049  -0.180  -8.299  1.00 18.87 ? 196 ILE A N   1 
ATOM   1210 C  CA  . ILE A 1 196 ? -1.042  -1.496  -8.927  1.00 19.74 ? 196 ILE A CA  1 
ATOM   1211 C  C   . ILE A 1 196 ? -2.491  -1.894  -9.226  1.00 20.86 ? 196 ILE A C   1 
ATOM   1212 O  O   . ILE A 1 196 ? -3.328  -1.968  -8.320  1.00 18.06 ? 196 ILE A O   1 
ATOM   1213 C  CB  . ILE A 1 196 ? -0.398  -2.547  -7.995  1.00 20.78 ? 196 ILE A CB  1 
ATOM   1214 C  CG1 . ILE A 1 196 ? 1.076   -2.198  -7.769  1.00 18.80 ? 196 ILE A CG1 1 
ATOM   1215 C  CG2 . ILE A 1 196 ? -0.550  -3.947  -8.588  1.00 18.06 ? 196 ILE A CG2 1 
ATOM   1216 C  CD1 . ILE A 1 196 ? 1.771   -3.072  -6.731  1.00 20.47 ? 196 ILE A CD1 1 
ATOM   1217 N  N   . ALA A 1 197 ? -2.779  -2.145  -10.500 1.00 20.78 ? 197 ALA A N   1 
ATOM   1218 C  CA  . ALA A 1 197 ? -4.122  -2.520  -10.927 1.00 23.07 ? 197 ALA A CA  1 
ATOM   1219 C  C   . ALA A 1 197 ? -4.179  -3.962  -11.441 1.00 23.89 ? 197 ALA A C   1 
ATOM   1220 O  O   . ALA A 1 197 ? -3.163  -4.545  -11.820 1.00 22.38 ? 197 ALA A O   1 
ATOM   1221 C  CB  . ALA A 1 197 ? -4.601  -1.560  -12.016 1.00 18.88 ? 197 ALA A CB  1 
ATOM   1222 N  N   . PRO A 1 198 ? -5.383  -4.556  -11.462 1.00 26.13 ? 198 PRO A N   1 
ATOM   1223 C  CA  . PRO A 1 198 ? -5.547  -5.934  -11.939 1.00 27.42 ? 198 PRO A CA  1 
ATOM   1224 C  C   . PRO A 1 198 ? -5.476  -5.995  -13.461 1.00 26.63 ? 198 PRO A C   1 
ATOM   1225 O  O   . PRO A 1 198 ? -5.726  -4.999  -14.142 1.00 26.07 ? 198 PRO A O   1 
ATOM   1226 C  CB  . PRO A 1 198 ? -6.950  -6.326  -11.459 1.00 27.18 ? 198 PRO A CB  1 
ATOM   1227 C  CG  . PRO A 1 198 ? -7.470  -5.106  -10.678 1.00 30.59 ? 198 PRO A CG  1 
ATOM   1228 C  CD  . PRO A 1 198 ? -6.687  -3.942  -11.172 1.00 26.35 ? 198 PRO A CD  1 
ATOM   1229 N  N   . GLY A 1 199 ? -5.133  -7.166  -13.988 1.00 28.19 ? 199 GLY A N   1 
ATOM   1230 C  CA  . GLY A 1 199 ? -5.094  -7.338  -15.426 1.00 27.64 ? 199 GLY A CA  1 
ATOM   1231 C  C   . GLY A 1 199 ? -6.510  -7.695  -15.840 1.00 27.91 ? 199 GLY A C   1 
ATOM   1232 O  O   . GLY A 1 199 ? -7.365  -7.913  -14.979 1.00 26.38 ? 199 GLY A O   1 
ATOM   1233 N  N   . LEU A 1 200 ? -6.770  -7.775  -17.141 1.00 29.71 ? 200 LEU A N   1 
ATOM   1234 C  CA  . LEU A 1 200 ? -8.113  -8.090  -17.624 1.00 30.88 ? 200 LEU A CA  1 
ATOM   1235 C  C   . LEU A 1 200 ? -8.515  -9.547  -17.436 1.00 32.46 ? 200 LEU A C   1 
ATOM   1236 O  O   . LEU A 1 200 ? -9.702  -9.869  -17.401 1.00 32.52 ? 200 LEU A O   1 
ATOM   1237 C  CB  . LEU A 1 200 ? -8.240  -7.708  -19.099 1.00 28.83 ? 200 LEU A CB  1 
ATOM   1238 C  CG  . LEU A 1 200 ? -8.053  -6.218  -19.377 1.00 28.16 ? 200 LEU A CG  1 
ATOM   1239 C  CD1 . LEU A 1 200 ? -8.156  -5.961  -20.874 1.00 27.80 ? 200 LEU A CD1 1 
ATOM   1240 C  CD2 . LEU A 1 200 ? -9.110  -5.414  -18.606 1.00 26.89 ? 200 LEU A CD2 1 
ATOM   1241 N  N   . PHE A 1 201 ? -7.527  -10.427 -17.320 1.00 35.13 ? 201 PHE A N   1 
ATOM   1242 C  CA  . PHE A 1 201 ? -7.795  -11.846 -17.126 1.00 39.74 ? 201 PHE A CA  1 
ATOM   1243 C  C   . PHE A 1 201 ? -7.455  -12.205 -15.691 1.00 45.09 ? 201 PHE A C   1 
ATOM   1244 O  O   . PHE A 1 201 ? -6.317  -12.034 -15.249 1.00 47.64 ? 201 PHE A O   1 
ATOM   1245 C  CB  . PHE A 1 201 ? -6.959  -12.675 -18.103 1.00 36.37 ? 201 PHE A CB  1 
ATOM   1246 C  CG  . PHE A 1 201 ? -7.095  -12.227 -19.530 1.00 35.42 ? 201 PHE A CG  1 
ATOM   1247 C  CD1 . PHE A 1 201 ? -6.113  -11.440 -20.121 1.00 33.71 ? 201 PHE A CD1 1 
ATOM   1248 C  CD2 . PHE A 1 201 ? -8.239  -12.538 -20.266 1.00 34.61 ? 201 PHE A CD2 1 
ATOM   1249 C  CE1 . PHE A 1 201 ? -6.268  -10.965 -21.426 1.00 34.63 ? 201 PHE A CE1 1 
ATOM   1250 C  CE2 . PHE A 1 201 ? -8.404  -12.069 -21.568 1.00 33.93 ? 201 PHE A CE2 1 
ATOM   1251 C  CZ  . PHE A 1 201 ? -7.419  -11.282 -22.150 1.00 35.00 ? 201 PHE A CZ  1 
ATOM   1252 N  N   . GLY A 1 202 ? -8.448  -12.690 -14.956 1.00 49.96 ? 202 GLY A N   1 
ATOM   1253 C  CA  . GLY A 1 202 ? -8.225  -13.039 -13.564 1.00 56.41 ? 202 GLY A CA  1 
ATOM   1254 C  C   . GLY A 1 202 ? -6.954  -13.829 -13.306 1.00 59.70 ? 202 GLY A C   1 
ATOM   1255 O  O   . GLY A 1 202 ? -6.512  -13.945 -12.159 1.00 61.88 ? 202 GLY A O   1 
ATOM   1256 N  N   . THR A 1 203 ? -6.362  -14.373 -14.366 1.00 61.54 ? 203 THR A N   1 
ATOM   1257 C  CA  . THR A 1 203 ? -5.147  -15.164 -14.228 1.00 62.76 ? 203 THR A CA  1 
ATOM   1258 C  C   . THR A 1 203 ? -5.408  -16.234 -13.176 1.00 63.46 ? 203 THR A C   1 
ATOM   1259 O  O   . THR A 1 203 ? -4.482  -16.801 -12.597 1.00 64.00 ? 203 THR A O   1 
ATOM   1260 C  CB  . THR A 1 203 ? -3.980  -14.272 -13.808 1.00 63.49 ? 203 THR A CB  1 
ATOM   1261 N  N   . PRO A 1 204 ? -6.690  -16.497 -12.935 1.00 64.23 ? 204 PRO A N   1 
ATOM   1262 C  CA  . PRO A 1 204 ? -7.107  -17.489 -11.958 1.00 65.09 ? 204 PRO A CA  1 
ATOM   1263 C  C   . PRO A 1 204 ? -6.867  -18.891 -12.502 1.00 66.17 ? 204 PRO A C   1 
ATOM   1264 O  O   . PRO A 1 204 ? -6.574  -19.822 -11.748 1.00 66.13 ? 204 PRO A O   1 
ATOM   1265 C  CB  . PRO A 1 204 ? -8.582  -17.300 -11.624 1.00 64.88 ? 204 PRO A CB  1 
ATOM   1266 N  N   . LEU A 1 205 ? -6.992  -19.036 -13.818 1.00 66.63 ? 205 LEU A N   1 
ATOM   1267 C  CA  . LEU A 1 205 ? -6.791  -20.323 -14.467 1.00 67.86 ? 205 LEU A CA  1 
ATOM   1268 C  C   . LEU A 1 205 ? -7.488  -21.437 -13.685 1.00 68.94 ? 205 LEU A C   1 
ATOM   1269 O  O   . LEU A 1 205 ? -7.149  -22.617 -13.823 1.00 69.95 ? 205 LEU A O   1 
ATOM   1270 C  CB  . LEU A 1 205 ? -5.302  -20.614 -14.585 1.00 67.91 ? 205 LEU A CB  1 
ATOM   1271 N  N   . LEU A 1 206 ? -8.463  -21.053 -12.865 1.00 68.62 ? 206 LEU A N   1 
ATOM   1272 C  CA  . LEU A 1 206 ? -9.216  -22.007 -12.058 1.00 68.80 ? 206 LEU A CA  1 
ATOM   1273 C  C   . LEU A 1 206 ? -10.265 -21.273 -11.233 1.00 68.83 ? 206 LEU A C   1 
ATOM   1274 O  O   . LEU A 1 206 ? -10.289 -20.043 -11.200 1.00 69.35 ? 206 LEU A O   1 
ATOM   1275 C  CB  . LEU A 1 206 ? -8.270  -22.783 -11.140 1.00 68.59 ? 206 LEU A CB  1 
ATOM   1276 N  N   . THR A 1 207 ? -11.131 -22.032 -10.570 1.00 69.56 ? 207 THR A N   1 
ATOM   1277 C  CA  . THR A 1 207 ? -12.185 -21.453 -9.745  1.00 70.31 ? 207 THR A CA  1 
ATOM   1278 C  C   . THR A 1 207 ? -12.568 -22.389 -8.598  1.00 70.58 ? 207 THR A C   1 
ATOM   1279 O  O   . THR A 1 207 ? -11.746 -22.704 -7.734  1.00 70.99 ? 207 THR A O   1 
ATOM   1280 C  CB  . THR A 1 207 ? -13.412 -21.149 -10.607 1.00 69.76 ? 207 THR A CB  1 
ATOM   1281 N  N   . ASP A 1 229 ? -1.798  -13.593 -8.040  1.00 58.37 ? 229 ASP A N   1 
ATOM   1282 C  CA  . ASP A 1 229 ? -0.733  -14.231 -7.270  1.00 57.98 ? 229 ASP A CA  1 
ATOM   1283 C  C   . ASP A 1 229 ? -0.089  -13.245 -6.300  1.00 56.41 ? 229 ASP A C   1 
ATOM   1284 O  O   . ASP A 1 229 ? 0.446   -12.213 -6.712  1.00 56.18 ? 229 ASP A O   1 
ATOM   1285 C  CB  . ASP A 1 229 ? 0.339   -14.792 -8.209  1.00 60.12 ? 229 ASP A CB  1 
ATOM   1286 C  CG  . ASP A 1 229 ? 1.448   -15.513 -7.461  1.00 62.33 ? 229 ASP A CG  1 
ATOM   1287 O  OD1 . ASP A 1 229 ? 2.429   -15.939 -8.109  1.00 63.85 ? 229 ASP A OD1 1 
ATOM   1288 O  OD2 . ASP A 1 229 ? 1.338   -15.659 -6.224  1.00 64.11 ? 229 ASP A OD2 1 
ATOM   1289 N  N   . PRO A 1 230 ? -0.130  -13.556 -4.994  1.00 54.32 ? 230 PRO A N   1 
ATOM   1290 C  CA  . PRO A 1 230 ? 0.450   -12.700 -3.956  1.00 52.31 ? 230 PRO A CA  1 
ATOM   1291 C  C   . PRO A 1 230 ? 1.938   -12.438 -4.174  1.00 49.78 ? 230 PRO A C   1 
ATOM   1292 O  O   . PRO A 1 230 ? 2.392   -11.294 -4.106  1.00 48.70 ? 230 PRO A O   1 
ATOM   1293 C  CB  . PRO A 1 230 ? 0.182   -13.489 -2.677  1.00 52.84 ? 230 PRO A CB  1 
ATOM   1294 C  CG  . PRO A 1 230 ? -1.095  -14.210 -2.995  1.00 53.72 ? 230 PRO A CG  1 
ATOM   1295 C  CD  . PRO A 1 230 ? -0.825  -14.707 -4.391  1.00 53.71 ? 230 PRO A CD  1 
ATOM   1296 N  N   . ALA A 1 231 ? 2.690   -13.500 -4.436  1.00 47.16 ? 231 ALA A N   1 
ATOM   1297 C  CA  . ALA A 1 231 ? 4.124   -13.372 -4.661  1.00 46.13 ? 231 ALA A CA  1 
ATOM   1298 C  C   . ALA A 1 231 ? 4.422   -12.348 -5.755  1.00 44.23 ? 231 ALA A C   1 
ATOM   1299 O  O   . ALA A 1 231 ? 5.272   -11.476 -5.582  1.00 43.83 ? 231 ALA A O   1 
ATOM   1300 C  CB  . ALA A 1 231 ? 4.717   -14.724 -5.031  1.00 46.56 ? 231 ALA A CB  1 
ATOM   1301 N  N   . GLU A 1 232 ? 3.717   -12.454 -6.876  1.00 43.00 ? 232 GLU A N   1 
ATOM   1302 C  CA  . GLU A 1 232 ? 3.908   -11.532 -7.993  1.00 42.48 ? 232 GLU A CA  1 
ATOM   1303 C  C   . GLU A 1 232 ? 3.621   -10.099 -7.549  1.00 39.03 ? 232 GLU A C   1 
ATOM   1304 O  O   . GLU A 1 232 ? 4.359   -9.170  -7.876  1.00 37.58 ? 232 GLU A O   1 
ATOM   1305 C  CB  . GLU A 1 232 ? 2.975   -11.906 -9.148  1.00 47.12 ? 232 GLU A CB  1 
ATOM   1306 C  CG  . GLU A 1 232 ? 3.108   -13.351 -9.599  1.00 55.17 ? 232 GLU A CG  1 
ATOM   1307 C  CD  . GLU A 1 232 ? 4.474   -13.654 -10.181 1.00 59.54 ? 232 GLU A CD  1 
ATOM   1308 O  OE1 . GLU A 1 232 ? 4.788   -14.850 -10.377 1.00 61.71 ? 232 GLU A OE1 1 
ATOM   1309 O  OE2 . GLU A 1 232 ? 5.231   -12.694 -10.452 1.00 61.78 ? 232 GLU A OE2 1 
ATOM   1310 N  N   . TYR A 1 233 ? 2.536   -9.928  -6.805  1.00 35.50 ? 233 TYR A N   1 
ATOM   1311 C  CA  . TYR A 1 233 ? 2.165   -8.612  -6.319  1.00 33.21 ? 233 TYR A CA  1 
ATOM   1312 C  C   . TYR A 1 233 ? 3.252   -8.073  -5.390  1.00 30.79 ? 233 TYR A C   1 
ATOM   1313 O  O   . TYR A 1 233 ? 3.667   -6.921  -5.513  1.00 29.31 ? 233 TYR A O   1 
ATOM   1314 C  CB  . TYR A 1 233 ? 0.810   -8.685  -5.598  1.00 30.80 ? 233 TYR A CB  1 
ATOM   1315 C  CG  . TYR A 1 233 ? 0.398   -7.403  -4.909  1.00 30.82 ? 233 TYR A CG  1 
ATOM   1316 C  CD1 . TYR A 1 233 ? 0.904   -7.075  -3.648  1.00 28.97 ? 233 TYR A CD1 1 
ATOM   1317 C  CD2 . TYR A 1 233 ? -0.468  -6.497  -5.530  1.00 28.40 ? 233 TYR A CD2 1 
ATOM   1318 C  CE1 . TYR A 1 233 ? 0.550   -5.887  -3.019  1.00 29.20 ? 233 TYR A CE1 1 
ATOM   1319 C  CE2 . TYR A 1 233 ? -0.830  -5.303  -4.906  1.00 27.91 ? 233 TYR A CE2 1 
ATOM   1320 C  CZ  . TYR A 1 233 ? -0.307  -5.002  -3.655  1.00 28.97 ? 233 TYR A CZ  1 
ATOM   1321 O  OH  . TYR A 1 233 ? -0.634  -3.824  -3.029  1.00 29.77 ? 233 TYR A OH  1 
ATOM   1322 N  N   . ALA A 1 234 ? 3.726   -8.913  -4.477  1.00 31.16 ? 234 ALA A N   1 
ATOM   1323 C  CA  . ALA A 1 234 ? 4.762   -8.501  -3.531  1.00 31.51 ? 234 ALA A CA  1 
ATOM   1324 C  C   . ALA A 1 234 ? 6.053   -8.103  -4.241  1.00 31.08 ? 234 ALA A C   1 
ATOM   1325 O  O   . ALA A 1 234 ? 6.678   -7.102  -3.897  1.00 30.76 ? 234 ALA A O   1 
ATOM   1326 C  CB  . ALA A 1 234 ? 5.034   -9.621  -2.530  1.00 30.22 ? 234 ALA A CB  1 
ATOM   1327 N  N   . HIS A 1 235 ? 6.445   -8.886  -5.241  1.00 32.25 ? 235 HIS A N   1 
ATOM   1328 C  CA  . HIS A 1 235 ? 7.661   -8.596  -5.986  1.00 33.59 ? 235 HIS A CA  1 
ATOM   1329 C  C   . HIS A 1 235 ? 7.518   -7.265  -6.728  1.00 30.38 ? 235 HIS A C   1 
ATOM   1330 O  O   . HIS A 1 235 ? 8.487   -6.524  -6.885  1.00 29.50 ? 235 HIS A O   1 
ATOM   1331 C  CB  . HIS A 1 235 ? 7.960   -9.726  -6.979  1.00 38.29 ? 235 HIS A CB  1 
ATOM   1332 C  CG  . HIS A 1 235 ? 9.336   -9.656  -7.569  1.00 45.84 ? 235 HIS A CG  1 
ATOM   1333 N  ND1 . HIS A 1 235 ? 9.761   -10.514 -8.568  1.00 50.24 ? 235 HIS A ND1 1 
ATOM   1334 C  CD2 . HIS A 1 235 ? 10.382  -8.846  -7.307  1.00 48.94 ? 235 HIS A CD2 1 
ATOM   1335 C  CE1 . HIS A 1 235 ? 11.005  -10.227 -8.890  1.00 51.02 ? 235 HIS A CE1 1 
ATOM   1336 N  NE2 . HIS A 1 235 ? 11.412  -9.212  -8.138  1.00 51.51 ? 235 HIS A NE2 1 
ATOM   1337 N  N   . LEU A 1 236 ? 6.309   -6.961  -7.187  1.00 28.81 ? 236 LEU A N   1 
ATOM   1338 C  CA  . LEU A 1 236 ? 6.081   -5.705  -7.886  1.00 28.32 ? 236 LEU A CA  1 
ATOM   1339 C  C   . LEU A 1 236 ? 6.194   -4.541  -6.892  1.00 27.20 ? 236 LEU A C   1 
ATOM   1340 O  O   . LEU A 1 236 ? 6.748   -3.491  -7.213  1.00 25.93 ? 236 LEU A O   1 
ATOM   1341 C  CB  . LEU A 1 236 ? 4.709   -5.721  -8.564  1.00 28.96 ? 236 LEU A CB  1 
ATOM   1342 C  CG  . LEU A 1 236 ? 4.292   -4.471  -9.344  1.00 30.55 ? 236 LEU A CG  1 
ATOM   1343 C  CD1 . LEU A 1 236 ? 5.416   -4.025  -10.266 1.00 31.24 ? 236 LEU A CD1 1 
ATOM   1344 C  CD2 . LEU A 1 236 ? 3.026   -4.776  -10.132 1.00 28.78 ? 236 LEU A CD2 1 
ATOM   1345 N  N   . VAL A 1 237 ? 5.691   -4.734  -5.675  1.00 26.31 ? 237 VAL A N   1 
ATOM   1346 C  CA  . VAL A 1 237 ? 5.783   -3.682  -4.662  1.00 27.52 ? 237 VAL A CA  1 
ATOM   1347 C  C   . VAL A 1 237 ? 7.258   -3.335  -4.438  1.00 27.88 ? 237 VAL A C   1 
ATOM   1348 O  O   . VAL A 1 237 ? 7.655   -2.168  -4.495  1.00 26.11 ? 237 VAL A O   1 
ATOM   1349 C  CB  . VAL A 1 237 ? 5.161   -4.131  -3.314  1.00 27.95 ? 237 VAL A CB  1 
ATOM   1350 C  CG1 . VAL A 1 237 ? 5.480   -3.106  -2.217  1.00 25.57 ? 237 VAL A CG1 1 
ATOM   1351 C  CG2 . VAL A 1 237 ? 3.651   -4.281  -3.464  1.00 25.78 ? 237 VAL A CG2 1 
ATOM   1352 N  N   . GLN A 1 238 ? 8.067   -4.362  -4.192  1.00 28.96 ? 238 GLN A N   1 
ATOM   1353 C  CA  . GLN A 1 238 ? 9.496   -4.170  -3.967  1.00 29.04 ? 238 GLN A CA  1 
ATOM   1354 C  C   . GLN A 1 238 ? 10.167  -3.468  -5.146  1.00 27.73 ? 238 GLN A C   1 
ATOM   1355 O  O   . GLN A 1 238 ? 10.978  -2.558  -4.961  1.00 26.72 ? 238 GLN A O   1 
ATOM   1356 C  CB  . GLN A 1 238 ? 10.185  -5.515  -3.719  1.00 29.87 ? 238 GLN A CB  1 
ATOM   1357 C  CG  . GLN A 1 238 ? 11.695  -5.389  -3.569  1.00 33.12 ? 238 GLN A CG  1 
ATOM   1358 C  CD  . GLN A 1 238 ? 12.371  -6.686  -3.161  1.00 35.58 ? 238 GLN A CD  1 
ATOM   1359 O  OE1 . GLN A 1 238 ? 13.586  -6.725  -2.977  1.00 38.88 ? 238 GLN A OE1 1 
ATOM   1360 N  NE2 . GLN A 1 238 ? 11.589  -7.751  -3.017  1.00 33.37 ? 238 GLN A NE2 1 
ATOM   1361 N  N   . ALA A 1 239 ? 9.823   -3.892  -6.359  1.00 26.61 ? 239 ALA A N   1 
ATOM   1362 C  CA  . ALA A 1 239 ? 10.398  -3.302  -7.560  1.00 28.27 ? 239 ALA A CA  1 
ATOM   1363 C  C   . ALA A 1 239 ? 10.037  -1.821  -7.687  1.00 29.20 ? 239 ALA A C   1 
ATOM   1364 O  O   . ALA A 1 239 ? 10.857  -1.010  -8.126  1.00 29.88 ? 239 ALA A O   1 
ATOM   1365 C  CB  . ALA A 1 239 ? 9.931   -4.069  -8.793  1.00 27.08 ? 239 ALA A CB  1 
ATOM   1366 N  N   . ILE A 1 240 ? 8.813   -1.463  -7.309  1.00 28.46 ? 240 ILE A N   1 
ATOM   1367 C  CA  . ILE A 1 240 ? 8.393   -0.066  -7.388  1.00 27.35 ? 240 ILE A CA  1 
ATOM   1368 C  C   . ILE A 1 240 ? 9.191   0.764   -6.385  1.00 26.46 ? 240 ILE A C   1 
ATOM   1369 O  O   . ILE A 1 240 ? 9.643   1.868   -6.694  1.00 25.15 ? 240 ILE A O   1 
ATOM   1370 C  CB  . ILE A 1 240 ? 6.873   0.090   -7.096  1.00 27.60 ? 240 ILE A CB  1 
ATOM   1371 C  CG1 . ILE A 1 240 ? 6.064   -0.562  -8.224  1.00 27.91 ? 240 ILE A CG1 1 
ATOM   1372 C  CG2 . ILE A 1 240 ? 6.512   1.564   -6.948  1.00 24.03 ? 240 ILE A CG2 1 
ATOM   1373 C  CD1 . ILE A 1 240 ? 4.561   -0.504  -8.036  1.00 28.11 ? 240 ILE A CD1 1 
ATOM   1374 N  N   . ILE A 1 241 ? 9.365   0.220   -5.186  1.00 26.51 ? 241 ILE A N   1 
ATOM   1375 C  CA  . ILE A 1 241 ? 10.110  0.895   -4.129  1.00 28.84 ? 241 ILE A CA  1 
ATOM   1376 C  C   . ILE A 1 241 ? 11.579  1.108   -4.515  1.00 32.04 ? 241 ILE A C   1 
ATOM   1377 O  O   . ILE A 1 241 ? 12.173  2.130   -4.176  1.00 31.82 ? 241 ILE A O   1 
ATOM   1378 C  CB  . ILE A 1 241 ? 10.070  0.077   -2.801  1.00 26.69 ? 241 ILE A CB  1 
ATOM   1379 C  CG1 . ILE A 1 241 ? 8.631   -0.056  -2.301  1.00 26.35 ? 241 ILE A CG1 1 
ATOM   1380 C  CG2 . ILE A 1 241 ? 10.913  0.761   -1.737  1.00 26.23 ? 241 ILE A CG2 1 
ATOM   1381 C  CD1 . ILE A 1 241 ? 8.480   -0.942  -1.076  1.00 22.33 ? 241 ILE A CD1 1 
ATOM   1382 N  N   . GLU A 1 242 ? 12.157  0.151   -5.237  1.00 34.81 ? 242 GLU A N   1 
ATOM   1383 C  CA  . GLU A 1 242 ? 13.563  0.238   -5.623  1.00 38.13 ? 242 GLU A CA  1 
ATOM   1384 C  C   . GLU A 1 242 ? 13.877  1.005   -6.906  1.00 39.16 ? 242 GLU A C   1 
ATOM   1385 O  O   . GLU A 1 242 ? 15.047  1.197   -7.239  1.00 39.75 ? 242 GLU A O   1 
ATOM   1386 C  CB  . GLU A 1 242 ? 14.161  -1.169  -5.702  1.00 38.61 ? 242 GLU A CB  1 
ATOM   1387 C  CG  . GLU A 1 242 ? 13.921  -1.985  -4.443  1.00 41.18 ? 242 GLU A CG  1 
ATOM   1388 C  CD  . GLU A 1 242 ? 14.590  -3.343  -4.475  1.00 41.33 ? 242 GLU A CD  1 
ATOM   1389 O  OE1 . GLU A 1 242 ? 14.590  -3.985  -5.547  1.00 44.06 ? 242 GLU A OE1 1 
ATOM   1390 O  OE2 . GLU A 1 242 ? 15.100  -3.773  -3.420  1.00 41.99 ? 242 GLU A OE2 1 
ATOM   1391 N  N   . ASN A 1 243 ? 12.850  1.444   -7.626  1.00 39.61 ? 243 ASN A N   1 
ATOM   1392 C  CA  . ASN A 1 243 ? 13.068  2.202   -8.859  1.00 41.34 ? 243 ASN A CA  1 
ATOM   1393 C  C   . ASN A 1 243 ? 12.547  3.623   -8.668  1.00 42.10 ? 243 ASN A C   1 
ATOM   1394 O  O   . ASN A 1 243 ? 11.353  3.880   -8.820  1.00 42.07 ? 243 ASN A O   1 
ATOM   1395 C  CB  . ASN A 1 243 ? 12.333  1.551   -10.029 1.00 41.89 ? 243 ASN A CB  1 
ATOM   1396 C  CG  . ASN A 1 243 ? 12.673  2.195   -11.358 1.00 43.26 ? 243 ASN A CG  1 
ATOM   1397 O  OD1 . ASN A 1 243 ? 12.896  3.405   -11.438 1.00 44.72 ? 243 ASN A OD1 1 
ATOM   1398 N  ND2 . ASN A 1 243 ? 12.702  1.391   -12.414 1.00 43.85 ? 243 ASN A ND2 1 
ATOM   1399 N  N   . PRO A 1 244 ? 13.442  4.571   -8.343  1.00 42.88 ? 244 PRO A N   1 
ATOM   1400 C  CA  . PRO A 1 244 ? 13.070  5.974   -8.125  1.00 43.31 ? 244 PRO A CA  1 
ATOM   1401 C  C   . PRO A 1 244 ? 12.508  6.698   -9.346  1.00 42.76 ? 244 PRO A C   1 
ATOM   1402 O  O   . PRO A 1 244 ? 12.081  7.846   -9.245  1.00 43.81 ? 244 PRO A O   1 
ATOM   1403 C  CB  . PRO A 1 244 ? 14.378  6.615   -7.647  1.00 43.73 ? 244 PRO A CB  1 
ATOM   1404 C  CG  . PRO A 1 244 ? 15.155  5.463   -7.073  1.00 44.45 ? 244 PRO A CG  1 
ATOM   1405 C  CD  . PRO A 1 244 ? 14.875  4.370   -8.073  1.00 44.16 ? 244 PRO A CD  1 
ATOM   1406 N  N   . PHE A 1 245 ? 12.503  6.033   -10.496 1.00 42.57 ? 245 PHE A N   1 
ATOM   1407 C  CA  . PHE A 1 245 ? 12.012  6.652   -11.722 1.00 44.16 ? 245 PHE A CA  1 
ATOM   1408 C  C   . PHE A 1 245 ? 10.520  6.449   -11.980 1.00 42.17 ? 245 PHE A C   1 
ATOM   1409 O  O   . PHE A 1 245 ? 9.941   7.107   -12.845 1.00 42.11 ? 245 PHE A O   1 
ATOM   1410 C  CB  . PHE A 1 245 ? 12.825  6.143   -12.916 1.00 47.62 ? 245 PHE A CB  1 
ATOM   1411 C  CG  . PHE A 1 245 ? 14.287  6.497   -12.849 1.00 52.98 ? 245 PHE A CG  1 
ATOM   1412 C  CD1 . PHE A 1 245 ? 15.089  6.021   -11.813 1.00 55.12 ? 245 PHE A CD1 1 
ATOM   1413 C  CD2 . PHE A 1 245 ? 14.860  7.329   -13.807 1.00 55.39 ? 245 PHE A CD2 1 
ATOM   1414 C  CE1 . PHE A 1 245 ? 16.442  6.358   -11.734 1.00 56.54 ? 245 PHE A CE1 1 
ATOM   1415 C  CE2 . PHE A 1 245 ? 16.214  7.674   -13.737 1.00 57.43 ? 245 PHE A CE2 1 
ATOM   1416 C  CZ  . PHE A 1 245 ? 17.004  7.191   -12.694 1.00 57.13 ? 245 PHE A CZ  1 
ATOM   1417 N  N   . LEU A 1 246 ? 9.899   5.544   -11.232 1.00 38.56 ? 246 LEU A N   1 
ATOM   1418 C  CA  . LEU A 1 246 ? 8.474   5.277   -11.397 1.00 36.11 ? 246 LEU A CA  1 
ATOM   1419 C  C   . LEU A 1 246 ? 7.657   6.182   -10.476 1.00 32.83 ? 246 LEU A C   1 
ATOM   1420 O  O   . LEU A 1 246 ? 7.783   6.111   -9.254  1.00 32.13 ? 246 LEU A O   1 
ATOM   1421 C  CB  . LEU A 1 246 ? 8.178   3.805   -11.085 1.00 36.67 ? 246 LEU A CB  1 
ATOM   1422 C  CG  . LEU A 1 246 ? 8.871   2.787   -11.997 1.00 36.80 ? 246 LEU A CG  1 
ATOM   1423 C  CD1 . LEU A 1 246 ? 8.699   1.383   -11.444 1.00 35.43 ? 246 LEU A CD1 1 
ATOM   1424 C  CD2 . LEU A 1 246 ? 8.289   2.887   -13.402 1.00 37.13 ? 246 LEU A CD2 1 
ATOM   1425 N  N   . ASN A 1 247 ? 6.829   7.041   -11.063 1.00 30.49 ? 247 ASN A N   1 
ATOM   1426 C  CA  . ASN A 1 247 ? 6.003   7.946   -10.269 1.00 28.31 ? 247 ASN A CA  1 
ATOM   1427 C  C   . ASN A 1 247 ? 4.746   8.404   -11.001 1.00 27.00 ? 247 ASN A C   1 
ATOM   1428 O  O   . ASN A 1 247 ? 4.804   8.778   -12.173 1.00 24.25 ? 247 ASN A O   1 
ATOM   1429 C  CB  . ASN A 1 247 ? 6.825   9.168   -9.843  1.00 26.76 ? 247 ASN A CB  1 
ATOM   1430 C  CG  . ASN A 1 247 ? 6.138   9.984   -8.752  1.00 28.46 ? 247 ASN A CG  1 
ATOM   1431 O  OD1 . ASN A 1 247 ? 5.358   9.450   -7.958  1.00 26.44 ? 247 ASN A OD1 1 
ATOM   1432 N  ND2 . ASN A 1 247 ? 6.444   11.278  -8.697  1.00 27.58 ? 247 ASN A ND2 1 
ATOM   1433 N  N   . GLY A 1 248 ? 3.613   8.363   -10.300 1.00 25.63 ? 248 GLY A N   1 
ATOM   1434 C  CA  . GLY A 1 248 ? 2.350   8.800   -10.878 1.00 25.72 ? 248 GLY A CA  1 
ATOM   1435 C  C   . GLY A 1 248 ? 1.791   7.881   -11.945 1.00 26.00 ? 248 GLY A C   1 
ATOM   1436 O  O   . GLY A 1 248 ? 0.965   8.292   -12.757 1.00 25.35 ? 248 GLY A O   1 
ATOM   1437 N  N   . GLU A 1 249 ? 2.221   6.627   -11.931 1.00 26.27 ? 249 GLU A N   1 
ATOM   1438 C  CA  . GLU A 1 249 ? 1.769   5.667   -12.927 1.00 27.99 ? 249 GLU A CA  1 
ATOM   1439 C  C   . GLU A 1 249 ? 0.988   4.497   -12.344 1.00 26.25 ? 249 GLU A C   1 
ATOM   1440 O  O   . GLU A 1 249 ? 1.074   4.201   -11.152 1.00 25.81 ? 249 GLU A O   1 
ATOM   1441 C  CB  . GLU A 1 249 ? 2.980   5.160   -13.709 1.00 32.51 ? 249 GLU A CB  1 
ATOM   1442 C  CG  . GLU A 1 249 ? 3.705   6.293   -14.422 1.00 41.39 ? 249 GLU A CG  1 
ATOM   1443 C  CD  . GLU A 1 249 ? 5.159   5.992   -14.710 1.00 46.20 ? 249 GLU A CD  1 
ATOM   1444 O  OE1 . GLU A 1 249 ? 5.924   5.757   -13.749 1.00 47.92 ? 249 GLU A OE1 1 
ATOM   1445 O  OE2 . GLU A 1 249 ? 5.535   5.998   -15.901 1.00 50.38 ? 249 GLU A OE2 1 
ATOM   1446 N  N   . VAL A 1 250 ? 0.212   3.848   -13.205 1.00 24.91 ? 250 VAL A N   1 
ATOM   1447 C  CA  . VAL A 1 250 ? -0.595  2.700   -12.824 1.00 26.14 ? 250 VAL A CA  1 
ATOM   1448 C  C   . VAL A 1 250 ? -0.029  1.500   -13.573 1.00 28.51 ? 250 VAL A C   1 
ATOM   1449 O  O   . VAL A 1 250 ? 0.104   1.531   -14.795 1.00 29.17 ? 250 VAL A O   1 
ATOM   1450 C  CB  . VAL A 1 250 ? -2.080  2.902   -13.227 1.00 24.38 ? 250 VAL A CB  1 
ATOM   1451 C  CG1 . VAL A 1 250 ? -2.913  1.691   -12.822 1.00 21.95 ? 250 VAL A CG1 1 
ATOM   1452 C  CG2 . VAL A 1 250 ? -2.630  4.156   -12.561 1.00 21.99 ? 250 VAL A CG2 1 
ATOM   1453 N  N   . ILE A 1 251 ? 0.318   0.449   -12.842 1.00 29.79 ? 251 ILE A N   1 
ATOM   1454 C  CA  . ILE A 1 251 ? 0.873   -0.747  -13.460 1.00 30.77 ? 251 ILE A CA  1 
ATOM   1455 C  C   . ILE A 1 251 ? -0.048  -1.943  -13.273 1.00 31.43 ? 251 ILE A C   1 
ATOM   1456 O  O   . ILE A 1 251 ? -0.378  -2.314  -12.145 1.00 29.24 ? 251 ILE A O   1 
ATOM   1457 C  CB  . ILE A 1 251 ? 2.264   -1.088  -12.868 1.00 32.03 ? 251 ILE A CB  1 
ATOM   1458 C  CG1 . ILE A 1 251 ? 3.271   0.001   -13.254 1.00 31.62 ? 251 ILE A CG1 1 
ATOM   1459 C  CG2 . ILE A 1 251 ? 2.733   -2.458  -13.373 1.00 30.86 ? 251 ILE A CG2 1 
ATOM   1460 C  CD1 . ILE A 1 251 ? 4.631   -0.166  -12.601 1.00 33.01 ? 251 ILE A CD1 1 
ATOM   1461 N  N   . ARG A 1 252 ? -0.461  -2.545  -14.383 1.00 33.28 ? 252 ARG A N   1 
ATOM   1462 C  CA  . ARG A 1 252 ? -1.335  -3.707  -14.318 1.00 37.47 ? 252 ARG A CA  1 
ATOM   1463 C  C   . ARG A 1 252 ? -0.552  -4.978  -14.035 1.00 38.45 ? 252 ARG A C   1 
ATOM   1464 O  O   . ARG A 1 252 ? 0.496   -5.224  -14.628 1.00 37.27 ? 252 ARG A O   1 
ATOM   1465 C  CB  . ARG A 1 252 ? -2.117  -3.871  -15.622 1.00 38.85 ? 252 ARG A CB  1 
ATOM   1466 C  CG  . ARG A 1 252 ? -3.250  -2.875  -15.792 1.00 43.60 ? 252 ARG A CG  1 
ATOM   1467 C  CD  . ARG A 1 252 ? -4.045  -3.154  -17.060 1.00 46.11 ? 252 ARG A CD  1 
ATOM   1468 N  NE  . ARG A 1 252 ? -5.123  -2.188  -17.246 1.00 47.30 ? 252 ARG A NE  1 
ATOM   1469 C  CZ  . ARG A 1 252 ? -5.982  -2.208  -18.260 1.00 47.94 ? 252 ARG A CZ  1 
ATOM   1470 N  NH1 . ARG A 1 252 ? -5.895  -3.148  -19.193 1.00 47.43 ? 252 ARG A NH1 1 
ATOM   1471 N  NH2 . ARG A 1 252 ? -6.933  -1.285  -18.338 1.00 48.20 ? 252 ARG A NH2 1 
ATOM   1472 N  N   . LEU A 1 253 ? -1.065  -5.783  -13.114 1.00 40.53 ? 253 LEU A N   1 
ATOM   1473 C  CA  . LEU A 1 253 ? -0.413  -7.034  -12.778 1.00 43.89 ? 253 LEU A CA  1 
ATOM   1474 C  C   . LEU A 1 253 ? -1.060  -8.119  -13.638 1.00 45.68 ? 253 LEU A C   1 
ATOM   1475 O  O   . LEU A 1 253 ? -0.388  -8.615  -14.568 1.00 47.89 ? 253 LEU A O   1 
ATOM   1476 C  CB  . LEU A 1 253 ? -0.610  -7.346  -11.294 1.00 43.99 ? 253 LEU A CB  1 
ATOM   1477 C  CG  . LEU A 1 253 ? 0.329   -8.386  -10.682 1.00 46.01 ? 253 LEU A CG  1 
ATOM   1478 C  CD1 . LEU A 1 253 ? 0.030   -8.513  -9.202  1.00 47.00 ? 253 LEU A CD1 1 
ATOM   1479 C  CD2 . LEU A 1 253 ? 0.165   -9.727  -11.377 1.00 48.42 ? 253 LEU A CD2 1 
HETATM 1480 NA NA  . NA  B 2 .   ? -11.556 8.927   13.091  0.50 3.96  ? 301 NA  A NA  1 
HETATM 1481 NA NA  . NA  C 2 .   ? -5.166  -8.320  3.753   1.00 29.73 ? 302 NA  A NA  1 
HETATM 1482 CL CL  . CL  D 3 .   ? -9.606  1.829   -8.583  1.00 20.30 ? 303 CL  A CL  1 
HETATM 1483 O  O   . HOH E 4 .   ? -5.940  -9.626  -0.261  1.00 19.04 ? 501 HOH A O   1 
HETATM 1484 O  O   . HOH E 4 .   ? -6.829  -0.190  -14.724 1.00 29.95 ? 502 HOH A O   1 
HETATM 1485 O  O   . HOH E 4 .   ? -12.986 -2.190  -0.497  1.00 27.73 ? 503 HOH A O   1 
HETATM 1486 O  O   . HOH E 4 .   ? 11.735  -9.718  11.602  1.00 35.65 ? 504 HOH A O   1 
HETATM 1487 O  O   . HOH E 4 .   ? -10.918 -5.228  -4.799  1.00 25.87 ? 505 HOH A O   1 
HETATM 1488 O  O   . HOH E 4 .   ? 3.237   -6.179  17.564  1.00 34.07 ? 506 HOH A O   1 
HETATM 1489 O  O   . HOH E 4 .   ? -24.607 -8.200  -14.360 1.00 43.51 ? 507 HOH A O   1 
HETATM 1490 O  O   . HOH E 4 .   ? -3.549  -12.846 16.528  1.00 33.75 ? 508 HOH A O   1 
HETATM 1491 O  O   . HOH E 4 .   ? 8.241   -11.190 17.150  1.00 27.54 ? 509 HOH A O   1 
HETATM 1492 O  O   . HOH E 4 .   ? 13.934  -7.415  7.879   1.00 33.24 ? 510 HOH A O   1 
HETATM 1493 O  O   . HOH E 4 .   ? 8.444   -7.887  17.660  1.00 36.48 ? 511 HOH A O   1 
HETATM 1494 O  O   . HOH E 4 .   ? -6.916  11.949  -13.335 1.00 36.89 ? 512 HOH A O   1 
HETATM 1495 O  O   . HOH E 4 .   ? -7.512  -3.939  7.230   1.00 40.87 ? 514 HOH A O   1 
HETATM 1496 O  O   . HOH E 4 .   ? 2.520   -9.240  17.375  1.00 44.66 ? 515 HOH A O   1 
HETATM 1497 O  O   . HOH E 4 .   ? -4.548  -7.432  -18.894 1.00 34.79 ? 516 HOH A O   1 
HETATM 1498 O  O   . HOH E 4 .   ? -4.531  -10.565 -16.533 1.00 39.53 ? 517 HOH A O   1 
HETATM 1499 O  O   . HOH E 4 .   ? -8.643  11.769  6.574   1.00 53.32 ? 518 HOH A O   1 
HETATM 1500 O  O   . HOH E 4 .   ? 5.726   -12.991 -0.452  1.00 42.20 ? 519 HOH A O   1 
HETATM 1501 O  O   . HOH E 4 .   ? -1.462  7.474   -13.771 1.00 31.04 ? 520 HOH A O   1 
HETATM 1502 O  O   . HOH E 4 .   ? -9.321  -9.459  -13.926 1.00 43.97 ? 521 HOH A O   1 
HETATM 1503 O  O   . HOH E 4 .   ? -6.153  -8.534  5.945   1.00 32.91 ? 522 HOH A O   1 
HETATM 1504 O  O   . HOH E 4 .   ? -12.113 -9.855  -14.913 1.00 39.46 ? 523 HOH A O   1 
HETATM 1505 O  O   . HOH E 4 .   ? -11.758 -12.447 -16.285 1.00 44.90 ? 524 HOH A O   1 
HETATM 1506 O  O   . HOH E 4 .   ? 8.704   9.390   9.140   1.00 37.36 ? 525 HOH A O   1 
HETATM 1507 O  O   . HOH E 4 .   ? -18.092 -0.584  1.331   1.00 49.44 ? 526 HOH A O   1 
HETATM 1508 O  O   . HOH E 4 .   ? 0.125   5.197   -15.855 1.00 39.59 ? 527 HOH A O   1 
HETATM 1509 O  O   . HOH E 4 .   ? -10.955 2.246   -14.598 1.00 51.41 ? 528 HOH A O   1 
HETATM 1510 O  O   . HOH E 4 .   ? -1.288  -14.500 1.672   1.00 48.86 ? 529 HOH A O   1 
HETATM 1511 O  O   . HOH E 4 .   ? -13.142 -4.757  -27.960 1.00 52.66 ? 530 HOH A O   1 
HETATM 1512 O  O   . HOH E 4 .   ? -14.654 3.624   -7.136  1.00 53.29 ? 531 HOH A O   1 
HETATM 1513 O  O   . HOH E 4 .   ? 7.089   8.822   -14.545 1.00 53.98 ? 532 HOH A O   1 
HETATM 1514 O  O   . HOH E 4 .   ? -27.520 -1.091  -7.711  1.00 46.53 ? 533 HOH A O   1 
HETATM 1515 O  O   . HOH E 4 .   ? -0.040  4.937   19.408  1.00 52.81 ? 534 HOH A O   1 
HETATM 1516 O  O   . HOH E 4 .   ? -5.522  9.882   17.338  1.00 48.60 ? 535 HOH A O   1 
HETATM 1517 O  O   . HOH E 4 .   ? 4.243   -7.596  -13.620 1.00 63.84 ? 536 HOH A O   1 
HETATM 1518 O  O   . HOH E 4 .   ? -6.568  15.718  11.474  1.00 59.05 ? 537 HOH A O   1 
HETATM 1519 O  O   . HOH E 4 .   ? 18.338  11.092  9.273   1.00 69.45 ? 538 HOH A O   1 
HETATM 1520 O  O   . HOH E 4 .   ? -13.856 1.409   13.484  1.00 48.28 ? 539 HOH A O   1 
HETATM 1521 O  O   . HOH E 4 .   ? 17.653  2.590   8.518   1.00 57.45 ? 540 HOH A O   1 
HETATM 1522 O  O   . HOH E 4 .   ? -4.495  -13.697 9.613   1.00 42.71 ? 541 HOH A O   1 
HETATM 1523 O  O   . HOH E 4 .   ? -19.924 -1.245  -22.007 1.00 64.42 ? 542 HOH A O   1 
HETATM 1524 O  O   . HOH E 4 .   ? -11.405 9.294   9.201   0.50 14.98 ? 543 HOH A O   1 
HETATM 1525 O  O   . HOH E 4 .   ? 5.562   12.797  -6.405  1.00 18.61 ? 544 HOH A O   1 
HETATM 1526 O  O   . HOH E 4 .   ? -4.293  -7.589  1.692   1.00 23.74 ? 545 HOH A O   1 
HETATM 1527 O  O   . HOH E 4 .   ? -8.882  -5.405  4.996   1.00 15.01 ? 546 HOH A O   1 
HETATM 1528 O  O   . HOH E 4 .   ? 7.222   -9.177  15.319  1.00 26.01 ? 547 HOH A O   1 
HETATM 1529 O  O   . HOH E 4 .   ? -6.263  -0.330  0.728   1.00 19.42 ? 548 HOH A O   1 
HETATM 1530 O  O   . HOH E 4 .   ? -5.256  1.252   -2.619  1.00 16.70 ? 549 HOH A O   1 
HETATM 1531 O  O   . HOH E 4 .   ? -8.274  -1.622  8.990   1.00 25.17 ? 550 HOH A O   1 
HETATM 1532 O  O   . HOH E 4 .   ? -5.239  -10.055 15.859  1.00 28.84 ? 551 HOH A O   1 
HETATM 1533 O  O   . HOH E 4 .   ? -18.657 -5.823  -17.306 1.00 32.95 ? 552 HOH A O   1 
HETATM 1534 O  O   . HOH E 4 .   ? -14.402 -5.560  -15.179 1.00 30.39 ? 553 HOH A O   1 
HETATM 1535 O  O   . HOH E 4 .   ? -3.957  8.564   -12.498 1.00 23.32 ? 554 HOH A O   1 
HETATM 1536 O  O   . HOH E 4 .   ? -5.333  1.347   3.020   1.00 17.25 ? 555 HOH A O   1 
HETATM 1537 O  O   . HOH E 4 .   ? 14.931  9.927   6.234   1.00 21.91 ? 556 HOH A O   1 
HETATM 1538 O  O   . HOH E 4 .   ? -15.636 -2.410  1.276   1.00 35.88 ? 557 HOH A O   1 
HETATM 1539 O  O   . HOH E 4 .   ? -13.749 -10.512 -12.489 1.00 29.60 ? 558 HOH A O   1 
HETATM 1540 O  O   . HOH E 4 .   ? -9.409  -10.073 -10.980 1.00 57.51 ? 559 HOH A O   1 
HETATM 1541 O  O   . HOH E 4 .   ? -6.762  -10.005 2.699   1.00 47.96 ? 560 HOH A O   1 
HETATM 1542 O  O   . HOH E 4 .   ? 15.373  1.369   10.200  1.00 54.27 ? 561 HOH A O   1 
HETATM 1543 O  O   . HOH E 4 .   ? 18.714  8.196   7.947   1.00 58.54 ? 562 HOH A O   1 
HETATM 1544 O  O   . HOH E 4 .   ? -4.246  1.028   -16.431 1.00 59.49 ? 563 HOH A O   1 
HETATM 1545 O  O   . HOH E 4 .   ? -9.111  -7.678  8.236   1.00 48.77 ? 564 HOH A O   1 
HETATM 1546 O  O   . HOH E 4 .   ? 20.832  8.199   -0.728  1.00 46.76 ? 565 HOH A O   1 
HETATM 1547 O  O   . HOH E 4 .   ? 14.869  11.282  8.797   1.00 35.55 ? 566 HOH A O   1 
HETATM 1548 O  O   . HOH E 4 .   ? 14.127  0.953   12.885  1.00 32.11 ? 567 HOH A O   1 
HETATM 1549 O  O   . HOH E 4 .   ? 5.333   -8.575  17.294  1.00 38.19 ? 568 HOH A O   1 
HETATM 1550 O  O   . HOH E 4 .   ? -7.640  -3.042  -15.145 1.00 38.81 ? 569 HOH A O   1 
HETATM 1551 O  O   . HOH E 4 .   ? -11.623 3.010   -6.574  1.00 35.67 ? 570 HOH A O   1 
HETATM 1552 O  O   . HOH E 4 .   ? -11.959 1.771   15.803  1.00 47.21 ? 571 HOH A O   1 
HETATM 1553 O  O   . HOH E 4 .   ? -7.837  -5.695  -5.738  1.00 55.91 ? 572 HOH A O   1 
HETATM 1554 O  O   . HOH E 4 .   ? -10.650 -9.230  10.541  1.00 51.26 ? 573 HOH A O   1 
HETATM 1555 O  O   . HOH E 4 .   ? -1.855  -17.090 -7.135  1.00 61.43 ? 574 HOH A O   1 
HETATM 1556 O  O   . HOH E 4 .   ? 13.998  -3.294  12.415  1.00 55.57 ? 575 HOH A O   1 
HETATM 1557 O  O   . HOH E 4 .   ? -4.948  2.620   15.973  1.00 44.63 ? 576 HOH A O   1 
HETATM 1558 O  O   . HOH E 4 .   ? -11.604 1.825   -20.281 1.00 55.38 ? 577 HOH A O   1 
HETATM 1559 O  O   . HOH E 4 .   ? -14.048 1.817   -4.786  1.00 58.37 ? 578 HOH A O   1 
HETATM 1560 O  O   . HOH E 4 .   ? -10.430 -9.735  0.162   1.00 62.67 ? 579 HOH A O   1 
HETATM 1561 O  O   . HOH E 4 .   ? -11.656 -1.433  15.569  1.00 49.88 ? 580 HOH A O   1 
HETATM 1562 O  O   . HOH E 4 .   ? 1.033   -3.596  18.949  1.00 58.51 ? 581 HOH A O   1 
HETATM 1563 O  O   . HOH E 4 .   ? -2.294  0.908   16.703  1.00 52.14 ? 582 HOH A O   1 
HETATM 1564 O  O   . HOH E 4 .   ? 7.416   -13.010 -2.915  1.00 49.04 ? 583 HOH A O   1 
HETATM 1565 O  O   . HOH E 4 .   ? -17.574 -3.997  -5.193  1.00 54.62 ? 584 HOH A O   1 
HETATM 1566 O  O   . HOH E 4 .   ? -20.675 -1.025  4.737   1.00 49.62 ? 585 HOH A O   1 
HETATM 1567 O  O   . HOH E 4 .   ? 11.829  -1.981  17.701  1.00 60.02 ? 586 HOH A O   1 
HETATM 1568 O  O   . HOH E 4 .   ? 5.846   -6.320  19.381  1.00 62.41 ? 587 HOH A O   1 
HETATM 1569 O  O   . HOH E 4 .   ? -1.250  7.725   20.077  1.00 58.92 ? 588 HOH A O   1 
HETATM 1570 O  O   . HOH E 4 .   ? 20.219  0.515   7.957   1.00 59.44 ? 589 HOH A O   1 
HETATM 1571 O  O   . HOH E 4 .   ? 3.781   -15.478 -0.393  1.00 62.32 ? 590 HOH A O   1 
HETATM 1572 O  O   . HOH E 4 .   ? 14.699  -10.525 10.762  1.00 70.75 ? 591 HOH A O   1 
HETATM 1573 O  O   . HOH E 4 .   ? 12.063  17.303  9.867   1.00 63.73 ? 592 HOH A O   1 
HETATM 1574 O  O   . HOH E 4 .   ? 3.044   13.804  13.638  1.00 59.32 ? 593 HOH A O   1 
HETATM 1575 O  O   . HOH E 4 .   ? -6.549  -9.872  -12.463 1.00 63.38 ? 594 HOH A O   1 
HETATM 1576 O  O   . HOH E 4 .   ? 1.712   -15.113 1.951   1.00 54.04 ? 595 HOH A O   1 
HETATM 1577 O  O   . HOH E 4 .   ? -10.685 6.498   -13.831 1.00 52.00 ? 596 HOH A O   1 
HETATM 1578 O  O   . HOH E 4 .   ? -9.211  -15.644 -14.709 1.00 55.65 ? 597 HOH A O   1 
HETATM 1579 O  O   . HOH E 4 .   ? 0.265   12.967  9.768   1.00 43.19 ? 598 HOH A O   1 
HETATM 1580 O  O   . HOH E 4 .   ? 14.224  14.022  -8.171  1.00 61.76 ? 599 HOH A O   1 
HETATM 1581 O  O   . HOH E 4 .   ? 13.385  -1.827  -9.234  1.00 49.10 ? 600 HOH A O   1 
HETATM 1582 O  O   . HOH E 4 .   ? -13.548 -6.052  -1.611  1.00 59.16 ? 601 HOH A O   1 
HETATM 1583 O  O   . HOH E 4 .   ? -7.443  -6.854  2.543   1.00 47.10 ? 602 HOH A O   1 
HETATM 1584 O  O   . HOH E 4 .   ? 16.306  6.380   5.815   1.00 58.78 ? 603 HOH A O   1 
HETATM 1585 O  O   . HOH E 4 .   ? -15.608 3.815   14.266  1.00 49.93 ? 604 HOH A O   1 
HETATM 1586 O  O   . HOH E 4 .   ? -5.579  -8.575  18.545  1.00 63.29 ? 605 HOH A O   1 
HETATM 1587 O  O   . HOH E 4 .   ? -8.256  18.424  10.360  1.00 47.89 ? 606 HOH A O   1 
HETATM 1588 O  O   . HOH E 4 .   ? 14.836  -2.897  8.501   1.00 58.10 ? 607 HOH A O   1 
HETATM 1589 O  O   . HOH E 4 .   ? -7.766  5.672   17.957  1.00 45.88 ? 608 HOH A O   1 
HETATM 1590 O  O   . HOH E 4 .   ? 2.883   5.046   20.519  1.00 55.15 ? 609 HOH A O   1 
HETATM 1591 O  O   . HOH E 4 .   ? 5.344   8.237   18.307  1.00 62.04 ? 610 HOH A O   1 
HETATM 1592 O  O   . HOH E 4 .   ? 2.375   -10.047 20.438  1.00 59.37 ? 611 HOH A O   1 
HETATM 1593 O  O   . HOH E 4 .   ? 18.334  -4.480  8.014   1.00 60.80 ? 612 HOH A O   1 
HETATM 1594 O  O   . HOH E 4 .   ? -10.024 2.425   18.182  1.00 67.12 ? 613 HOH A O   1 
HETATM 1595 O  O   . HOH E 4 .   ? -9.637  -10.342 22.019  1.00 68.64 ? 614 HOH A O   1 
HETATM 1596 O  O   . HOH E 4 .   ? -5.896  20.494  6.234   1.00 56.16 ? 615 HOH A O   1 
HETATM 1597 O  O   . HOH E 4 .   ? -13.880 -3.479  -3.425  1.00 57.25 ? 616 HOH A O   1 
HETATM 1598 O  O   . HOH E 4 .   ? 12.010  11.032  10.015  1.00 32.70 ? 617 HOH A O   1 
HETATM 1599 O  O   . HOH E 4 .   ? 17.146  6.205   2.923   1.00 53.89 ? 618 HOH A O   1 
HETATM 1600 O  O   . HOH E 4 .   ? 9.981   -5.280  17.717  1.00 63.81 ? 619 HOH A O   1 
# 
